data_2F3A
# 
_entry.id   2F3A 
# 
_audit_conform.dict_name       mmcif_pdbx.dic 
_audit_conform.dict_version    5.399 
_audit_conform.dict_location   http://mmcif.pdb.org/dictionaries/ascii/mmcif_pdbx.dic 
# 
loop_
_database_2.database_id 
_database_2.database_code 
_database_2.pdbx_database_accession 
_database_2.pdbx_DOI 
PDB   2F3A         pdb_00002f3a 10.2210/pdb2f3a/pdb 
RCSB  RCSB035399   ?            ?                   
WWPDB D_1000035399 ?            ?                   
# 
loop_
_pdbx_audit_revision_history.ordinal 
_pdbx_audit_revision_history.data_content_type 
_pdbx_audit_revision_history.major_revision 
_pdbx_audit_revision_history.minor_revision 
_pdbx_audit_revision_history.revision_date 
1 'Structure model' 1 0 2006-10-17 
2 'Structure model' 1 1 2008-05-01 
3 'Structure model' 1 2 2011-07-13 
4 'Structure model' 1 3 2020-06-24 
5 'Structure model' 1 4 2024-11-20 
# 
_pdbx_audit_revision_details.ordinal             1 
_pdbx_audit_revision_details.revision_ordinal    1 
_pdbx_audit_revision_details.data_content_type   'Structure model' 
_pdbx_audit_revision_details.provider            repository 
_pdbx_audit_revision_details.type                'Initial release' 
_pdbx_audit_revision_details.description         ? 
_pdbx_audit_revision_details.details             ? 
# 
loop_
_pdbx_audit_revision_group.ordinal 
_pdbx_audit_revision_group.revision_ordinal 
_pdbx_audit_revision_group.data_content_type 
_pdbx_audit_revision_group.group 
1 2 'Structure model' 'Version format compliance' 
2 3 'Structure model' 'Version format compliance' 
3 4 'Structure model' 'Database references'       
4 4 'Structure model' 'Derived calculations'      
5 4 'Structure model' 'Source and taxonomy'       
6 5 'Structure model' 'Data collection'           
7 5 'Structure model' 'Database references'       
8 5 'Structure model' 'Derived calculations'      
9 5 'Structure model' 'Structure summary'         
# 
loop_
_pdbx_audit_revision_category.ordinal 
_pdbx_audit_revision_category.revision_ordinal 
_pdbx_audit_revision_category.data_content_type 
_pdbx_audit_revision_category.category 
1  4 'Structure model' pdbx_entity_src_syn       
2  4 'Structure model' pdbx_struct_assembly      
3  4 'Structure model' pdbx_struct_oper_list     
4  4 'Structure model' struct_conn               
5  4 'Structure model' struct_ref                
6  4 'Structure model' struct_ref_seq            
7  5 'Structure model' chem_comp_atom            
8  5 'Structure model' chem_comp_bond            
9  5 'Structure model' database_2                
10 5 'Structure model' pdbx_entry_details        
11 5 'Structure model' pdbx_modification_feature 
12 5 'Structure model' struct_site               
# 
loop_
_pdbx_audit_revision_item.ordinal 
_pdbx_audit_revision_item.revision_ordinal 
_pdbx_audit_revision_item.data_content_type 
_pdbx_audit_revision_item.item 
1  4 'Structure model' '_pdbx_entity_src_syn.ncbi_taxonomy_id'    
2  4 'Structure model' '_pdbx_entity_src_syn.organism_scientific' 
3  4 'Structure model' '_pdbx_entity_src_syn.pdbx_beg_seq_num'    
4  4 'Structure model' '_pdbx_entity_src_syn.pdbx_end_seq_num'    
5  4 'Structure model' '_struct_conn.pdbx_leaving_atom_flag'      
6  5 'Structure model' '_database_2.pdbx_DOI'                     
7  5 'Structure model' '_database_2.pdbx_database_accession'      
8  5 'Structure model' '_struct_site.pdbx_auth_asym_id'           
9  5 'Structure model' '_struct_site.pdbx_auth_comp_id'           
10 5 'Structure model' '_struct_site.pdbx_auth_seq_id'            
# 
_pdbx_database_status.status_code                     REL 
_pdbx_database_status.entry_id                        2F3A 
_pdbx_database_status.recvd_initial_deposition_date   2005-11-19 
_pdbx_database_status.deposit_site                    RCSB 
_pdbx_database_status.process_site                    RCSB 
_pdbx_database_status.status_code_sf                  ? 
_pdbx_database_status.status_code_mr                  REL 
_pdbx_database_status.SG_entry                        ? 
_pdbx_database_status.pdb_format_compatible           Y 
_pdbx_database_status.status_code_cs                  ? 
_pdbx_database_status.status_code_nmr_data            ? 
_pdbx_database_status.methods_development_category    ? 
# 
_pdbx_database_related.db_name        PDB 
_pdbx_database_related.db_id          1VM5 
_pdbx_database_related.details        'Structure of aurein 1.2 in SDS micelles' 
_pdbx_database_related.content_type   unspecified 
# 
loop_
_audit_author.name 
_audit_author.pdbx_ordinal 
'Wang, G.'        1 
'Li, X.'          2 
'Peterkofsky, A.' 3 
# 
_citation.id                        primary 
_citation.title                     'NMR studies of aurein 1.2 analogs' 
_citation.journal_abbrev            BIOCHIM.BIOPHYS.ACTA 
_citation.journal_volume            1758 
_citation.page_first                1203 
_citation.page_last                 1214 
_citation.year                      2006 
_citation.journal_id_ASTM           BBACAQ 
_citation.country                   NE 
_citation.journal_id_ISSN           0006-3002 
_citation.journal_id_CSD            0113 
_citation.book_publisher            ? 
_citation.pdbx_database_id_PubMed   16716252 
_citation.pdbx_database_id_DOI      10.1016/j.bbamem.2006.03.032 
# 
loop_
_citation_author.citation_id 
_citation_author.name 
_citation_author.ordinal 
_citation_author.identifier_ORCID 
primary 'Li, X.'          1 ? 
primary 'Li, Y.'          2 ? 
primary 'Peterkofsky, A.' 3 ? 
primary 'Wang, G.'        4 ? 
# 
_entity.id                         1 
_entity.type                       polymer 
_entity.src_method                 syn 
_entity.pdbx_description           'aurein 1.2 analog' 
_entity.formula_weight             1722.132 
_entity.pdbx_number_of_molecules   1 
_entity.pdbx_ec                    ? 
_entity.pdbx_mutation              ? 
_entity.pdbx_fragment              ? 
_entity.details                    ? 
# 
_entity_poly.entity_id                      1 
_entity_poly.type                           'polypeptide(L)' 
_entity_poly.nstd_linkage                   no 
_entity_poly.nstd_monomer                   yes 
_entity_poly.pdbx_seq_one_letter_code       'RLFDKIRQVIRKF(NH2)' 
_entity_poly.pdbx_seq_one_letter_code_can   RLFDKIRQVIRKFX 
_entity_poly.pdbx_strand_id                 A 
_entity_poly.pdbx_target_identifier         ? 
# 
loop_
_entity_poly_seq.entity_id 
_entity_poly_seq.num 
_entity_poly_seq.mon_id 
_entity_poly_seq.hetero 
1 1  ARG n 
1 2  LEU n 
1 3  PHE n 
1 4  ASP n 
1 5  LYS n 
1 6  ILE n 
1 7  ARG n 
1 8  GLN n 
1 9  VAL n 
1 10 ILE n 
1 11 ARG n 
1 12 LYS n 
1 13 PHE n 
1 14 NH2 n 
# 
_pdbx_entity_src_syn.entity_id              1 
_pdbx_entity_src_syn.pdbx_src_id            1 
_pdbx_entity_src_syn.pdbx_alt_source_flag   sample 
_pdbx_entity_src_syn.pdbx_beg_seq_num       1 
_pdbx_entity_src_syn.pdbx_end_seq_num       14 
_pdbx_entity_src_syn.organism_scientific    'synthetic construct' 
_pdbx_entity_src_syn.organism_common_name   ? 
_pdbx_entity_src_syn.ncbi_taxonomy_id       32630 
_pdbx_entity_src_syn.details                'chemical synthesis with C-terminal amidation' 
# 
loop_
_chem_comp.id 
_chem_comp.type 
_chem_comp.mon_nstd_flag 
_chem_comp.name 
_chem_comp.pdbx_synonyms 
_chem_comp.formula 
_chem_comp.formula_weight 
ARG 'L-peptide linking' y ARGININE        ? 'C6 H15 N4 O2 1' 175.209 
ASP 'L-peptide linking' y 'ASPARTIC ACID' ? 'C4 H7 N O4'     133.103 
GLN 'L-peptide linking' y GLUTAMINE       ? 'C5 H10 N2 O3'   146.144 
ILE 'L-peptide linking' y ISOLEUCINE      ? 'C6 H13 N O2'    131.173 
LEU 'L-peptide linking' y LEUCINE         ? 'C6 H13 N O2'    131.173 
LYS 'L-peptide linking' y LYSINE          ? 'C6 H15 N2 O2 1' 147.195 
NH2 non-polymer         . 'AMINO GROUP'   ? 'H2 N'           16.023  
PHE 'L-peptide linking' y PHENYLALANINE   ? 'C9 H11 N O2'    165.189 
VAL 'L-peptide linking' y VALINE          ? 'C5 H11 N O2'    117.146 
# 
loop_
_pdbx_poly_seq_scheme.asym_id 
_pdbx_poly_seq_scheme.entity_id 
_pdbx_poly_seq_scheme.seq_id 
_pdbx_poly_seq_scheme.mon_id 
_pdbx_poly_seq_scheme.ndb_seq_num 
_pdbx_poly_seq_scheme.pdb_seq_num 
_pdbx_poly_seq_scheme.auth_seq_num 
_pdbx_poly_seq_scheme.pdb_mon_id 
_pdbx_poly_seq_scheme.auth_mon_id 
_pdbx_poly_seq_scheme.pdb_strand_id 
_pdbx_poly_seq_scheme.pdb_ins_code 
_pdbx_poly_seq_scheme.hetero 
A 1 1  ARG 1  1  1  ARG ARG A . n 
A 1 2  LEU 2  2  2  LEU LEU A . n 
A 1 3  PHE 3  3  3  PHE PHE A . n 
A 1 4  ASP 4  4  4  ASP ASP A . n 
A 1 5  LYS 5  5  5  LYS LYS A . n 
A 1 6  ILE 6  6  6  ILE ILE A . n 
A 1 7  ARG 7  7  7  ARG ARG A . n 
A 1 8  GLN 8  8  8  GLN GLN A . n 
A 1 9  VAL 9  9  9  VAL VAL A . n 
A 1 10 ILE 10 10 10 ILE ILE A . n 
A 1 11 ARG 11 11 11 ARG ARG A . n 
A 1 12 LYS 12 12 12 LYS LYS A . n 
A 1 13 PHE 13 13 13 PHE PHE A . n 
A 1 14 NH2 14 14 14 NH2 NH2 A . n 
# 
_exptl.entry_id          2F3A 
_exptl.method            'SOLUTION NMR' 
_exptl.crystals_number   ? 
# 
_exptl_crystal.id                    1 
_exptl_crystal.density_meas          ? 
_exptl_crystal.density_Matthews      ? 
_exptl_crystal.density_percent_sol   ? 
_exptl_crystal.description           ? 
# 
_diffrn.id                     1 
_diffrn.ambient_temp           ? 
_diffrn.ambient_temp_details   ? 
_diffrn.crystal_id             1 
# 
_diffrn_radiation.diffrn_id                        1 
_diffrn_radiation.wavelength_id                    1 
_diffrn_radiation.monochromator                    ? 
_diffrn_radiation.pdbx_monochromatic_or_laue_m_l   M 
_diffrn_radiation.pdbx_diffrn_protocol             'SINGLE WAVELENGTH' 
_diffrn_radiation.pdbx_scattering_type             ? 
# 
_diffrn_radiation_wavelength.id           1 
_diffrn_radiation_wavelength.wavelength   . 
_diffrn_radiation_wavelength.wt           1.0 
# 
_struct.entry_id                  2F3A 
_struct.title                     'Solution structure of the LL-37-derived aurein 1.2 analog (LLAA) in membrane-mimetic micelles' 
_struct.pdbx_model_details        ? 
_struct.pdbx_CASP_flag            ? 
_struct.pdbx_model_type_details   ? 
# 
_struct_keywords.entry_id        2F3A 
_struct_keywords.pdbx_keywords   'ANTIMICROBIAL PROTEIN' 
_struct_keywords.text            'antimicrobial peptides; aurein 1.2; LL-37; LLAA, antimicrobial protein' 
# 
_struct_asym.id                            A 
_struct_asym.pdbx_blank_PDB_chainid_flag   N 
_struct_asym.pdbx_modified                 N 
_struct_asym.entity_id                     1 
_struct_asym.details                       ? 
# 
_struct_ref.id                         1 
_struct_ref.db_name                    PDB 
_struct_ref.db_code                    2F3A 
_struct_ref.pdbx_db_accession          2F3A 
_struct_ref.pdbx_db_isoform            ? 
_struct_ref.entity_id                  1 
_struct_ref.pdbx_seq_one_letter_code   ? 
_struct_ref.pdbx_align_begin           1 
# 
_struct_ref_seq.align_id                      1 
_struct_ref_seq.ref_id                        1 
_struct_ref_seq.pdbx_PDB_id_code              2F3A 
_struct_ref_seq.pdbx_strand_id                A 
_struct_ref_seq.seq_align_beg                 1 
_struct_ref_seq.pdbx_seq_align_beg_ins_code   ? 
_struct_ref_seq.seq_align_end                 14 
_struct_ref_seq.pdbx_seq_align_end_ins_code   ? 
_struct_ref_seq.pdbx_db_accession             2F3A 
_struct_ref_seq.db_align_beg                  1 
_struct_ref_seq.pdbx_db_align_beg_ins_code    ? 
_struct_ref_seq.db_align_end                  14 
_struct_ref_seq.pdbx_db_align_end_ins_code    ? 
_struct_ref_seq.pdbx_auth_seq_align_beg       1 
_struct_ref_seq.pdbx_auth_seq_align_end       14 
# 
_pdbx_struct_assembly.id                   1 
_pdbx_struct_assembly.details              author_defined_assembly 
_pdbx_struct_assembly.method_details       ? 
_pdbx_struct_assembly.oligomeric_details   monomeric 
_pdbx_struct_assembly.oligomeric_count     1 
# 
_pdbx_struct_assembly_gen.assembly_id       1 
_pdbx_struct_assembly_gen.oper_expression   1 
_pdbx_struct_assembly_gen.asym_id_list      A 
# 
_pdbx_struct_oper_list.id                   1 
_pdbx_struct_oper_list.type                 'identity operation' 
_pdbx_struct_oper_list.name                 1_555 
_pdbx_struct_oper_list.symmetry_operation   ? 
_pdbx_struct_oper_list.matrix[1][1]         1.0000000000 
_pdbx_struct_oper_list.matrix[1][2]         0.0000000000 
_pdbx_struct_oper_list.matrix[1][3]         0.0000000000 
_pdbx_struct_oper_list.vector[1]            0.0000000000 
_pdbx_struct_oper_list.matrix[2][1]         0.0000000000 
_pdbx_struct_oper_list.matrix[2][2]         1.0000000000 
_pdbx_struct_oper_list.matrix[2][3]         0.0000000000 
_pdbx_struct_oper_list.vector[2]            0.0000000000 
_pdbx_struct_oper_list.matrix[3][1]         0.0000000000 
_pdbx_struct_oper_list.matrix[3][2]         0.0000000000 
_pdbx_struct_oper_list.matrix[3][3]         1.0000000000 
_pdbx_struct_oper_list.vector[3]            0.0000000000 
# 
_struct_conf.conf_type_id            HELX_P 
_struct_conf.id                      HELX_P1 
_struct_conf.pdbx_PDB_helix_id       1 
_struct_conf.beg_label_comp_id       PHE 
_struct_conf.beg_label_asym_id       A 
_struct_conf.beg_label_seq_id        3 
_struct_conf.pdbx_beg_PDB_ins_code   ? 
_struct_conf.end_label_comp_id       PHE 
_struct_conf.end_label_asym_id       A 
_struct_conf.end_label_seq_id        13 
_struct_conf.pdbx_end_PDB_ins_code   ? 
_struct_conf.beg_auth_comp_id        PHE 
_struct_conf.beg_auth_asym_id        A 
_struct_conf.beg_auth_seq_id         3 
_struct_conf.end_auth_comp_id        PHE 
_struct_conf.end_auth_asym_id        A 
_struct_conf.end_auth_seq_id         13 
_struct_conf.pdbx_PDB_helix_class    1 
_struct_conf.details                 ? 
_struct_conf.pdbx_PDB_helix_length   11 
# 
_struct_conf_type.id          HELX_P 
_struct_conf_type.criteria    ? 
_struct_conf_type.reference   ? 
# 
_struct_conn.id                            covale1 
_struct_conn.conn_type_id                  covale 
_struct_conn.pdbx_leaving_atom_flag        both 
_struct_conn.pdbx_PDB_id                   ? 
_struct_conn.ptnr1_label_asym_id           A 
_struct_conn.ptnr1_label_comp_id           PHE 
_struct_conn.ptnr1_label_seq_id            13 
_struct_conn.ptnr1_label_atom_id           C 
_struct_conn.pdbx_ptnr1_label_alt_id       ? 
_struct_conn.pdbx_ptnr1_PDB_ins_code       ? 
_struct_conn.pdbx_ptnr1_standard_comp_id   ? 
_struct_conn.ptnr1_symmetry                1_555 
_struct_conn.ptnr2_label_asym_id           A 
_struct_conn.ptnr2_label_comp_id           NH2 
_struct_conn.ptnr2_label_seq_id            14 
_struct_conn.ptnr2_label_atom_id           N 
_struct_conn.pdbx_ptnr2_label_alt_id       ? 
_struct_conn.pdbx_ptnr2_PDB_ins_code       ? 
_struct_conn.ptnr1_auth_asym_id            A 
_struct_conn.ptnr1_auth_comp_id            PHE 
_struct_conn.ptnr1_auth_seq_id             13 
_struct_conn.ptnr2_auth_asym_id            A 
_struct_conn.ptnr2_auth_comp_id            NH2 
_struct_conn.ptnr2_auth_seq_id             14 
_struct_conn.ptnr2_symmetry                1_555 
_struct_conn.pdbx_ptnr3_label_atom_id      ? 
_struct_conn.pdbx_ptnr3_label_seq_id       ? 
_struct_conn.pdbx_ptnr3_label_comp_id      ? 
_struct_conn.pdbx_ptnr3_label_asym_id      ? 
_struct_conn.pdbx_ptnr3_label_alt_id       ? 
_struct_conn.pdbx_ptnr3_PDB_ins_code       ? 
_struct_conn.details                       ? 
_struct_conn.pdbx_dist_value               1.305 
_struct_conn.pdbx_value_order              ? 
_struct_conn.pdbx_role                     ? 
# 
_struct_conn_type.id          covale 
_struct_conn_type.criteria    ? 
_struct_conn_type.reference   ? 
# 
_pdbx_modification_feature.ordinal                            1 
_pdbx_modification_feature.label_comp_id                      NH2 
_pdbx_modification_feature.label_asym_id                      A 
_pdbx_modification_feature.label_seq_id                       14 
_pdbx_modification_feature.label_alt_id                       ? 
_pdbx_modification_feature.modified_residue_label_comp_id     PHE 
_pdbx_modification_feature.modified_residue_label_asym_id     A 
_pdbx_modification_feature.modified_residue_label_seq_id      13 
_pdbx_modification_feature.modified_residue_label_alt_id      ? 
_pdbx_modification_feature.auth_comp_id                       NH2 
_pdbx_modification_feature.auth_asym_id                       A 
_pdbx_modification_feature.auth_seq_id                        14 
_pdbx_modification_feature.PDB_ins_code                       ? 
_pdbx_modification_feature.symmetry                           1_555 
_pdbx_modification_feature.modified_residue_auth_comp_id      PHE 
_pdbx_modification_feature.modified_residue_auth_asym_id      A 
_pdbx_modification_feature.modified_residue_auth_seq_id       13 
_pdbx_modification_feature.modified_residue_PDB_ins_code      ? 
_pdbx_modification_feature.modified_residue_symmetry          1_555 
_pdbx_modification_feature.comp_id_linking_atom               . 
_pdbx_modification_feature.modified_residue_id_linking_atom   . 
_pdbx_modification_feature.modified_residue_id                PHE 
_pdbx_modification_feature.ref_pcm_id                         15 
_pdbx_modification_feature.ref_comp_id                        NH2 
_pdbx_modification_feature.type                               None 
_pdbx_modification_feature.category                           'Terminal amidation' 
# 
_struct_site.id                   AC1 
_struct_site.pdbx_evidence_code   Software 
_struct_site.pdbx_auth_asym_id    A 
_struct_site.pdbx_auth_comp_id    NH2 
_struct_site.pdbx_auth_seq_id     14 
_struct_site.pdbx_auth_ins_code   ? 
_struct_site.pdbx_num_residues    2 
_struct_site.details              'BINDING SITE FOR RESIDUE NH2 A 14' 
# 
loop_
_struct_site_gen.id 
_struct_site_gen.site_id 
_struct_site_gen.pdbx_num_res 
_struct_site_gen.label_comp_id 
_struct_site_gen.label_asym_id 
_struct_site_gen.label_seq_id 
_struct_site_gen.pdbx_auth_ins_code 
_struct_site_gen.auth_comp_id 
_struct_site_gen.auth_asym_id 
_struct_site_gen.auth_seq_id 
_struct_site_gen.label_atom_id 
_struct_site_gen.label_alt_id 
_struct_site_gen.symmetry 
_struct_site_gen.details 
1 AC1 2 ILE A 10 ? ILE A 10 . ? 1_555 ? 
2 AC1 2 PHE A 13 ? PHE A 13 . ? 1_555 ? 
# 
_pdbx_entry_details.entry_id                   2F3A 
_pdbx_entry_details.compound_details           ? 
_pdbx_entry_details.source_details             ? 
_pdbx_entry_details.nonpolymer_details         ? 
_pdbx_entry_details.sequence_details           ? 
_pdbx_entry_details.has_ligand_of_interest     ? 
_pdbx_entry_details.has_protein_modification   Y 
# 
loop_
_pdbx_validate_close_contact.id 
_pdbx_validate_close_contact.PDB_model_num 
_pdbx_validate_close_contact.auth_atom_id_1 
_pdbx_validate_close_contact.auth_asym_id_1 
_pdbx_validate_close_contact.auth_comp_id_1 
_pdbx_validate_close_contact.auth_seq_id_1 
_pdbx_validate_close_contact.PDB_ins_code_1 
_pdbx_validate_close_contact.label_alt_id_1 
_pdbx_validate_close_contact.auth_atom_id_2 
_pdbx_validate_close_contact.auth_asym_id_2 
_pdbx_validate_close_contact.auth_comp_id_2 
_pdbx_validate_close_contact.auth_seq_id_2 
_pdbx_validate_close_contact.PDB_ins_code_2 
_pdbx_validate_close_contact.label_alt_id_2 
_pdbx_validate_close_contact.dist 
1 1 O A VAL 9 ? ? H A LYS 12 ? ? 1.56 
2 2 O A VAL 9 ? ? H A LYS 12 ? ? 1.52 
3 3 O A VAL 9 ? ? H A LYS 12 ? ? 1.43 
# 
loop_
_pdbx_validate_torsion.id 
_pdbx_validate_torsion.PDB_model_num 
_pdbx_validate_torsion.auth_comp_id 
_pdbx_validate_torsion.auth_asym_id 
_pdbx_validate_torsion.auth_seq_id 
_pdbx_validate_torsion.PDB_ins_code 
_pdbx_validate_torsion.label_alt_id 
_pdbx_validate_torsion.phi 
_pdbx_validate_torsion.psi 
1 1 LEU A 2 ? ? -46.07 -17.40 
2 2 LEU A 2 ? ? -48.82 -19.45 
3 4 LEU A 2 ? ? -47.54 -17.69 
# 
_pdbx_nmr_ensemble.entry_id                                      2F3A 
_pdbx_nmr_ensemble.conformers_calculated_total_number            100 
_pdbx_nmr_ensemble.conformers_submitted_total_number             5 
_pdbx_nmr_ensemble.conformer_selection_criteria                  'structures with the lowest energy' 
_pdbx_nmr_ensemble.average_constraints_per_residue               ? 
_pdbx_nmr_ensemble.average_constraint_violations_per_residue     ? 
_pdbx_nmr_ensemble.maximum_distance_constraint_violation         ? 
_pdbx_nmr_ensemble.average_distance_constraint_violation         ? 
_pdbx_nmr_ensemble.maximum_upper_distance_constraint_violation   ? 
_pdbx_nmr_ensemble.maximum_lower_distance_constraint_violation   ? 
_pdbx_nmr_ensemble.distance_constraint_violation_method          ? 
_pdbx_nmr_ensemble.maximum_torsion_angle_constraint_violation    ? 
_pdbx_nmr_ensemble.average_torsion_angle_constraint_violation    ? 
_pdbx_nmr_ensemble.torsion_angle_constraint_violation_method     ? 
# 
_pdbx_nmr_representative.entry_id             2F3A 
_pdbx_nmr_representative.conformer_id         1 
_pdbx_nmr_representative.selection_criteria   'closest to the average' 
# 
_pdbx_nmr_sample_details.solution_id      1 
_pdbx_nmr_sample_details.contents         '2 mM peptide, 80 mM Sodium dodecylsulfate, 10%D2O, 90%H2O' 
_pdbx_nmr_sample_details.solvent_system   10%D2O/90%H2O 
# 
_pdbx_nmr_exptl_sample_conditions.conditions_id       1 
_pdbx_nmr_exptl_sample_conditions.temperature         298 
_pdbx_nmr_exptl_sample_conditions.pressure            1 
_pdbx_nmr_exptl_sample_conditions.pH                  4.4 
_pdbx_nmr_exptl_sample_conditions.ionic_strength      80 
_pdbx_nmr_exptl_sample_conditions.pressure_units      atm 
_pdbx_nmr_exptl_sample_conditions.temperature_units   K 
# 
loop_
_pdbx_nmr_exptl.experiment_id 
_pdbx_nmr_exptl.conditions_id 
_pdbx_nmr_exptl.type 
_pdbx_nmr_exptl.solution_id 
1 1 '2D NOESY'      1 
2 1 '2D TOCSY'      1 
3 1 DQF-COSY        1 
4 1 '(1H,13C) HSQC' 1 
5 1 '(1H,15N) HSQC' 1 
# 
_pdbx_nmr_refine.entry_id           2F3A 
_pdbx_nmr_refine.method             'simulated annealing' 
_pdbx_nmr_refine.details            ? 
_pdbx_nmr_refine.software_ordinal   1 
# 
loop_
_pdbx_nmr_software.classification 
_pdbx_nmr_software.name 
_pdbx_nmr_software.version 
_pdbx_nmr_software.authors 
_pdbx_nmr_software.ordinal 
'structure solution' Xplor-NIH 1.0            'C.D. Schwieters, J. Kuszewski, N. Tjandra, GM Clore' 1 
processing           NMRPipe   2.1            'F. Delaglio et al.'                                  2 
refinement           TALOS     1999.019.15.47 'G. Cornilescu, F. Delaglio, A. Bax'                  3 
'data analysis'      PIPP      1              'Dan Garrett'                                         4 
# 
loop_
_chem_comp_atom.comp_id 
_chem_comp_atom.atom_id 
_chem_comp_atom.type_symbol 
_chem_comp_atom.pdbx_aromatic_flag 
_chem_comp_atom.pdbx_stereo_config 
_chem_comp_atom.pdbx_ordinal 
ARG N    N N N 1   
ARG CA   C N S 2   
ARG C    C N N 3   
ARG O    O N N 4   
ARG CB   C N N 5   
ARG CG   C N N 6   
ARG CD   C N N 7   
ARG NE   N N N 8   
ARG CZ   C N N 9   
ARG NH1  N N N 10  
ARG NH2  N N N 11  
ARG OXT  O N N 12  
ARG H    H N N 13  
ARG H2   H N N 14  
ARG HA   H N N 15  
ARG HB2  H N N 16  
ARG HB3  H N N 17  
ARG HG2  H N N 18  
ARG HG3  H N N 19  
ARG HD2  H N N 20  
ARG HD3  H N N 21  
ARG HE   H N N 22  
ARG HH11 H N N 23  
ARG HH12 H N N 24  
ARG HH21 H N N 25  
ARG HH22 H N N 26  
ARG HXT  H N N 27  
ASP N    N N N 28  
ASP CA   C N S 29  
ASP C    C N N 30  
ASP O    O N N 31  
ASP CB   C N N 32  
ASP CG   C N N 33  
ASP OD1  O N N 34  
ASP OD2  O N N 35  
ASP OXT  O N N 36  
ASP H    H N N 37  
ASP H2   H N N 38  
ASP HA   H N N 39  
ASP HB2  H N N 40  
ASP HB3  H N N 41  
ASP HD2  H N N 42  
ASP HXT  H N N 43  
GLN N    N N N 44  
GLN CA   C N S 45  
GLN C    C N N 46  
GLN O    O N N 47  
GLN CB   C N N 48  
GLN CG   C N N 49  
GLN CD   C N N 50  
GLN OE1  O N N 51  
GLN NE2  N N N 52  
GLN OXT  O N N 53  
GLN H    H N N 54  
GLN H2   H N N 55  
GLN HA   H N N 56  
GLN HB2  H N N 57  
GLN HB3  H N N 58  
GLN HG2  H N N 59  
GLN HG3  H N N 60  
GLN HE21 H N N 61  
GLN HE22 H N N 62  
GLN HXT  H N N 63  
ILE N    N N N 64  
ILE CA   C N S 65  
ILE C    C N N 66  
ILE O    O N N 67  
ILE CB   C N S 68  
ILE CG1  C N N 69  
ILE CG2  C N N 70  
ILE CD1  C N N 71  
ILE OXT  O N N 72  
ILE H    H N N 73  
ILE H2   H N N 74  
ILE HA   H N N 75  
ILE HB   H N N 76  
ILE HG12 H N N 77  
ILE HG13 H N N 78  
ILE HG21 H N N 79  
ILE HG22 H N N 80  
ILE HG23 H N N 81  
ILE HD11 H N N 82  
ILE HD12 H N N 83  
ILE HD13 H N N 84  
ILE HXT  H N N 85  
LEU N    N N N 86  
LEU CA   C N S 87  
LEU C    C N N 88  
LEU O    O N N 89  
LEU CB   C N N 90  
LEU CG   C N N 91  
LEU CD1  C N N 92  
LEU CD2  C N N 93  
LEU OXT  O N N 94  
LEU H    H N N 95  
LEU H2   H N N 96  
LEU HA   H N N 97  
LEU HB2  H N N 98  
LEU HB3  H N N 99  
LEU HG   H N N 100 
LEU HD11 H N N 101 
LEU HD12 H N N 102 
LEU HD13 H N N 103 
LEU HD21 H N N 104 
LEU HD22 H N N 105 
LEU HD23 H N N 106 
LEU HXT  H N N 107 
LYS N    N N N 108 
LYS CA   C N S 109 
LYS C    C N N 110 
LYS O    O N N 111 
LYS CB   C N N 112 
LYS CG   C N N 113 
LYS CD   C N N 114 
LYS CE   C N N 115 
LYS NZ   N N N 116 
LYS OXT  O N N 117 
LYS H    H N N 118 
LYS H2   H N N 119 
LYS HA   H N N 120 
LYS HB2  H N N 121 
LYS HB3  H N N 122 
LYS HG2  H N N 123 
LYS HG3  H N N 124 
LYS HD2  H N N 125 
LYS HD3  H N N 126 
LYS HE2  H N N 127 
LYS HE3  H N N 128 
LYS HZ1  H N N 129 
LYS HZ2  H N N 130 
LYS HZ3  H N N 131 
LYS HXT  H N N 132 
NH2 N    N N N 133 
NH2 HN1  H N N 134 
NH2 HN2  H N N 135 
PHE N    N N N 136 
PHE CA   C N S 137 
PHE C    C N N 138 
PHE O    O N N 139 
PHE CB   C N N 140 
PHE CG   C Y N 141 
PHE CD1  C Y N 142 
PHE CD2  C Y N 143 
PHE CE1  C Y N 144 
PHE CE2  C Y N 145 
PHE CZ   C Y N 146 
PHE OXT  O N N 147 
PHE H    H N N 148 
PHE H2   H N N 149 
PHE HA   H N N 150 
PHE HB2  H N N 151 
PHE HB3  H N N 152 
PHE HD1  H N N 153 
PHE HD2  H N N 154 
PHE HE1  H N N 155 
PHE HE2  H N N 156 
PHE HZ   H N N 157 
PHE HXT  H N N 158 
VAL N    N N N 159 
VAL CA   C N S 160 
VAL C    C N N 161 
VAL O    O N N 162 
VAL CB   C N N 163 
VAL CG1  C N N 164 
VAL CG2  C N N 165 
VAL OXT  O N N 166 
VAL H    H N N 167 
VAL H2   H N N 168 
VAL HA   H N N 169 
VAL HB   H N N 170 
VAL HG11 H N N 171 
VAL HG12 H N N 172 
VAL HG13 H N N 173 
VAL HG21 H N N 174 
VAL HG22 H N N 175 
VAL HG23 H N N 176 
VAL HXT  H N N 177 
# 
loop_
_chem_comp_bond.comp_id 
_chem_comp_bond.atom_id_1 
_chem_comp_bond.atom_id_2 
_chem_comp_bond.value_order 
_chem_comp_bond.pdbx_aromatic_flag 
_chem_comp_bond.pdbx_stereo_config 
_chem_comp_bond.pdbx_ordinal 
ARG N   CA   sing N N 1   
ARG N   H    sing N N 2   
ARG N   H2   sing N N 3   
ARG CA  C    sing N N 4   
ARG CA  CB   sing N N 5   
ARG CA  HA   sing N N 6   
ARG C   O    doub N N 7   
ARG C   OXT  sing N N 8   
ARG CB  CG   sing N N 9   
ARG CB  HB2  sing N N 10  
ARG CB  HB3  sing N N 11  
ARG CG  CD   sing N N 12  
ARG CG  HG2  sing N N 13  
ARG CG  HG3  sing N N 14  
ARG CD  NE   sing N N 15  
ARG CD  HD2  sing N N 16  
ARG CD  HD3  sing N N 17  
ARG NE  CZ   sing N N 18  
ARG NE  HE   sing N N 19  
ARG CZ  NH1  sing N N 20  
ARG CZ  NH2  doub N N 21  
ARG NH1 HH11 sing N N 22  
ARG NH1 HH12 sing N N 23  
ARG NH2 HH21 sing N N 24  
ARG NH2 HH22 sing N N 25  
ARG OXT HXT  sing N N 26  
ASP N   CA   sing N N 27  
ASP N   H    sing N N 28  
ASP N   H2   sing N N 29  
ASP CA  C    sing N N 30  
ASP CA  CB   sing N N 31  
ASP CA  HA   sing N N 32  
ASP C   O    doub N N 33  
ASP C   OXT  sing N N 34  
ASP CB  CG   sing N N 35  
ASP CB  HB2  sing N N 36  
ASP CB  HB3  sing N N 37  
ASP CG  OD1  doub N N 38  
ASP CG  OD2  sing N N 39  
ASP OD2 HD2  sing N N 40  
ASP OXT HXT  sing N N 41  
GLN N   CA   sing N N 42  
GLN N   H    sing N N 43  
GLN N   H2   sing N N 44  
GLN CA  C    sing N N 45  
GLN CA  CB   sing N N 46  
GLN CA  HA   sing N N 47  
GLN C   O    doub N N 48  
GLN C   OXT  sing N N 49  
GLN CB  CG   sing N N 50  
GLN CB  HB2  sing N N 51  
GLN CB  HB3  sing N N 52  
GLN CG  CD   sing N N 53  
GLN CG  HG2  sing N N 54  
GLN CG  HG3  sing N N 55  
GLN CD  OE1  doub N N 56  
GLN CD  NE2  sing N N 57  
GLN NE2 HE21 sing N N 58  
GLN NE2 HE22 sing N N 59  
GLN OXT HXT  sing N N 60  
ILE N   CA   sing N N 61  
ILE N   H    sing N N 62  
ILE N   H2   sing N N 63  
ILE CA  C    sing N N 64  
ILE CA  CB   sing N N 65  
ILE CA  HA   sing N N 66  
ILE C   O    doub N N 67  
ILE C   OXT  sing N N 68  
ILE CB  CG1  sing N N 69  
ILE CB  CG2  sing N N 70  
ILE CB  HB   sing N N 71  
ILE CG1 CD1  sing N N 72  
ILE CG1 HG12 sing N N 73  
ILE CG1 HG13 sing N N 74  
ILE CG2 HG21 sing N N 75  
ILE CG2 HG22 sing N N 76  
ILE CG2 HG23 sing N N 77  
ILE CD1 HD11 sing N N 78  
ILE CD1 HD12 sing N N 79  
ILE CD1 HD13 sing N N 80  
ILE OXT HXT  sing N N 81  
LEU N   CA   sing N N 82  
LEU N   H    sing N N 83  
LEU N   H2   sing N N 84  
LEU CA  C    sing N N 85  
LEU CA  CB   sing N N 86  
LEU CA  HA   sing N N 87  
LEU C   O    doub N N 88  
LEU C   OXT  sing N N 89  
LEU CB  CG   sing N N 90  
LEU CB  HB2  sing N N 91  
LEU CB  HB3  sing N N 92  
LEU CG  CD1  sing N N 93  
LEU CG  CD2  sing N N 94  
LEU CG  HG   sing N N 95  
LEU CD1 HD11 sing N N 96  
LEU CD1 HD12 sing N N 97  
LEU CD1 HD13 sing N N 98  
LEU CD2 HD21 sing N N 99  
LEU CD2 HD22 sing N N 100 
LEU CD2 HD23 sing N N 101 
LEU OXT HXT  sing N N 102 
LYS N   CA   sing N N 103 
LYS N   H    sing N N 104 
LYS N   H2   sing N N 105 
LYS CA  C    sing N N 106 
LYS CA  CB   sing N N 107 
LYS CA  HA   sing N N 108 
LYS C   O    doub N N 109 
LYS C   OXT  sing N N 110 
LYS CB  CG   sing N N 111 
LYS CB  HB2  sing N N 112 
LYS CB  HB3  sing N N 113 
LYS CG  CD   sing N N 114 
LYS CG  HG2  sing N N 115 
LYS CG  HG3  sing N N 116 
LYS CD  CE   sing N N 117 
LYS CD  HD2  sing N N 118 
LYS CD  HD3  sing N N 119 
LYS CE  NZ   sing N N 120 
LYS CE  HE2  sing N N 121 
LYS CE  HE3  sing N N 122 
LYS NZ  HZ1  sing N N 123 
LYS NZ  HZ2  sing N N 124 
LYS NZ  HZ3  sing N N 125 
LYS OXT HXT  sing N N 126 
NH2 N   HN1  sing N N 127 
NH2 N   HN2  sing N N 128 
PHE N   CA   sing N N 129 
PHE N   H    sing N N 130 
PHE N   H2   sing N N 131 
PHE CA  C    sing N N 132 
PHE CA  CB   sing N N 133 
PHE CA  HA   sing N N 134 
PHE C   O    doub N N 135 
PHE C   OXT  sing N N 136 
PHE CB  CG   sing N N 137 
PHE CB  HB2  sing N N 138 
PHE CB  HB3  sing N N 139 
PHE CG  CD1  doub Y N 140 
PHE CG  CD2  sing Y N 141 
PHE CD1 CE1  sing Y N 142 
PHE CD1 HD1  sing N N 143 
PHE CD2 CE2  doub Y N 144 
PHE CD2 HD2  sing N N 145 
PHE CE1 CZ   doub Y N 146 
PHE CE1 HE1  sing N N 147 
PHE CE2 CZ   sing Y N 148 
PHE CE2 HE2  sing N N 149 
PHE CZ  HZ   sing N N 150 
PHE OXT HXT  sing N N 151 
VAL N   CA   sing N N 152 
VAL N   H    sing N N 153 
VAL N   H2   sing N N 154 
VAL CA  C    sing N N 155 
VAL CA  CB   sing N N 156 
VAL CA  HA   sing N N 157 
VAL C   O    doub N N 158 
VAL C   OXT  sing N N 159 
VAL CB  CG1  sing N N 160 
VAL CB  CG2  sing N N 161 
VAL CB  HB   sing N N 162 
VAL CG1 HG11 sing N N 163 
VAL CG1 HG12 sing N N 164 
VAL CG1 HG13 sing N N 165 
VAL CG2 HG21 sing N N 166 
VAL CG2 HG22 sing N N 167 
VAL CG2 HG23 sing N N 168 
VAL OXT HXT  sing N N 169 
# 
_pdbx_nmr_spectrometer.spectrometer_id   1 
_pdbx_nmr_spectrometer.model             INOVA 
_pdbx_nmr_spectrometer.manufacturer      Varian 
_pdbx_nmr_spectrometer.field_strength    600 
_pdbx_nmr_spectrometer.type              ? 
# 
_atom_sites.entry_id                    2F3A 
_atom_sites.fract_transf_matrix[1][1]   1.000000 
_atom_sites.fract_transf_matrix[1][2]   0.000000 
_atom_sites.fract_transf_matrix[1][3]   0.000000 
_atom_sites.fract_transf_matrix[2][1]   0.000000 
_atom_sites.fract_transf_matrix[2][2]   1.000000 
_atom_sites.fract_transf_matrix[2][3]   0.000000 
_atom_sites.fract_transf_matrix[3][1]   0.000000 
_atom_sites.fract_transf_matrix[3][2]   0.000000 
_atom_sites.fract_transf_matrix[3][3]   1.000000 
_atom_sites.fract_transf_vector[1]      0.00000 
_atom_sites.fract_transf_vector[2]      0.00000 
_atom_sites.fract_transf_vector[3]      0.00000 
# 
loop_
_atom_type.symbol 
C 
H 
N 
O 
# 
loop_
_atom_site.group_PDB 
_atom_site.id 
_atom_site.type_symbol 
_atom_site.label_atom_id 
_atom_site.label_alt_id 
_atom_site.label_comp_id 
_atom_site.label_asym_id 
_atom_site.label_entity_id 
_atom_site.label_seq_id 
_atom_site.pdbx_PDB_ins_code 
_atom_site.Cartn_x 
_atom_site.Cartn_y 
_atom_site.Cartn_z 
_atom_site.occupancy 
_atom_site.B_iso_or_equiv 
_atom_site.pdbx_formal_charge 
_atom_site.auth_seq_id 
_atom_site.auth_comp_id 
_atom_site.auth_asym_id 
_atom_site.auth_atom_id 
_atom_site.pdbx_PDB_model_num 
ATOM   1    N N    . ARG A 1 1  ? -0.230 2.224  -9.445  1.00 0.00 ? 1  ARG A N    1 
ATOM   2    C CA   . ARG A 1 1  ? 0.274  0.965  -10.064 1.00 0.00 ? 1  ARG A CA   1 
ATOM   3    C C    . ARG A 1 1  ? 0.307  -0.135 -9.007  1.00 0.00 ? 1  ARG A C    1 
ATOM   4    O O    . ARG A 1 1  ? -0.235 0.024  -7.913  1.00 0.00 ? 1  ARG A O    1 
ATOM   5    C CB   . ARG A 1 1  ? 1.686  1.192  -10.621 1.00 0.00 ? 1  ARG A CB   1 
ATOM   6    C CG   . ARG A 1 1  ? 1.828  2.632  -11.120 1.00 0.00 ? 1  ARG A CG   1 
ATOM   7    C CD   . ARG A 1 1  ? 0.823  2.891  -12.245 1.00 0.00 ? 1  ARG A CD   1 
ATOM   8    N NE   . ARG A 1 1  ? 0.994  4.239  -12.768 1.00 0.00 ? 1  ARG A NE   1 
ATOM   9    C CZ   . ARG A 1 1  ? 0.467  4.596  -13.934 1.00 0.00 ? 1  ARG A CZ   1 
ATOM   10   N NH1  . ARG A 1 1  ? -0.220 3.731  -14.629 1.00 0.00 ? 1  ARG A NH1  1 
ATOM   11   N NH2  . ARG A 1 1  ? 0.635  5.809  -14.382 1.00 0.00 ? 1  ARG A NH2  1 
ATOM   12   H H1   . ARG A 1 1  ? -0.112 3.011  -10.113 1.00 0.00 ? 1  ARG A H1   1 
ATOM   13   H H2   . ARG A 1 1  ? 0.308  2.422  -8.576  1.00 0.00 ? 1  ARG A H2   1 
ATOM   14   H H3   . ARG A 1 1  ? -1.237 2.116  -9.213  1.00 0.00 ? 1  ARG A H3   1 
ATOM   15   H HA   . ARG A 1 1  ? -0.386 0.670  -10.866 1.00 0.00 ? 1  ARG A HA   1 
ATOM   16   H HB2  . ARG A 1 1  ? 2.415  1.010  -9.843  1.00 0.00 ? 1  ARG A HB2  1 
ATOM   17   H HB3  . ARG A 1 1  ? 1.861  0.510  -11.440 1.00 0.00 ? 1  ARG A HB3  1 
ATOM   18   H HG2  . ARG A 1 1  ? 1.644  3.316  -10.307 1.00 0.00 ? 1  ARG A HG2  1 
ATOM   19   H HG3  . ARG A 1 1  ? 2.829  2.783  -11.496 1.00 0.00 ? 1  ARG A HG3  1 
ATOM   20   H HD2  . ARG A 1 1  ? 0.983  2.176  -13.039 1.00 0.00 ? 1  ARG A HD2  1 
ATOM   21   H HD3  . ARG A 1 1  ? -0.180 2.780  -11.862 1.00 0.00 ? 1  ARG A HD3  1 
ATOM   22   H HE   . ARG A 1 1  ? 1.507  4.896  -12.252 1.00 0.00 ? 1  ARG A HE   1 
ATOM   23   H HH11 . ARG A 1 1  ? -0.349 2.802  -14.285 1.00 0.00 ? 1  ARG A HH11 1 
ATOM   24   H HH12 . ARG A 1 1  ? -0.617 4.000  -15.508 1.00 0.00 ? 1  ARG A HH12 1 
ATOM   25   H HH21 . ARG A 1 1  ? 1.160  6.471  -13.849 1.00 0.00 ? 1  ARG A HH21 1 
ATOM   26   H HH22 . ARG A 1 1  ? 0.238  6.077  -15.261 1.00 0.00 ? 1  ARG A HH22 1 
ATOM   27   N N    . LEU A 1 2  ? 0.955  -1.247 -9.339  1.00 0.00 ? 2  LEU A N    1 
ATOM   28   C CA   . LEU A 1 2  ? 1.063  -2.363 -8.409  1.00 0.00 ? 2  LEU A CA   1 
ATOM   29   C C    . LEU A 1 2  ? 1.452  -1.873 -7.033  1.00 0.00 ? 2  LEU A C    1 
ATOM   30   O O    . LEU A 1 2  ? 1.300  -2.585 -6.041  1.00 0.00 ? 2  LEU A O    1 
ATOM   31   C CB   . LEU A 1 2  ? 2.068  -3.398 -8.942  1.00 0.00 ? 2  LEU A CB   1 
ATOM   32   C CG   . LEU A 1 2  ? 3.515  -2.953 -8.760  1.00 0.00 ? 2  LEU A CG   1 
ATOM   33   C CD1  . LEU A 1 2  ? 3.704  -1.551 -9.347  1.00 0.00 ? 2  LEU A CD1  1 
ATOM   34   C CD2  . LEU A 1 2  ? 3.882  -2.982 -7.276  1.00 0.00 ? 2  LEU A CD2  1 
ATOM   35   H H    . LEU A 1 2  ? 1.372  -1.315 -10.223 1.00 0.00 ? 2  LEU A H    1 
ATOM   36   H HA   . LEU A 1 2  ? 0.109  -2.841 -8.321  1.00 0.00 ? 2  LEU A HA   1 
ATOM   37   H HB2  . LEU A 1 2  ? 1.926  -4.330 -8.427  1.00 0.00 ? 2  LEU A HB2  1 
ATOM   38   H HB3  . LEU A 1 2  ? 1.890  -3.538 -9.985  1.00 0.00 ? 2  LEU A HB3  1 
ATOM   39   H HG   . LEU A 1 2  ? 4.157  -3.640 -9.295  1.00 0.00 ? 2  LEU A HG   1 
ATOM   40   H HD11 . LEU A 1 2  ? 4.749  -1.383 -9.544  1.00 0.00 ? 2  LEU A HD11 1 
ATOM   41   H HD12 . LEU A 1 2  ? 3.345  -0.816 -8.652  1.00 0.00 ? 2  LEU A HD12 1 
ATOM   42   H HD13 . LEU A 1 2  ? 3.148  -1.470 -10.271 1.00 0.00 ? 2  LEU A HD13 1 
ATOM   43   H HD21 . LEU A 1 2  ? 3.231  -3.672 -6.754  1.00 0.00 ? 2  LEU A HD21 1 
ATOM   44   H HD22 . LEU A 1 2  ? 3.770  -2.002 -6.859  1.00 0.00 ? 2  LEU A HD22 1 
ATOM   45   H HD23 . LEU A 1 2  ? 4.902  -3.304 -7.168  1.00 0.00 ? 2  LEU A HD23 1 
ATOM   46   N N    . PHE A 1 3  ? 1.963  -0.655 -6.977  1.00 0.00 ? 3  PHE A N    1 
ATOM   47   C CA   . PHE A 1 3  ? 2.385  -0.079 -5.719  1.00 0.00 ? 3  PHE A CA   1 
ATOM   48   C C    . PHE A 1 3  ? 1.215  0.578  -5.002  1.00 0.00 ? 3  PHE A C    1 
ATOM   49   O O    . PHE A 1 3  ? 1.180  0.622  -3.772  1.00 0.00 ? 3  PHE A O    1 
ATOM   50   C CB   . PHE A 1 3  ? 3.503  0.923  -5.969  1.00 0.00 ? 3  PHE A CB   1 
ATOM   51   C CG   . PHE A 1 3  ? 4.744  0.171  -6.395  1.00 0.00 ? 3  PHE A CG   1 
ATOM   52   C CD1  . PHE A 1 3  ? 5.365  -0.714 -5.505  1.00 0.00 ? 3  PHE A CD1  1 
ATOM   53   C CD2  . PHE A 1 3  ? 5.283  0.367  -7.673  1.00 0.00 ? 3  PHE A CD2  1 
ATOM   54   C CE1  . PHE A 1 3  ? 6.521  -1.403 -5.892  1.00 0.00 ? 3  PHE A CE1  1 
ATOM   55   C CE2  . PHE A 1 3  ? 6.444  -0.315 -8.057  1.00 0.00 ? 3  PHE A CE2  1 
ATOM   56   C CZ   . PHE A 1 3  ? 7.064  -1.198 -7.165  1.00 0.00 ? 3  PHE A CZ   1 
ATOM   57   H H    . PHE A 1 3  ? 2.063  -0.136 -7.803  1.00 0.00 ? 3  PHE A H    1 
ATOM   58   H HA   . PHE A 1 3  ? 2.767  -0.870 -5.095  1.00 0.00 ? 3  PHE A HA   1 
ATOM   59   H HB2  . PHE A 1 3  ? 3.206  1.609  -6.749  1.00 0.00 ? 3  PHE A HB2  1 
ATOM   60   H HB3  . PHE A 1 3  ? 3.708  1.471  -5.061  1.00 0.00 ? 3  PHE A HB3  1 
ATOM   61   H HD1  . PHE A 1 3  ? 4.938  -0.888 -4.528  1.00 0.00 ? 3  PHE A HD1  1 
ATOM   62   H HD2  . PHE A 1 3  ? 4.792  1.034  -8.369  1.00 0.00 ? 3  PHE A HD2  1 
ATOM   63   H HE1  . PHE A 1 3  ? 7.000  -2.084 -5.204  1.00 0.00 ? 3  PHE A HE1  1 
ATOM   64   H HE2  . PHE A 1 3  ? 6.858  -0.162 -9.042  1.00 0.00 ? 3  PHE A HE2  1 
ATOM   65   H HZ   . PHE A 1 3  ? 7.959  -1.724 -7.461  1.00 0.00 ? 3  PHE A HZ   1 
ATOM   66   N N    . ASP A 1 4  ? 0.244  1.069  -5.765  1.00 0.00 ? 4  ASP A N    1 
ATOM   67   C CA   . ASP A 1 4  ? -0.923 1.688  -5.165  1.00 0.00 ? 4  ASP A CA   1 
ATOM   68   C C    . ASP A 1 4  ? -1.441 0.782  -4.056  1.00 0.00 ? 4  ASP A C    1 
ATOM   69   O O    . ASP A 1 4  ? -2.124 1.224  -3.133  1.00 0.00 ? 4  ASP A O    1 
ATOM   70   C CB   . ASP A 1 4  ? -2.007 1.893  -6.224  1.00 0.00 ? 4  ASP A CB   1 
ATOM   71   C CG   . ASP A 1 4  ? -1.654 3.085  -7.109  1.00 0.00 ? 4  ASP A CG   1 
ATOM   72   O OD1  . ASP A 1 4  ? -0.550 3.589  -6.978  1.00 0.00 ? 4  ASP A OD1  1 
ATOM   73   O OD2  . ASP A 1 4  ? -2.493 3.475  -7.905  1.00 0.00 ? 4  ASP A OD2  1 
ATOM   74   H H    . ASP A 1 4  ? 0.305  0.995  -6.739  1.00 0.00 ? 4  ASP A H    1 
ATOM   75   H HA   . ASP A 1 4  ? -0.646 2.645  -4.746  1.00 0.00 ? 4  ASP A HA   1 
ATOM   76   H HB2  . ASP A 1 4  ? -2.084 1.004  -6.833  1.00 0.00 ? 4  ASP A HB2  1 
ATOM   77   H HB3  . ASP A 1 4  ? -2.950 2.078  -5.739  1.00 0.00 ? 4  ASP A HB3  1 
ATOM   78   N N    . LYS A 1 5  ? -1.086 -0.495 -4.164  1.00 0.00 ? 5  LYS A N    1 
ATOM   79   C CA   . LYS A 1 5  ? -1.482 -1.489 -3.180  1.00 0.00 ? 5  LYS A CA   1 
ATOM   80   C C    . LYS A 1 5  ? -0.459 -1.531 -2.045  1.00 0.00 ? 5  LYS A C    1 
ATOM   81   O O    . LYS A 1 5  ? -0.811 -1.742 -0.885  1.00 0.00 ? 5  LYS A O    1 
ATOM   82   C CB   . LYS A 1 5  ? -1.588 -2.866 -3.853  1.00 0.00 ? 5  LYS A CB   1 
ATOM   83   C CG   . LYS A 1 5  ? -1.547 -3.972 -2.792  1.00 0.00 ? 5  LYS A CG   1 
ATOM   84   C CD   . LYS A 1 5  ? -2.030 -5.296 -3.398  1.00 0.00 ? 5  LYS A CD   1 
ATOM   85   C CE   . LYS A 1 5  ? -3.554 -5.395 -3.284  1.00 0.00 ? 5  LYS A CE   1 
ATOM   86   N NZ   . LYS A 1 5  ? -4.003 -6.717 -3.805  1.00 0.00 ? 5  LYS A NZ   1 
ATOM   87   H H    . LYS A 1 5  ? -0.531 -0.772 -4.924  1.00 0.00 ? 5  LYS A H    1 
ATOM   88   H HA   . LYS A 1 5  ? -2.448 -1.222 -2.775  1.00 0.00 ? 5  LYS A HA   1 
ATOM   89   H HB2  . LYS A 1 5  ? -2.520 -2.925 -4.397  1.00 0.00 ? 5  LYS A HB2  1 
ATOM   90   H HB3  . LYS A 1 5  ? -0.762 -2.996 -4.541  1.00 0.00 ? 5  LYS A HB3  1 
ATOM   91   H HG2  . LYS A 1 5  ? -0.533 -4.089 -2.437  1.00 0.00 ? 5  LYS A HG2  1 
ATOM   92   H HG3  . LYS A 1 5  ? -2.187 -3.700 -1.965  1.00 0.00 ? 5  LYS A HG3  1 
ATOM   93   H HD2  . LYS A 1 5  ? -1.742 -5.343 -4.440  1.00 0.00 ? 5  LYS A HD2  1 
ATOM   94   H HD3  . LYS A 1 5  ? -1.578 -6.119 -2.865  1.00 0.00 ? 5  LYS A HD3  1 
ATOM   95   H HE2  . LYS A 1 5  ? -3.845 -5.299 -2.249  1.00 0.00 ? 5  LYS A HE2  1 
ATOM   96   H HE3  . LYS A 1 5  ? -4.011 -4.607 -3.863  1.00 0.00 ? 5  LYS A HE3  1 
ATOM   97   H HZ1  . LYS A 1 5  ? -4.938 -6.616 -4.250  1.00 0.00 ? 5  LYS A HZ1  1 
ATOM   98   H HZ2  . LYS A 1 5  ? -4.064 -7.397 -3.019  1.00 0.00 ? 5  LYS A HZ2  1 
ATOM   99   H HZ3  . LYS A 1 5  ? -3.323 -7.062 -4.512  1.00 0.00 ? 5  LYS A HZ3  1 
ATOM   100  N N    . ILE A 1 6  ? 0.809  -1.316 -2.393  1.00 0.00 ? 6  ILE A N    1 
ATOM   101  C CA   . ILE A 1 6  ? 1.880  -1.318 -1.401  1.00 0.00 ? 6  ILE A CA   1 
ATOM   102  C C    . ILE A 1 6  ? 1.734  -0.116 -0.471  1.00 0.00 ? 6  ILE A C    1 
ATOM   103  O O    . ILE A 1 6  ? 2.330  -0.079 0.600   1.00 0.00 ? 6  ILE A O    1 
ATOM   104  C CB   . ILE A 1 6  ? 3.256  -1.298 -2.093  1.00 0.00 ? 6  ILE A CB   1 
ATOM   105  C CG1  . ILE A 1 6  ? 3.656  -2.727 -2.483  1.00 0.00 ? 6  ILE A CG1  1 
ATOM   106  C CG2  . ILE A 1 6  ? 4.314  -0.734 -1.139  1.00 0.00 ? 6  ILE A CG2  1 
ATOM   107  C CD1  . ILE A 1 6  ? 2.507  -3.408 -3.233  1.00 0.00 ? 6  ILE A CD1  1 
ATOM   108  H H    . ILE A 1 6  ? 1.026  -1.146 -3.334  1.00 0.00 ? 6  ILE A H    1 
ATOM   109  H HA   . ILE A 1 6  ? 1.800  -2.220 -0.808  1.00 0.00 ? 6  ILE A HA   1 
ATOM   110  H HB   . ILE A 1 6  ? 3.209  -0.680 -2.980  1.00 0.00 ? 6  ILE A HB   1 
ATOM   111  H HG12 . ILE A 1 6  ? 4.530  -2.694 -3.119  1.00 0.00 ? 6  ILE A HG12 1 
ATOM   112  H HG13 . ILE A 1 6  ? 3.883  -3.293 -1.592  1.00 0.00 ? 6  ILE A HG13 1 
ATOM   113  H HG21 . ILE A 1 6  ? 5.299  -0.948 -1.526  1.00 0.00 ? 6  ILE A HG21 1 
ATOM   114  H HG22 . ILE A 1 6  ? 4.203  -1.193 -0.166  1.00 0.00 ? 6  ILE A HG22 1 
ATOM   115  H HG23 . ILE A 1 6  ? 4.187  0.335  -1.049  1.00 0.00 ? 6  ILE A HG23 1 
ATOM   116  H HD11 . ILE A 1 6  ? 2.024  -2.691 -3.878  1.00 0.00 ? 6  ILE A HD11 1 
ATOM   117  H HD12 . ILE A 1 6  ? 1.791  -3.792 -2.523  1.00 0.00 ? 6  ILE A HD12 1 
ATOM   118  H HD13 . ILE A 1 6  ? 2.898  -4.220 -3.827  1.00 0.00 ? 6  ILE A HD13 1 
ATOM   119  N N    . ARG A 1 7  ? 0.940  0.864  -0.892  1.00 0.00 ? 7  ARG A N    1 
ATOM   120  C CA   . ARG A 1 7  ? 0.720  2.062  -0.084  1.00 0.00 ? 7  ARG A CA   1 
ATOM   121  C C    . ARG A 1 7  ? -0.345 1.804  0.979   1.00 0.00 ? 7  ARG A C    1 
ATOM   122  O O    . ARG A 1 7  ? -0.156 2.126  2.151   1.00 0.00 ? 7  ARG A O    1 
ATOM   123  C CB   . ARG A 1 7  ? 0.276  3.221  -0.982  1.00 0.00 ? 7  ARG A CB   1 
ATOM   124  C CG   . ARG A 1 7  ? 0.324  4.543  -0.193  1.00 0.00 ? 7  ARG A CG   1 
ATOM   125  C CD   . ARG A 1 7  ? 1.718  5.190  -0.302  1.00 0.00 ? 7  ARG A CD   1 
ATOM   126  N NE   . ARG A 1 7  ? 1.648  6.485  -0.990  1.00 0.00 ? 7  ARG A NE   1 
ATOM   127  C CZ   . ARG A 1 7  ? 0.942  6.668  -2.107  1.00 0.00 ? 7  ARG A CZ   1 
ATOM   128  N NH1  . ARG A 1 7  ? 0.307  5.673  -2.660  1.00 0.00 ? 7  ARG A NH1  1 
ATOM   129  N NH2  . ARG A 1 7  ? 0.896  7.850  -2.656  1.00 0.00 ? 7  ARG A NH2  1 
ATOM   130  H H    . ARG A 1 7  ? 0.491  0.780  -1.759  1.00 0.00 ? 7  ARG A H    1 
ATOM   131  H HA   . ARG A 1 7  ? 1.642  2.331  0.409   1.00 0.00 ? 7  ARG A HA   1 
ATOM   132  H HB2  . ARG A 1 7  ? 0.930  3.279  -1.840  1.00 0.00 ? 7  ARG A HB2  1 
ATOM   133  H HB3  . ARG A 1 7  ? -0.735 3.044  -1.317  1.00 0.00 ? 7  ARG A HB3  1 
ATOM   134  H HG2  . ARG A 1 7  ? -0.422 5.220  -0.583  1.00 0.00 ? 7  ARG A HG2  1 
ATOM   135  H HG3  . ARG A 1 7  ? 0.106  4.344  0.846   1.00 0.00 ? 7  ARG A HG3  1 
ATOM   136  H HD2  . ARG A 1 7  ? 2.102  5.360  0.689   1.00 0.00 ? 7  ARG A HD2  1 
ATOM   137  H HD3  . ARG A 1 7  ? 2.391  4.522  -0.827  1.00 0.00 ? 7  ARG A HD3  1 
ATOM   138  H HE   . ARG A 1 7  ? 2.131  7.248  -0.607  1.00 0.00 ? 7  ARG A HE   1 
ATOM   139  H HH11 . ARG A 1 7  ? 0.344  4.766  -2.249  1.00 0.00 ? 7  ARG A HH11 1 
ATOM   140  H HH12 . ARG A 1 7  ? -0.220 5.821  -3.499  1.00 0.00 ? 7  ARG A HH12 1 
ATOM   141  H HH21 . ARG A 1 7  ? 1.389  8.614  -2.241  1.00 0.00 ? 7  ARG A HH21 1 
ATOM   142  H HH22 . ARG A 1 7  ? 0.369  7.990  -3.494  1.00 0.00 ? 7  ARG A HH22 1 
ATOM   143  N N    . GLN A 1 8  ? -1.466 1.228  0.559   1.00 0.00 ? 8  GLN A N    1 
ATOM   144  C CA   . GLN A 1 8  ? -2.558 0.939  1.476   1.00 0.00 ? 8  GLN A CA   1 
ATOM   145  C C    . GLN A 1 8  ? -2.055 0.179  2.699   1.00 0.00 ? 8  GLN A C    1 
ATOM   146  O O    . GLN A 1 8  ? -2.329 0.560  3.837   1.00 0.00 ? 8  GLN A O    1 
ATOM   147  C CB   . GLN A 1 8  ? -3.622 0.107  0.761   1.00 0.00 ? 8  GLN A CB   1 
ATOM   148  C CG   . GLN A 1 8  ? -4.386 0.991  -0.225  1.00 0.00 ? 8  GLN A CG   1 
ATOM   149  C CD   . GLN A 1 8  ? -5.425 0.161  -0.971  1.00 0.00 ? 8  GLN A CD   1 
ATOM   150  O OE1  . GLN A 1 8  ? -5.329 -0.007 -2.186  1.00 0.00 ? 8  GLN A OE1  1 
ATOM   151  N NE2  . GLN A 1 8  ? -6.417 -0.372 -0.312  1.00 0.00 ? 8  GLN A NE2  1 
ATOM   152  H H    . GLN A 1 8  ? -1.564 0.996  -0.387  1.00 0.00 ? 8  GLN A H    1 
ATOM   153  H HA   . GLN A 1 8  ? -3.001 1.869  1.800   1.00 0.00 ? 8  GLN A HA   1 
ATOM   154  H HB2  . GLN A 1 8  ? -3.145 -0.702 0.227   1.00 0.00 ? 8  GLN A HB2  1 
ATOM   155  H HB3  . GLN A 1 8  ? -4.308 -0.296 1.486   1.00 0.00 ? 8  GLN A HB3  1 
ATOM   156  H HG2  . GLN A 1 8  ? -4.881 1.786  0.314   1.00 0.00 ? 8  GLN A HG2  1 
ATOM   157  H HG3  . GLN A 1 8  ? -3.693 1.418  -0.935  1.00 0.00 ? 8  GLN A HG3  1 
ATOM   158  H HE21 . GLN A 1 8  ? -6.491 -0.237 0.657   1.00 0.00 ? 8  GLN A HE21 1 
ATOM   159  H HE22 . GLN A 1 8  ? -7.089 -0.907 -0.784  1.00 0.00 ? 8  GLN A HE22 1 
ATOM   160  N N    . VAL A 1 9  ? -1.325 -0.904 2.455   1.00 0.00 ? 9  VAL A N    1 
ATOM   161  C CA   . VAL A 1 9  ? -0.797 -1.717 3.545   1.00 0.00 ? 9  VAL A CA   1 
ATOM   162  C C    . VAL A 1 9  ? -0.091 -0.848 4.578   1.00 0.00 ? 9  VAL A C    1 
ATOM   163  O O    . VAL A 1 9  ? -0.317 -0.994 5.777   1.00 0.00 ? 9  VAL A O    1 
ATOM   164  C CB   . VAL A 1 9  ? 0.186  -2.752 3.002   1.00 0.00 ? 9  VAL A CB   1 
ATOM   165  C CG1  . VAL A 1 9  ? 1.295  -2.045 2.228   1.00 0.00 ? 9  VAL A CG1  1 
ATOM   166  C CG2  . VAL A 1 9  ? 0.794  -3.529 4.170   1.00 0.00 ? 9  VAL A CG2  1 
ATOM   167  H H    . VAL A 1 9  ? -1.142 -1.164 1.529   1.00 0.00 ? 9  VAL A H    1 
ATOM   168  H HA   . VAL A 1 9  ? -1.615 -2.234 4.023   1.00 0.00 ? 9  VAL A HA   1 
ATOM   169  H HB   . VAL A 1 9  ? -0.332 -3.431 2.344   1.00 0.00 ? 9  VAL A HB   1 
ATOM   170  H HG11 . VAL A 1 9  ? 2.004  -1.620 2.921   1.00 0.00 ? 9  VAL A HG11 1 
ATOM   171  H HG12 . VAL A 1 9  ? 0.864  -1.263 1.627   1.00 0.00 ? 9  VAL A HG12 1 
ATOM   172  H HG13 . VAL A 1 9  ? 1.797  -2.756 1.589   1.00 0.00 ? 9  VAL A HG13 1 
ATOM   173  H HG21 . VAL A 1 9  ? 1.271  -4.424 3.800   1.00 0.00 ? 9  VAL A HG21 1 
ATOM   174  H HG22 . VAL A 1 9  ? 0.014  -3.797 4.865   1.00 0.00 ? 9  VAL A HG22 1 
ATOM   175  H HG23 . VAL A 1 9  ? 1.526  -2.911 4.673   1.00 0.00 ? 9  VAL A HG23 1 
ATOM   176  N N    . ILE A 1 10 ? 0.767  0.052  4.111   1.00 0.00 ? 10 ILE A N    1 
ATOM   177  C CA   . ILE A 1 10 ? 1.495  0.930  5.024   1.00 0.00 ? 10 ILE A CA   1 
ATOM   178  C C    . ILE A 1 10 ? 0.547  1.478  6.077   1.00 0.00 ? 10 ILE A C    1 
ATOM   179  O O    . ILE A 1 10 ? 0.916  1.632  7.242   1.00 0.00 ? 10 ILE A O    1 
ATOM   180  C CB   . ILE A 1 10 ? 2.134  2.095  4.261   1.00 0.00 ? 10 ILE A CB   1 
ATOM   181  C CG1  . ILE A 1 10 ? 3.052  1.558  3.161   1.00 0.00 ? 10 ILE A CG1  1 
ATOM   182  C CG2  . ILE A 1 10 ? 2.944  2.964  5.225   1.00 0.00 ? 10 ILE A CG2  1 
ATOM   183  C CD1  . ILE A 1 10 ? 4.116  0.630  3.758   1.00 0.00 ? 10 ILE A CD1  1 
ATOM   184  H H    . ILE A 1 10 ? 0.914  0.125  3.143   1.00 0.00 ? 10 ILE A H    1 
ATOM   185  H HA   . ILE A 1 10 ? 2.265  0.359  5.517   1.00 0.00 ? 10 ILE A HA   1 
ATOM   186  H HB   . ILE A 1 10 ? 1.355  2.696  3.815   1.00 0.00 ? 10 ILE A HB   1 
ATOM   187  H HG12 . ILE A 1 10 ? 2.463  1.010  2.446   1.00 0.00 ? 10 ILE A HG12 1 
ATOM   188  H HG13 . ILE A 1 10 ? 3.539  2.385  2.665   1.00 0.00 ? 10 ILE A HG13 1 
ATOM   189  H HG21 . ILE A 1 10 ? 3.417  3.765  4.675   1.00 0.00 ? 10 ILE A HG21 1 
ATOM   190  H HG22 . ILE A 1 10 ? 3.701  2.361  5.704   1.00 0.00 ? 10 ILE A HG22 1 
ATOM   191  H HG23 . ILE A 1 10 ? 2.288  3.381  5.973   1.00 0.00 ? 10 ILE A HG23 1 
ATOM   192  H HD11 . ILE A 1 10 ? 4.971  0.596  3.099   1.00 0.00 ? 10 ILE A HD11 1 
ATOM   193  H HD12 . ILE A 1 10 ? 3.707  -0.363 3.866   1.00 0.00 ? 10 ILE A HD12 1 
ATOM   194  H HD13 . ILE A 1 10 ? 4.422  1.001  4.724   1.00 0.00 ? 10 ILE A HD13 1 
ATOM   195  N N    . ARG A 1 11 ? -0.682 1.751  5.664   1.00 0.00 ? 11 ARG A N    1 
ATOM   196  C CA   . ARG A 1 11 ? -1.679 2.258  6.595   1.00 0.00 ? 11 ARG A CA   1 
ATOM   197  C C    . ARG A 1 11 ? -1.772 1.291  7.757   1.00 0.00 ? 11 ARG A C    1 
ATOM   198  O O    . ARG A 1 11 ? -1.937 1.688  8.912   1.00 0.00 ? 11 ARG A O    1 
ATOM   199  C CB   . ARG A 1 11 ? -3.041 2.388  5.912   1.00 0.00 ? 11 ARG A CB   1 
ATOM   200  C CG   . ARG A 1 11 ? -3.969 3.243  6.779   1.00 0.00 ? 11 ARG A CG   1 
ATOM   201  C CD   . ARG A 1 11 ? -5.428 2.967  6.405   1.00 0.00 ? 11 ARG A CD   1 
ATOM   202  N NE   . ARG A 1 11 ? -6.316 3.848  7.154   1.00 0.00 ? 11 ARG A NE   1 
ATOM   203  C CZ   . ARG A 1 11 ? -7.585 4.015  6.794   1.00 0.00 ? 11 ARG A CZ   1 
ATOM   204  N NH1  . ARG A 1 11 ? -8.059 3.378  5.759   1.00 0.00 ? 11 ARG A NH1  1 
ATOM   205  N NH2  . ARG A 1 11 ? -8.357 4.815  7.477   1.00 0.00 ? 11 ARG A NH2  1 
ATOM   206  H H    . ARG A 1 11 ? -0.923 1.590  4.732   1.00 0.00 ? 11 ARG A H    1 
ATOM   207  H HA   . ARG A 1 11 ? -1.364 3.225  6.961   1.00 0.00 ? 11 ARG A HA   1 
ATOM   208  H HB2  . ARG A 1 11 ? -2.916 2.858  4.946   1.00 0.00 ? 11 ARG A HB2  1 
ATOM   209  H HB3  . ARG A 1 11 ? -3.474 1.407  5.781   1.00 0.00 ? 11 ARG A HB3  1 
ATOM   210  H HG2  . ARG A 1 11 ? -3.814 3.000  7.821   1.00 0.00 ? 11 ARG A HG2  1 
ATOM   211  H HG3  . ARG A 1 11 ? -3.751 4.289  6.619   1.00 0.00 ? 11 ARG A HG3  1 
ATOM   212  H HD2  . ARG A 1 11 ? -5.564 3.138  5.348   1.00 0.00 ? 11 ARG A HD2  1 
ATOM   213  H HD3  . ARG A 1 11 ? -5.666 1.940  6.633   1.00 0.00 ? 11 ARG A HD3  1 
ATOM   214  H HE   . ARG A 1 11 ? -5.972 4.328  7.936   1.00 0.00 ? 11 ARG A HE   1 
ATOM   215  H HH11 . ARG A 1 11 ? -7.468 2.763  5.236   1.00 0.00 ? 11 ARG A HH11 1 
ATOM   216  H HH12 . ARG A 1 11 ? -9.014 3.504  5.487   1.00 0.00 ? 11 ARG A HH12 1 
ATOM   217  H HH21 . ARG A 1 11 ? -7.995 5.302  8.272   1.00 0.00 ? 11 ARG A HH21 1 
ATOM   218  H HH22 . ARG A 1 11 ? -9.311 4.941  7.205   1.00 0.00 ? 11 ARG A HH22 1 
ATOM   219  N N    . LYS A 1 12 ? -1.626 0.013  7.434   1.00 0.00 ? 12 LYS A N    1 
ATOM   220  C CA   . LYS A 1 12 ? -1.648 -1.034 8.436   1.00 0.00 ? 12 LYS A CA   1 
ATOM   221  C C    . LYS A 1 12 ? -0.253 -1.149 9.039   1.00 0.00 ? 12 LYS A C    1 
ATOM   222  O O    . LYS A 1 12 ? -0.096 -1.490 10.211  1.00 0.00 ? 12 LYS A O    1 
ATOM   223  C CB   . LYS A 1 12 ? -2.067 -2.365 7.794   1.00 0.00 ? 12 LYS A CB   1 
ATOM   224  C CG   . LYS A 1 12 ? -2.670 -3.310 8.851   1.00 0.00 ? 12 LYS A CG   1 
ATOM   225  C CD   . LYS A 1 12 ? -1.593 -4.269 9.368   1.00 0.00 ? 12 LYS A CD   1 
ATOM   226  C CE   . LYS A 1 12 ? -2.168 -5.127 10.496  1.00 0.00 ? 12 LYS A CE   1 
ATOM   227  N NZ   . LYS A 1 12 ? -2.835 -4.251 11.500  1.00 0.00 ? 12 LYS A NZ   1 
ATOM   228  H H    . LYS A 1 12 ? -1.471 -0.228 6.497   1.00 0.00 ? 12 LYS A H    1 
ATOM   229  H HA   . LYS A 1 12 ? -2.352 -0.767 9.211   1.00 0.00 ? 12 LYS A HA   1 
ATOM   230  H HB2  . LYS A 1 12 ? -2.802 -2.171 7.027   1.00 0.00 ? 12 LYS A HB2  1 
ATOM   231  H HB3  . LYS A 1 12 ? -1.205 -2.833 7.346   1.00 0.00 ? 12 LYS A HB3  1 
ATOM   232  H HG2  . LYS A 1 12 ? -3.064 -2.734 9.676   1.00 0.00 ? 12 LYS A HG2  1 
ATOM   233  H HG3  . LYS A 1 12 ? -3.468 -3.883 8.403   1.00 0.00 ? 12 LYS A HG3  1 
ATOM   234  H HD2  . LYS A 1 12 ? -1.265 -4.908 8.562   1.00 0.00 ? 12 LYS A HD2  1 
ATOM   235  H HD3  . LYS A 1 12 ? -0.755 -3.700 9.743   1.00 0.00 ? 12 LYS A HD3  1 
ATOM   236  H HE2  . LYS A 1 12 ? -2.888 -5.820 10.087  1.00 0.00 ? 12 LYS A HE2  1 
ATOM   237  H HE3  . LYS A 1 12 ? -1.369 -5.677 10.971  1.00 0.00 ? 12 LYS A HE3  1 
ATOM   238  H HZ1  . LYS A 1 12 ? -3.167 -4.829 12.297  1.00 0.00 ? 12 LYS A HZ1  1 
ATOM   239  H HZ2  . LYS A 1 12 ? -3.644 -3.770 11.056  1.00 0.00 ? 12 LYS A HZ2  1 
ATOM   240  H HZ3  . LYS A 1 12 ? -2.157 -3.543 11.846  1.00 0.00 ? 12 LYS A HZ3  1 
ATOM   241  N N    . PHE A 1 13 ? 0.758  -0.833 8.223   1.00 0.00 ? 13 PHE A N    1 
ATOM   242  C CA   . PHE A 1 13 ? 2.140  -0.875 8.679   1.00 0.00 ? 13 PHE A CA   1 
ATOM   243  C C    . PHE A 1 13 ? 3.090  -0.337 7.615   1.00 0.00 ? 13 PHE A C    1 
ATOM   244  O O    . PHE A 1 13 ? 3.497  -1.063 6.711   1.00 0.00 ? 13 PHE A O    1 
ATOM   245  C CB   . PHE A 1 13 ? 2.529  -2.296 9.086   1.00 0.00 ? 13 PHE A CB   1 
ATOM   246  C CG   . PHE A 1 13 ? 2.713  -3.214 7.893   1.00 0.00 ? 13 PHE A CG   1 
ATOM   247  C CD1  . PHE A 1 13 ? 3.958  -3.314 7.258   1.00 0.00 ? 13 PHE A CD1  1 
ATOM   248  C CD2  . PHE A 1 13 ? 1.643  -3.999 7.449   1.00 0.00 ? 13 PHE A CD2  1 
ATOM   249  C CE1  . PHE A 1 13 ? 4.127  -4.191 6.180   1.00 0.00 ? 13 PHE A CE1  1 
ATOM   250  C CE2  . PHE A 1 13 ? 1.812  -4.873 6.371   1.00 0.00 ? 13 PHE A CE2  1 
ATOM   251  C CZ   . PHE A 1 13 ? 3.055  -4.971 5.736   1.00 0.00 ? 13 PHE A CZ   1 
ATOM   252  H H    . PHE A 1 13 ? 0.568  -0.548 7.304   1.00 0.00 ? 13 PHE A H    1 
ATOM   253  H HA   . PHE A 1 13 ? 2.223  -0.241 9.550   1.00 0.00 ? 13 PHE A HA   1 
ATOM   254  H HB2  . PHE A 1 13 ? 3.446  -2.255 9.637   1.00 0.00 ? 13 PHE A HB2  1 
ATOM   255  H HB3  . PHE A 1 13 ? 1.757  -2.691 9.714   1.00 0.00 ? 13 PHE A HB3  1 
ATOM   256  H HD1  . PHE A 1 13 ? 4.787  -2.712 7.594   1.00 0.00 ? 13 PHE A HD1  1 
ATOM   257  H HD2  . PHE A 1 13 ? 0.683  -3.926 7.933   1.00 0.00 ? 13 PHE A HD2  1 
ATOM   258  H HE1  . PHE A 1 13 ? 5.087  -4.266 5.691   1.00 0.00 ? 13 PHE A HE1  1 
ATOM   259  H HE2  . PHE A 1 13 ? 0.983  -5.477 6.031   1.00 0.00 ? 13 PHE A HE2  1 
ATOM   260  H HZ   . PHE A 1 13 ? 3.187  -5.648 4.905   1.00 0.00 ? 13 PHE A HZ   1 
HETATM 261  N N    . NH2 A 1 14 ? 3.469  0.910  7.670   1.00 0.00 ? 14 NH2 A N    1 
HETATM 262  H HN1  . NH2 A 1 14 ? 3.143  1.490  8.391   1.00 0.00 ? 14 NH2 A HN1  1 
HETATM 263  H HN2  . NH2 A 1 14 ? 4.081  1.265  6.994   1.00 0.00 ? 14 NH2 A HN2  1 
ATOM   264  N N    . ARG A 1 1  ? -0.695 2.260  -9.194  1.00 0.00 ? 1  ARG A N    2 
ATOM   265  C CA   . ARG A 1 1  ? -0.256 1.038  -9.924  1.00 0.00 ? 1  ARG A CA   2 
ATOM   266  C C    . ARG A 1 1  ? -0.056 -0.099 -8.923  1.00 0.00 ? 1  ARG A C    2 
ATOM   267  O O    . ARG A 1 1  ? -0.572 -0.052 -7.808  1.00 0.00 ? 1  ARG A O    2 
ATOM   268  C CB   . ARG A 1 1  ? 1.056  1.336  -10.665 1.00 0.00 ? 1  ARG A CB   2 
ATOM   269  C CG   . ARG A 1 1  ? 1.061  0.619  -12.021 1.00 0.00 ? 1  ARG A CG   2 
ATOM   270  C CD   . ARG A 1 1  ? 2.385  0.887  -12.746 1.00 0.00 ? 1  ARG A CD   2 
ATOM   271  N NE   . ARG A 1 1  ? 2.153  1.166  -14.163 1.00 0.00 ? 1  ARG A NE   2 
ATOM   272  C CZ   . ARG A 1 1  ? 1.292  0.459  -14.892 1.00 0.00 ? 1  ARG A CZ   2 
ATOM   273  N NH1  . ARG A 1 1  ? 0.676  -0.568 -14.374 1.00 0.00 ? 1  ARG A NH1  2 
ATOM   274  N NH2  . ARG A 1 1  ? 1.078  0.781  -16.139 1.00 0.00 ? 1  ARG A NH2  2 
ATOM   275  H H1   . ARG A 1 1  ? -0.331 2.234  -8.221  1.00 0.00 ? 1  ARG A H1   2 
ATOM   276  H H2   . ARG A 1 1  ? -1.734 2.299  -9.177  1.00 0.00 ? 1  ARG A H2   2 
ATOM   277  H H3   . ARG A 1 1  ? -0.324 3.105  -9.676  1.00 0.00 ? 1  ARG A H3   2 
ATOM   278  H HA   . ARG A 1 1  ? -1.019 0.757  -10.635 1.00 0.00 ? 1  ARG A HA   2 
ATOM   279  H HB2  . ARG A 1 1  ? 1.142  2.401  -10.823 1.00 0.00 ? 1  ARG A HB2  2 
ATOM   280  H HB3  . ARG A 1 1  ? 1.893  0.992  -10.076 1.00 0.00 ? 1  ARG A HB3  2 
ATOM   281  H HG2  . ARG A 1 1  ? 0.942  -0.443 -11.862 1.00 0.00 ? 1  ARG A HG2  2 
ATOM   282  H HG3  . ARG A 1 1  ? 0.242  0.986  -12.621 1.00 0.00 ? 1  ARG A HG3  2 
ATOM   283  H HD2  . ARG A 1 1  ? 2.867  1.747  -12.306 1.00 0.00 ? 1  ARG A HD2  2 
ATOM   284  H HD3  . ARG A 1 1  ? 3.034  0.026  -12.637 1.00 0.00 ? 1  ARG A HD3  2 
ATOM   285  H HE   . ARG A 1 1  ? 2.633  1.912  -14.586 1.00 0.00 ? 1  ARG A HE   2 
ATOM   286  H HH11 . ARG A 1 1  ? 0.851  -0.830 -13.428 1.00 0.00 ? 1  ARG A HH11 2 
ATOM   287  H HH12 . ARG A 1 1  ? 0.029  -1.094 -14.927 1.00 0.00 ? 1  ARG A HH12 2 
ATOM   288  H HH21 . ARG A 1 1  ? 1.562  1.557  -16.544 1.00 0.00 ? 1  ARG A HH21 2 
ATOM   289  H HH22 . ARG A 1 1  ? 0.433  0.252  -16.689 1.00 0.00 ? 1  ARG A HH22 2 
ATOM   290  N N    . LEU A 1 2  ? 0.695  -1.119 -9.329  1.00 0.00 ? 2  LEU A N    2 
ATOM   291  C CA   . LEU A 1 2  ? 0.950  -2.257 -8.456  1.00 0.00 ? 2  LEU A CA   2 
ATOM   292  C C    . LEU A 1 2  ? 1.396  -1.796 -7.085  1.00 0.00 ? 2  LEU A C    2 
ATOM   293  O O    . LEU A 1 2  ? 1.327  -2.548 -6.114  1.00 0.00 ? 2  LEU A O    2 
ATOM   294  C CB   . LEU A 1 2  ? 1.984  -3.196 -9.101  1.00 0.00 ? 2  LEU A CB   2 
ATOM   295  C CG   . LEU A 1 2  ? 3.417  -2.694 -8.943  1.00 0.00 ? 2  LEU A CG   2 
ATOM   296  C CD1  . LEU A 1 2  ? 3.519  -1.248 -9.435  1.00 0.00 ? 2  LEU A CD1  2 
ATOM   297  C CD2  . LEU A 1 2  ? 3.846  -2.812 -7.479  1.00 0.00 ? 2  LEU A CD2  2 
ATOM   298  H H    . LEU A 1 2  ? 1.080  -1.105 -10.228 1.00 0.00 ? 2  LEU A H    2 
ATOM   299  H HA   . LEU A 1 2  ? 0.039  -2.807 -8.327  1.00 0.00 ? 2  LEU A HA   2 
ATOM   300  H HB2  . LEU A 1 2  ? 1.908  -4.169 -8.653  1.00 0.00 ? 2  LEU A HB2  2 
ATOM   301  H HB3  . LEU A 1 2  ? 1.769  -3.270 -10.146 1.00 0.00 ? 2  LEU A HB3  2 
ATOM   302  H HG   . LEU A 1 2  ? 4.065  -3.311 -9.549  1.00 0.00 ? 2  LEU A HG   2 
ATOM   303  H HD11 . LEU A 1 2  ? 2.886  -1.117 -10.301 1.00 0.00 ? 2  LEU A HD11 2 
ATOM   304  H HD12 . LEU A 1 2  ? 4.540  -1.033 -9.705  1.00 0.00 ? 2  LEU A HD12 2 
ATOM   305  H HD13 . LEU A 1 2  ? 3.203  -0.578 -8.659  1.00 0.00 ? 2  LEU A HD13 2 
ATOM   306  H HD21 . LEU A 1 2  ? 3.242  -3.558 -6.980  1.00 0.00 ? 2  LEU A HD21 2 
ATOM   307  H HD22 . LEU A 1 2  ? 3.720  -1.867 -6.989  1.00 0.00 ? 2  LEU A HD22 2 
ATOM   308  H HD23 . LEU A 1 2  ? 4.881  -3.103 -7.434  1.00 0.00 ? 2  LEU A HD23 2 
ATOM   309  N N    . PHE A 1 3  ? 1.860  -0.560 -7.009  1.00 0.00 ? 3  PHE A N    2 
ATOM   310  C CA   . PHE A 1 3  ? 2.324  -0.014 -5.750  1.00 0.00 ? 3  PHE A CA   2 
ATOM   311  C C    . PHE A 1 3  ? 1.174  0.586  -4.956  1.00 0.00 ? 3  PHE A C    2 
ATOM   312  O O    . PHE A 1 3  ? 1.200  0.592  -3.725  1.00 0.00 ? 3  PHE A O    2 
ATOM   313  C CB   . PHE A 1 3  ? 3.407  1.026  -6.009  1.00 0.00 ? 3  PHE A CB   2 
ATOM   314  C CG   . PHE A 1 3  ? 4.658  0.318  -6.482  1.00 0.00 ? 3  PHE A CG   2 
ATOM   315  C CD1  . PHE A 1 3  ? 5.318  -0.581 -5.631  1.00 0.00 ? 3  PHE A CD1  2 
ATOM   316  C CD2  . PHE A 1 3  ? 5.165  0.568  -7.762  1.00 0.00 ? 3  PHE A CD2  2 
ATOM   317  C CE1  . PHE A 1 3  ? 6.481  -1.228 -6.064  1.00 0.00 ? 3  PHE A CE1  2 
ATOM   318  C CE2  . PHE A 1 3  ? 6.334  -0.074 -8.191  1.00 0.00 ? 3  PHE A CE2  2 
ATOM   319  C CZ   . PHE A 1 3  ? 6.992  -0.972 -7.340  1.00 0.00 ? 3  PHE A CZ   2 
ATOM   320  H H    . PHE A 1 3  ? 1.894  -0.005 -7.817  1.00 0.00 ? 3  PHE A H    2 
ATOM   321  H HA   . PHE A 1 3  ? 2.753  -0.815 -5.171  1.00 0.00 ? 3  PHE A HA   2 
ATOM   322  H HB2  . PHE A 1 3  ? 3.070  1.717  -6.769  1.00 0.00 ? 3  PHE A HB2  2 
ATOM   323  H HB3  . PHE A 1 3  ? 3.620  1.562  -5.099  1.00 0.00 ? 3  PHE A HB3  2 
ATOM   324  H HD1  . PHE A 1 3  ? 4.915  -0.795 -4.653  1.00 0.00 ? 3  PHE A HD1  2 
ATOM   325  H HD2  . PHE A 1 3  ? 4.646  1.244  -8.427  1.00 0.00 ? 3  PHE A HD2  2 
ATOM   326  H HE1  . PHE A 1 3  ? 6.990  -1.920 -5.409  1.00 0.00 ? 3  PHE A HE1  2 
ATOM   327  H HE2  . PHE A 1 3  ? 6.726  0.119  -9.178  1.00 0.00 ? 3  PHE A HE2  2 
ATOM   328  H HZ   . PHE A 1 3  ? 7.893  -1.467 -7.673  1.00 0.00 ? 3  PHE A HZ   2 
ATOM   329  N N    . ASP A 1 4  ? 0.152  1.071  -5.653  1.00 0.00 ? 4  ASP A N    2 
ATOM   330  C CA   . ASP A 1 4  ? -0.998 1.638  -4.973  1.00 0.00 ? 4  ASP A CA   2 
ATOM   331  C C    . ASP A 1 4  ? -1.448 0.671  -3.887  1.00 0.00 ? 4  ASP A C    2 
ATOM   332  O O    . ASP A 1 4  ? -2.109 1.053  -2.921  1.00 0.00 ? 4  ASP A O    2 
ATOM   333  C CB   . ASP A 1 4  ? -2.134 1.872  -5.968  1.00 0.00 ? 4  ASP A CB   2 
ATOM   334  C CG   . ASP A 1 4  ? -1.824 3.084  -6.839  1.00 0.00 ? 4  ASP A CG   2 
ATOM   335  O OD1  . ASP A 1 4  ? -0.667 3.466  -6.900  1.00 0.00 ? 4  ASP A OD1  2 
ATOM   336  O OD2  . ASP A 1 4  ? -2.748 3.614  -7.434  1.00 0.00 ? 4  ASP A OD2  2 
ATOM   337  H H    . ASP A 1 4  ? 0.165  1.032  -6.632  1.00 0.00 ? 4  ASP A H    2 
ATOM   338  H HA   . ASP A 1 4  ? -0.719 2.578  -4.521  1.00 0.00 ? 4  ASP A HA   2 
ATOM   339  H HB2  . ASP A 1 4  ? -2.247 1.000  -6.593  1.00 0.00 ? 4  ASP A HB2  2 
ATOM   340  H HB3  . ASP A 1 4  ? -3.048 2.046  -5.428  1.00 0.00 ? 4  ASP A HB3  2 
ATOM   341  N N    . LYS A 1 5  ? -1.061 -0.591 -4.062  1.00 0.00 ? 5  LYS A N    2 
ATOM   342  C CA   . LYS A 1 5  ? -1.394 -1.636 -3.108  1.00 0.00 ? 5  LYS A CA   2 
ATOM   343  C C    . LYS A 1 5  ? -0.332 -1.697 -2.012  1.00 0.00 ? 5  LYS A C    2 
ATOM   344  O O    . LYS A 1 5  ? -0.626 -2.037 -0.865  1.00 0.00 ? 5  LYS A O    2 
ATOM   345  C CB   . LYS A 1 5  ? -1.487 -2.986 -3.832  1.00 0.00 ? 5  LYS A CB   2 
ATOM   346  C CG   . LYS A 1 5  ? -1.433 -4.132 -2.813  1.00 0.00 ? 5  LYS A CG   2 
ATOM   347  C CD   . LYS A 1 5  ? -2.047 -5.403 -3.420  1.00 0.00 ? 5  LYS A CD   2 
ATOM   348  C CE   . LYS A 1 5  ? -3.532 -5.486 -3.058  1.00 0.00 ? 5  LYS A CE   2 
ATOM   349  N NZ   . LYS A 1 5  ? -4.164 -4.145 -3.218  1.00 0.00 ? 5  LYS A NZ   2 
ATOM   350  H H    . LYS A 1 5  ? -0.528 -0.819 -4.852  1.00 0.00 ? 5  LYS A H    2 
ATOM   351  H HA   . LYS A 1 5  ? -2.351 -1.413 -2.659  1.00 0.00 ? 5  LYS A HA   2 
ATOM   352  H HB2  . LYS A 1 5  ? -2.419 -3.033 -4.378  1.00 0.00 ? 5  LYS A HB2  2 
ATOM   353  H HB3  . LYS A 1 5  ? -0.662 -3.080 -4.526  1.00 0.00 ? 5  LYS A HB3  2 
ATOM   354  H HG2  . LYS A 1 5  ? -0.404 -4.322 -2.547  1.00 0.00 ? 5  LYS A HG2  2 
ATOM   355  H HG3  . LYS A 1 5  ? -1.985 -3.853 -1.927  1.00 0.00 ? 5  LYS A HG3  2 
ATOM   356  H HD2  . LYS A 1 5  ? -1.940 -5.379 -4.496  1.00 0.00 ? 5  LYS A HD2  2 
ATOM   357  H HD3  . LYS A 1 5  ? -1.536 -6.271 -3.030  1.00 0.00 ? 5  LYS A HD3  2 
ATOM   358  H HE2  . LYS A 1 5  ? -4.023 -6.194 -3.710  1.00 0.00 ? 5  LYS A HE2  2 
ATOM   359  H HE3  . LYS A 1 5  ? -3.635 -5.812 -2.033  1.00 0.00 ? 5  LYS A HE3  2 
ATOM   360  H HZ1  . LYS A 1 5  ? -5.157 -4.191 -2.919  1.00 0.00 ? 5  LYS A HZ1  2 
ATOM   361  H HZ2  . LYS A 1 5  ? -4.113 -3.856 -4.215  1.00 0.00 ? 5  LYS A HZ2  2 
ATOM   362  H HZ3  . LYS A 1 5  ? -3.659 -3.453 -2.629  1.00 0.00 ? 5  LYS A HZ3  2 
ATOM   363  N N    . ILE A 1 6  ? 0.905  -1.356 -2.374  1.00 0.00 ? 6  ILE A N    2 
ATOM   364  C CA   . ILE A 1 6  ? 2.004  -1.365 -1.415  1.00 0.00 ? 6  ILE A CA   2 
ATOM   365  C C    . ILE A 1 6  ? 1.884  -0.170 -0.473  1.00 0.00 ? 6  ILE A C    2 
ATOM   366  O O    . ILE A 1 6  ? 2.488  -0.152 0.598   1.00 0.00 ? 6  ILE A O    2 
ATOM   367  C CB   . ILE A 1 6  ? 3.355  -1.327 -2.154  1.00 0.00 ? 6  ILE A CB   2 
ATOM   368  C CG1  . ILE A 1 6  ? 3.734  -2.743 -2.609  1.00 0.00 ? 6  ILE A CG1  2 
ATOM   369  C CG2  . ILE A 1 6  ? 4.446  -0.798 -1.219  1.00 0.00 ? 6  ILE A CG2  2 
ATOM   370  C CD1  . ILE A 1 6  ? 2.551  -3.397 -3.326  1.00 0.00 ? 6  ILE A CD1  2 
ATOM   371  H H    . ILE A 1 6  ? 1.077  -1.088 -3.300  1.00 0.00 ? 6  ILE A H    2 
ATOM   372  H HA   . ILE A 1 6  ? 1.951  -2.273 -0.828  1.00 0.00 ? 6  ILE A HA   2 
ATOM   373  H HB   . ILE A 1 6  ? 3.278  -0.678 -3.019  1.00 0.00 ? 6  ILE A HB   2 
ATOM   374  H HG12 . ILE A 1 6  ? 4.577  -2.689 -3.284  1.00 0.00 ? 6  ILE A HG12 2 
ATOM   375  H HG13 . ILE A 1 6  ? 4.002  -3.336 -1.748  1.00 0.00 ? 6  ILE A HG13 2 
ATOM   376  H HG21 . ILE A 1 6  ? 4.353  -1.269 -0.252  1.00 0.00 ? 6  ILE A HG21 2 
ATOM   377  H HG22 . ILE A 1 6  ? 4.341  0.272  -1.111  1.00 0.00 ? 6  ILE A HG22 2 
ATOM   378  H HG23 . ILE A 1 6  ? 5.418  -1.021 -1.635  1.00 0.00 ? 6  ILE A HG23 2 
ATOM   379  H HD11 . ILE A 1 6  ? 1.850  -3.771 -2.595  1.00 0.00 ? 6  ILE A HD11 2 
ATOM   380  H HD12 . ILE A 1 6  ? 2.906  -4.215 -3.933  1.00 0.00 ? 6  ILE A HD12 2 
ATOM   381  H HD13 . ILE A 1 6  ? 2.062  -2.670 -3.955  1.00 0.00 ? 6  ILE A HD13 2 
ATOM   382  N N    . ARG A 1 7  ? 1.101  0.824  -0.880  1.00 0.00 ? 7  ARG A N    2 
ATOM   383  C CA   . ARG A 1 7  ? 0.897  2.015  -0.058  1.00 0.00 ? 7  ARG A CA   2 
ATOM   384  C C    . ARG A 1 7  ? -0.199 1.772  0.975   1.00 0.00 ? 7  ARG A C    2 
ATOM   385  O O    . ARG A 1 7  ? -0.019 2.040  2.162   1.00 0.00 ? 7  ARG A O    2 
ATOM   386  C CB   . ARG A 1 7  ? 0.517  3.203  -0.944  1.00 0.00 ? 7  ARG A CB   2 
ATOM   387  C CG   . ARG A 1 7  ? 0.470  4.479  -0.096  1.00 0.00 ? 7  ARG A CG   2 
ATOM   388  C CD   . ARG A 1 7  ? 0.336  5.713  -1.005  1.00 0.00 ? 7  ARG A CD   2 
ATOM   389  N NE   . ARG A 1 7  ? -0.791 6.555  -0.590  1.00 0.00 ? 7  ARG A NE   2 
ATOM   390  C CZ   . ARG A 1 7  ? -2.003 6.061  -0.347  1.00 0.00 ? 7  ARG A CZ   2 
ATOM   391  N NH1  . ARG A 1 7  ? -2.250 4.795  -0.546  1.00 0.00 ? 7  ARG A NH1  2 
ATOM   392  N NH2  . ARG A 1 7  ? -2.955 6.849  0.070   1.00 0.00 ? 7  ARG A NH2  2 
ATOM   393  H H    . ARG A 1 7  ? 0.645  0.752  -1.744  1.00 0.00 ? 7  ARG A H    2 
ATOM   394  H HA   . ARG A 1 7  ? 1.816  2.245  0.463   1.00 0.00 ? 7  ARG A HA   2 
ATOM   395  H HB2  . ARG A 1 7  ? 1.253  3.316  -1.728  1.00 0.00 ? 7  ARG A HB2  2 
ATOM   396  H HB3  . ARG A 1 7  ? -0.452 3.027  -1.385  1.00 0.00 ? 7  ARG A HB3  2 
ATOM   397  H HG2  . ARG A 1 7  ? -0.367 4.430  0.581   1.00 0.00 ? 7  ARG A HG2  2 
ATOM   398  H HG3  . ARG A 1 7  ? 1.383  4.556  0.476   1.00 0.00 ? 7  ARG A HG3  2 
ATOM   399  H HD2  . ARG A 1 7  ? 1.233  6.304  -0.931  1.00 0.00 ? 7  ARG A HD2  2 
ATOM   400  H HD3  . ARG A 1 7  ? 0.216  5.391  -2.036  1.00 0.00 ? 7  ARG A HD3  2 
ATOM   401  H HE   . ARG A 1 7  ? -0.642 7.518  -0.469  1.00 0.00 ? 7  ARG A HE   2 
ATOM   402  H HH11 . ARG A 1 7  ? -1.529 4.193  -0.882  1.00 0.00 ? 7  ARG A HH11 2 
ATOM   403  H HH12 . ARG A 1 7  ? -3.162 4.428  -0.361  1.00 0.00 ? 7  ARG A HH12 2 
ATOM   404  H HH21 . ARG A 1 7  ? -2.773 7.823  0.207   1.00 0.00 ? 7  ARG A HH21 2 
ATOM   405  H HH22 . ARG A 1 7  ? -3.867 6.481  0.254   1.00 0.00 ? 7  ARG A HH22 2 
ATOM   406  N N    . GLN A 1 8  ? -1.337 1.267  0.509   1.00 0.00 ? 8  GLN A N    2 
ATOM   407  C CA   . GLN A 1 8  ? -2.464 0.995  1.391   1.00 0.00 ? 8  GLN A CA   2 
ATOM   408  C C    . GLN A 1 8  ? -2.014 0.204  2.616   1.00 0.00 ? 8  GLN A C    2 
ATOM   409  O O    . GLN A 1 8  ? -2.354 0.550  3.747   1.00 0.00 ? 8  GLN A O    2 
ATOM   410  C CB   . GLN A 1 8  ? -3.530 0.203  0.628   1.00 0.00 ? 8  GLN A CB   2 
ATOM   411  C CG   . GLN A 1 8  ? -4.346 1.155  -0.250  1.00 0.00 ? 8  GLN A CG   2 
ATOM   412  C CD   . GLN A 1 8  ? -5.280 1.994  0.617   1.00 0.00 ? 8  GLN A CD   2 
ATOM   413  O OE1  . GLN A 1 8  ? -6.012 2.839  0.104   1.00 0.00 ? 8  GLN A OE1  2 
ATOM   414  N NE2  . GLN A 1 8  ? -5.296 1.809  1.909   1.00 0.00 ? 8  GLN A NE2  2 
ATOM   415  H H    . GLN A 1 8  ? -1.423 1.075  -0.447  1.00 0.00 ? 8  GLN A H    2 
ATOM   416  H HA   . GLN A 1 8  ? -2.890 1.932  1.715   1.00 0.00 ? 8  GLN A HA   2 
ATOM   417  H HB2  . GLN A 1 8  ? -3.051 -0.539 0.007   1.00 0.00 ? 8  GLN A HB2  2 
ATOM   418  H HB3  . GLN A 1 8  ? -4.186 -0.286 1.330   1.00 0.00 ? 8  GLN A HB3  2 
ATOM   419  H HG2  . GLN A 1 8  ? -3.675 1.808  -0.790  1.00 0.00 ? 8  GLN A HG2  2 
ATOM   420  H HG3  . GLN A 1 8  ? -4.930 0.580  -0.954  1.00 0.00 ? 8  GLN A HG3  2 
ATOM   421  H HE21 . GLN A 1 8  ? -4.713 1.134  2.315   1.00 0.00 ? 8  GLN A HE21 2 
ATOM   422  H HE22 . GLN A 1 8  ? -5.893 2.343  2.471   1.00 0.00 ? 8  GLN A HE22 2 
ATOM   423  N N    . VAL A 1 9  ? -1.253 -0.858 2.385   1.00 0.00 ? 9  VAL A N    2 
ATOM   424  C CA   . VAL A 1 9  ? -0.770 -1.687 3.481   1.00 0.00 ? 9  VAL A CA   2 
ATOM   425  C C    . VAL A 1 9  ? -0.103 -0.831 4.551   1.00 0.00 ? 9  VAL A C    2 
ATOM   426  O O    . VAL A 1 9  ? -0.401 -0.965 5.737   1.00 0.00 ? 9  VAL A O    2 
ATOM   427  C CB   . VAL A 1 9  ? 0.234  -2.717 2.962   1.00 0.00 ? 9  VAL A CB   2 
ATOM   428  C CG1  . VAL A 1 9  ? 1.393  -1.998 2.277   1.00 0.00 ? 9  VAL A CG1  2 
ATOM   429  C CG2  . VAL A 1 9  ? 0.762  -3.537 4.138   1.00 0.00 ? 9  VAL A CG2  2 
ATOM   430  H H    . VAL A 1 9  ? -1.014 -1.088 1.461   1.00 0.00 ? 9  VAL A H    2 
ATOM   431  H HA   . VAL A 1 9  ? -1.606 -2.209 3.921   1.00 0.00 ? 9  VAL A HA   2 
ATOM   432  H HB   . VAL A 1 9  ? -0.255 -3.370 2.254   1.00 0.00 ? 9  VAL A HB   2 
ATOM   433  H HG11 . VAL A 1 9  ? 1.891  -2.678 1.602   1.00 0.00 ? 9  VAL A HG11 2 
ATOM   434  H HG12 . VAL A 1 9  ? 2.092  -1.651 3.021   1.00 0.00 ? 9  VAL A HG12 2 
ATOM   435  H HG13 . VAL A 1 9  ? 1.009  -1.158 1.724   1.00 0.00 ? 9  VAL A HG13 2 
ATOM   436  H HG21 . VAL A 1 9  ? 1.479  -2.950 4.696   1.00 0.00 ? 9  VAL A HG21 2 
ATOM   437  H HG22 . VAL A 1 9  ? 1.241  -4.432 3.767   1.00 0.00 ? 9  VAL A HG22 2 
ATOM   438  H HG23 . VAL A 1 9  ? -0.060 -3.807 4.781   1.00 0.00 ? 9  VAL A HG23 2 
ATOM   439  N N    . ILE A 1 10 ? 0.799  0.051  4.129   1.00 0.00 ? 10 ILE A N    2 
ATOM   440  C CA   . ILE A 1 10 ? 1.492  0.922  5.074   1.00 0.00 ? 10 ILE A CA   2 
ATOM   441  C C    . ILE A 1 10 ? 0.496  1.500  6.063   1.00 0.00 ? 10 ILE A C    2 
ATOM   442  O O    . ILE A 1 10 ? 0.821  1.732  7.228   1.00 0.00 ? 10 ILE A O    2 
ATOM   443  C CB   . ILE A 1 10 ? 2.196  2.061  4.330   1.00 0.00 ? 10 ILE A CB   2 
ATOM   444  C CG1  . ILE A 1 10 ? 3.133  1.485  3.260   1.00 0.00 ? 10 ILE A CG1  2 
ATOM   445  C CG2  . ILE A 1 10 ? 3.003  2.911  5.317   1.00 0.00 ? 10 ILE A CG2  2 
ATOM   446  C CD1  . ILE A 1 10 ? 4.165  0.551  3.900   1.00 0.00 ? 10 ILE A CD1  2 
ATOM   447  H H    . ILE A 1 10 ? 1.000  0.116  3.172   1.00 0.00 ? 10 ILE A H    2 
ATOM   448  H HA   . ILE A 1 10 ? 2.222  0.341  5.616   1.00 0.00 ? 10 ILE A HA   2 
ATOM   449  H HB   . ILE A 1 10 ? 1.454  2.685  3.855   1.00 0.00 ? 10 ILE A HB   2 
ATOM   450  H HG12 . ILE A 1 10 ? 2.549  0.934  2.542   1.00 0.00 ? 10 ILE A HG12 2 
ATOM   451  H HG13 . ILE A 1 10 ? 3.645  2.294  2.760   1.00 0.00 ? 10 ILE A HG13 2 
ATOM   452  H HG21 . ILE A 1 10 ? 2.352  3.270  6.100   1.00 0.00 ? 10 ILE A HG21 2 
ATOM   453  H HG22 . ILE A 1 10 ? 3.434  3.754  4.795   1.00 0.00 ? 10 ILE A HG22 2 
ATOM   454  H HG23 . ILE A 1 10 ? 3.790  2.315  5.748   1.00 0.00 ? 10 ILE A HG23 2 
ATOM   455  H HD11 . ILE A 1 10 ? 4.484  0.954  4.848   1.00 0.00 ? 10 ILE A HD11 2 
ATOM   456  H HD12 . ILE A 1 10 ? 5.017  0.457  3.244   1.00 0.00 ? 10 ILE A HD12 2 
ATOM   457  H HD13 . ILE A 1 10 ? 3.724  -0.422 4.054   1.00 0.00 ? 10 ILE A HD13 2 
ATOM   458  N N    . ARG A 1 11 ? -0.726 1.711  5.596   1.00 0.00 ? 11 ARG A N    2 
ATOM   459  C CA   . ARG A 1 11 ? -1.771 2.239  6.459   1.00 0.00 ? 11 ARG A CA   2 
ATOM   460  C C    . ARG A 1 11 ? -1.904 1.321  7.660   1.00 0.00 ? 11 ARG A C    2 
ATOM   461  O O    . ARG A 1 11 ? -2.129 1.766  8.785   1.00 0.00 ? 11 ARG A O    2 
ATOM   462  C CB   . ARG A 1 11 ? -3.100 2.319  5.702   1.00 0.00 ? 11 ARG A CB   2 
ATOM   463  C CG   . ARG A 1 11 ? -4.039 3.295  6.414   1.00 0.00 ? 11 ARG A CG   2 
ATOM   464  C CD   . ARG A 1 11 ? -5.337 3.441  5.613   1.00 0.00 ? 11 ARG A CD   2 
ATOM   465  N NE   . ARG A 1 11 ? -6.244 2.340  5.917   1.00 0.00 ? 11 ARG A NE   2 
ATOM   466  C CZ   . ARG A 1 11 ? -7.532 2.403  5.598   1.00 0.00 ? 11 ARG A CZ   2 
ATOM   467  N NH1  . ARG A 1 11 ? -8.004 3.463  4.997   1.00 0.00 ? 11 ARG A NH1  2 
ATOM   468  N NH2  . ARG A 1 11 ? -8.326 1.407  5.883   1.00 0.00 ? 11 ARG A NH2  2 
ATOM   469  H H    . ARG A 1 11 ? -0.929 1.488  4.665   1.00 0.00 ? 11 ARG A H    2 
ATOM   470  H HA   . ARG A 1 11 ? -1.487 3.227  6.794   1.00 0.00 ? 11 ARG A HA   2 
ATOM   471  H HB2  . ARG A 1 11 ? -2.917 2.664  4.694   1.00 0.00 ? 11 ARG A HB2  2 
ATOM   472  H HB3  . ARG A 1 11 ? -3.556 1.342  5.669   1.00 0.00 ? 11 ARG A HB3  2 
ATOM   473  H HG2  . ARG A 1 11 ? -4.266 2.921  7.402   1.00 0.00 ? 11 ARG A HG2  2 
ATOM   474  H HG3  . ARG A 1 11 ? -3.562 4.261  6.497   1.00 0.00 ? 11 ARG A HG3  2 
ATOM   475  H HD2  . ARG A 1 11 ? -5.814 4.375  5.871   1.00 0.00 ? 11 ARG A HD2  2 
ATOM   476  H HD3  . ARG A 1 11 ? -5.111 3.437  4.557   1.00 0.00 ? 11 ARG A HD3  2 
ATOM   477  H HE   . ARG A 1 11 ? -5.898 1.541  6.366   1.00 0.00 ? 11 ARG A HE   2 
ATOM   478  H HH11 . ARG A 1 11 ? -7.395 4.226  4.778   1.00 0.00 ? 11 ARG A HH11 2 
ATOM   479  H HH12 . ARG A 1 11 ? -8.973 3.512  4.757   1.00 0.00 ? 11 ARG A HH12 2 
ATOM   480  H HH21 . ARG A 1 11 ? -7.964 0.597  6.342   1.00 0.00 ? 11 ARG A HH21 2 
ATOM   481  H HH22 . ARG A 1 11 ? -9.295 1.456  5.642   1.00 0.00 ? 11 ARG A HH22 2 
ATOM   482  N N    . LYS A 1 12 ? -1.720 0.033  7.400   1.00 0.00 ? 12 LYS A N    2 
ATOM   483  C CA   . LYS A 1 12 ? -1.770 -0.969 8.447   1.00 0.00 ? 12 LYS A CA   2 
ATOM   484  C C    . LYS A 1 12 ? -0.390 -1.083 9.077   1.00 0.00 ? 12 LYS A C    2 
ATOM   485  O O    . LYS A 1 12 ? -0.257 -1.387 10.263  1.00 0.00 ? 12 LYS A O    2 
ATOM   486  C CB   . LYS A 1 12 ? -2.196 -2.318 7.863   1.00 0.00 ? 12 LYS A CB   2 
ATOM   487  C CG   . LYS A 1 12 ? -2.376 -3.336 8.991   1.00 0.00 ? 12 LYS A CG   2 
ATOM   488  C CD   . LYS A 1 12 ? -2.669 -4.713 8.391   1.00 0.00 ? 12 LYS A CD   2 
ATOM   489  C CE   . LYS A 1 12 ? -2.746 -5.754 9.510   1.00 0.00 ? 12 LYS A CE   2 
ATOM   490  N NZ   . LYS A 1 12 ? -3.652 -5.262 10.585  1.00 0.00 ? 12 LYS A NZ   2 
ATOM   491  H H    . LYS A 1 12 ? -1.514 -0.245 6.483   1.00 0.00 ? 12 LYS A H    2 
ATOM   492  H HA   . LYS A 1 12 ? -2.483 -0.664 9.201   1.00 0.00 ? 12 LYS A HA   2 
ATOM   493  H HB2  . LYS A 1 12 ? -3.130 -2.199 7.333   1.00 0.00 ? 12 LYS A HB2  2 
ATOM   494  H HB3  . LYS A 1 12 ? -1.437 -2.669 7.181   1.00 0.00 ? 12 LYS A HB3  2 
ATOM   495  H HG2  . LYS A 1 12 ? -1.471 -3.384 9.581   1.00 0.00 ? 12 LYS A HG2  2 
ATOM   496  H HG3  . LYS A 1 12 ? -3.201 -3.037 9.619   1.00 0.00 ? 12 LYS A HG3  2 
ATOM   497  H HD2  . LYS A 1 12 ? -3.610 -4.682 7.862   1.00 0.00 ? 12 LYS A HD2  2 
ATOM   498  H HD3  . LYS A 1 12 ? -1.879 -4.982 7.705   1.00 0.00 ? 12 LYS A HD3  2 
ATOM   499  H HE2  . LYS A 1 12 ? -3.130 -6.682 9.111   1.00 0.00 ? 12 LYS A HE2  2 
ATOM   500  H HE3  . LYS A 1 12 ? -1.759 -5.918 9.916   1.00 0.00 ? 12 LYS A HE3  2 
ATOM   501  H HZ1  . LYS A 1 12 ? -3.109 -4.684 11.258  1.00 0.00 ? 12 LYS A HZ1  2 
ATOM   502  H HZ2  . LYS A 1 12 ? -4.070 -6.075 11.083  1.00 0.00 ? 12 LYS A HZ2  2 
ATOM   503  H HZ3  . LYS A 1 12 ? -4.407 -4.686 10.165  1.00 0.00 ? 12 LYS A HZ3  2 
ATOM   504  N N    . PHE A 1 13 ? 0.643  -0.810 8.272   1.00 0.00 ? 13 PHE A N    2 
ATOM   505  C CA   . PHE A 1 13 ? 2.011  -0.860 8.759   1.00 0.00 ? 13 PHE A CA   2 
ATOM   506  C C    . PHE A 1 13 ? 2.993  -0.344 7.714   1.00 0.00 ? 13 PHE A C    2 
ATOM   507  O O    . PHE A 1 13 ? 3.458  -1.098 6.863   1.00 0.00 ? 13 PHE A O    2 
ATOM   508  C CB   . PHE A 1 13 ? 2.380  -2.280 9.185   1.00 0.00 ? 13 PHE A CB   2 
ATOM   509  C CG   . PHE A 1 13 ? 2.428  -3.243 8.014   1.00 0.00 ? 13 PHE A CG   2 
ATOM   510  C CD1  . PHE A 1 13 ? 1.276  -3.946 7.639   1.00 0.00 ? 13 PHE A CD1  2 
ATOM   511  C CD2  . PHE A 1 13 ? 3.634  -3.469 7.334   1.00 0.00 ? 13 PHE A CD2  2 
ATOM   512  C CE1  . PHE A 1 13 ? 1.327  -4.865 6.584   1.00 0.00 ? 13 PHE A CE1  2 
ATOM   513  C CE2  . PHE A 1 13 ? 3.683  -4.391 6.282   1.00 0.00 ? 13 PHE A CE2  2 
ATOM   514  C CZ   . PHE A 1 13 ? 2.531  -5.088 5.907   1.00 0.00 ? 13 PHE A CZ   2 
ATOM   515  H H    . PHE A 1 13 ? 0.474  -0.556 7.339   1.00 0.00 ? 13 PHE A H    2 
ATOM   516  H HA   . PHE A 1 13 ? 2.081  -0.220 9.626   1.00 0.00 ? 13 PHE A HA   2 
ATOM   517  H HB2  . PHE A 1 13 ? 3.339  -2.259 9.662   1.00 0.00 ? 13 PHE A HB2  2 
ATOM   518  H HB3  . PHE A 1 13 ? 1.645  -2.621 9.887   1.00 0.00 ? 13 PHE A HB3  2 
ATOM   519  H HD1  . PHE A 1 13 ? 0.345  -3.775 8.157   1.00 0.00 ? 13 PHE A HD1  2 
ATOM   520  H HD2  . PHE A 1 13 ? 4.524  -2.931 7.617   1.00 0.00 ? 13 PHE A HD2  2 
ATOM   521  H HE1  . PHE A 1 13 ? 0.438  -5.406 6.297   1.00 0.00 ? 13 PHE A HE1  2 
ATOM   522  H HE2  . PHE A 1 13 ? 4.612  -4.562 5.758   1.00 0.00 ? 13 PHE A HE2  2 
ATOM   523  H HZ   . PHE A 1 13 ? 2.571  -5.800 5.096   1.00 0.00 ? 13 PHE A HZ   2 
HETATM 524  N N    . NH2 A 1 14 ? 3.337  0.914  7.729   1.00 0.00 ? 14 NH2 A N    2 
HETATM 525  H HN1  . NH2 A 1 14 ? 2.964  1.516  8.408   1.00 0.00 ? 14 NH2 A HN1  2 
HETATM 526  H HN2  . NH2 A 1 14 ? 3.970  1.256  7.066   1.00 0.00 ? 14 NH2 A HN2  2 
ATOM   527  N N    . ARG A 1 1  ? -2.010 1.234  -9.872  1.00 0.00 ? 1  ARG A N    3 
ATOM   528  C CA   . ARG A 1 1  ? -0.551 0.933  -9.887  1.00 0.00 ? 1  ARG A CA   3 
ATOM   529  C C    . ARG A 1 1  ? -0.260 -0.202 -8.908  1.00 0.00 ? 1  ARG A C    3 
ATOM   530  O O    . ARG A 1 1  ? -0.865 -0.282 -7.840  1.00 0.00 ? 1  ARG A O    3 
ATOM   531  C CB   . ARG A 1 1  ? 0.230  2.192  -9.491  1.00 0.00 ? 1  ARG A CB   3 
ATOM   532  C CG   . ARG A 1 1  ? 1.573  2.223  -10.226 1.00 0.00 ? 1  ARG A CG   3 
ATOM   533  C CD   . ARG A 1 1  ? 2.351  3.488  -9.836  1.00 0.00 ? 1  ARG A CD   3 
ATOM   534  N NE   . ARG A 1 1  ? 2.961  4.106  -11.014 1.00 0.00 ? 1  ARG A NE   3 
ATOM   535  C CZ   . ARG A 1 1  ? 3.575  3.387  -11.954 1.00 0.00 ? 1  ARG A CZ   3 
ATOM   536  N NH1  . ARG A 1 1  ? 3.712  2.096  -11.816 1.00 0.00 ? 1  ARG A NH1  3 
ATOM   537  N NH2  . ARG A 1 1  ? 4.061  3.982  -13.009 1.00 0.00 ? 1  ARG A NH2  3 
ATOM   538  H H1   . ARG A 1 1  ? -2.157 2.248  -10.051 1.00 0.00 ? 1  ARG A H1   3 
ATOM   539  H H2   . ARG A 1 1  ? -2.405 0.984  -8.941  1.00 0.00 ? 1  ARG A H2   3 
ATOM   540  H H3   . ARG A 1 1  ? -2.488 0.681  -10.610 1.00 0.00 ? 1  ARG A H3   3 
ATOM   541  H HA   . ARG A 1 1  ? -0.263 0.627  -10.883 1.00 0.00 ? 1  ARG A HA   3 
ATOM   542  H HB2  . ARG A 1 1  ? -0.345 3.068  -9.758  1.00 0.00 ? 1  ARG A HB2  3 
ATOM   543  H HB3  . ARG A 1 1  ? 0.406  2.190  -8.426  1.00 0.00 ? 1  ARG A HB3  3 
ATOM   544  H HG2  . ARG A 1 1  ? 2.147  1.347  -9.956  1.00 0.00 ? 1  ARG A HG2  3 
ATOM   545  H HG3  . ARG A 1 1  ? 1.397  2.224  -11.291 1.00 0.00 ? 1  ARG A HG3  3 
ATOM   546  H HD2  . ARG A 1 1  ? 1.674  4.200  -9.391  1.00 0.00 ? 1  ARG A HD2  3 
ATOM   547  H HD3  . ARG A 1 1  ? 3.115  3.230  -9.113  1.00 0.00 ? 1  ARG A HD3  3 
ATOM   548  H HE   . ARG A 1 1  ? 2.899  5.078  -11.126 1.00 0.00 ? 1  ARG A HE   3 
ATOM   549  H HH11 . ARG A 1 1  ? 3.359  1.639  -11.002 1.00 0.00 ? 1  ARG A HH11 3 
ATOM   550  H HH12 . ARG A 1 1  ? 4.172  1.565  -12.526 1.00 0.00 ? 1  ARG A HH12 3 
ATOM   551  H HH21 . ARG A 1 1  ? 3.971  4.972  -13.111 1.00 0.00 ? 1  ARG A HH21 3 
ATOM   552  H HH22 . ARG A 1 1  ? 4.521  3.446  -13.717 1.00 0.00 ? 1  ARG A HH22 3 
ATOM   553  N N    . LEU A 1 2  ? 0.666  -1.078 -9.280  1.00 0.00 ? 2  LEU A N    3 
ATOM   554  C CA   . LEU A 1 2  ? 1.021  -2.205 -8.427  1.00 0.00 ? 2  LEU A CA   3 
ATOM   555  C C    . LEU A 1 2  ? 1.442  -1.734 -7.050  1.00 0.00 ? 2  LEU A C    3 
ATOM   556  O O    . LEU A 1 2  ? 1.423  -2.505 -6.091  1.00 0.00 ? 2  LEU A O    3 
ATOM   557  C CB   . LEU A 1 2  ? 2.120  -3.050 -9.098  1.00 0.00 ? 2  LEU A CB   3 
ATOM   558  C CG   . LEU A 1 2  ? 3.518  -2.471 -8.903  1.00 0.00 ? 2  LEU A CG   3 
ATOM   559  C CD1  . LEU A 1 2  ? 3.542  -1.002 -9.334  1.00 0.00 ? 2  LEU A CD1  3 
ATOM   560  C CD2  . LEU A 1 2  ? 3.943  -2.626 -7.438  1.00 0.00 ? 2  LEU A CD2  3 
ATOM   561  H H    . LEU A 1 2  ? 1.114  -0.967 -10.145 1.00 0.00 ? 2  LEU A H    3 
ATOM   562  H HA   . LEU A 1 2  ? 0.159  -2.827 -8.299  1.00 0.00 ? 2  LEU A HA   3 
ATOM   563  H HB2  . LEU A 1 2  ? 2.100  -4.043 -8.693  1.00 0.00 ? 2  LEU A HB2  3 
ATOM   564  H HB3  . LEU A 1 2  ? 1.920  -3.091 -10.148 1.00 0.00 ? 2  LEU A HB3  3 
ATOM   565  H HG   . LEU A 1 2  ? 4.208  -3.021 -9.527  1.00 0.00 ? 2  LEU A HG   3 
ATOM   566  H HD11 . LEU A 1 2  ? 3.215  -0.380 -8.523  1.00 0.00 ? 2  LEU A HD11 3 
ATOM   567  H HD12 . LEU A 1 2  ? 2.884  -0.864 -10.178 1.00 0.00 ? 2  LEU A HD12 3 
ATOM   568  H HD13 . LEU A 1 2  ? 4.546  -0.728 -9.617  1.00 0.00 ? 2  LEU A HD13 3 
ATOM   569  H HD21 . LEU A 1 2  ? 4.989  -2.875 -7.397  1.00 0.00 ? 2  LEU A HD21 3 
ATOM   570  H HD22 . LEU A 1 2  ? 3.367  -3.414 -6.974  1.00 0.00 ? 2  LEU A HD22 3 
ATOM   571  H HD23 . LEU A 1 2  ? 3.773  -1.706 -6.915  1.00 0.00 ? 2  LEU A HD23 3 
ATOM   572  N N    . PHE A 1 3  ? 1.829  -0.473 -6.952  1.00 0.00 ? 3  PHE A N    3 
ATOM   573  C CA   . PHE A 1 3  ? 2.262  0.075  -5.680  1.00 0.00 ? 3  PHE A CA   3 
ATOM   574  C C    . PHE A 1 3  ? 1.083  0.593  -4.870  1.00 0.00 ? 3  PHE A C    3 
ATOM   575  O O    . PHE A 1 3  ? 1.124  0.596  -3.641  1.00 0.00 ? 3  PHE A O    3 
ATOM   576  C CB   . PHE A 1 3  ? 3.286  1.178  -5.914  1.00 0.00 ? 3  PHE A CB   3 
ATOM   577  C CG   . PHE A 1 3  ? 4.579  0.553  -6.397  1.00 0.00 ? 3  PHE A CG   3 
ATOM   578  C CD1  . PHE A 1 3  ? 5.282  -0.337 -5.571  1.00 0.00 ? 3  PHE A CD1  3 
ATOM   579  C CD2  . PHE A 1 3  ? 5.083  0.874  -7.663  1.00 0.00 ? 3  PHE A CD2  3 
ATOM   580  C CE1  . PHE A 1 3  ? 6.484  -0.903 -6.012  1.00 0.00 ? 3  PHE A CE1  3 
ATOM   581  C CE2  . PHE A 1 3  ? 6.289  0.312  -8.101  1.00 0.00 ? 3  PHE A CE2  3 
ATOM   582  C CZ   . PHE A 1 3  ? 6.989  -0.576 -7.276  1.00 0.00 ? 3  PHE A CZ   3 
ATOM   583  H H    . PHE A 1 3  ? 1.828  0.097  -7.748  1.00 0.00 ? 3  PHE A H    3 
ATOM   584  H HA   . PHE A 1 3  ? 2.734  -0.712 -5.117  1.00 0.00 ? 3  PHE A HA   3 
ATOM   585  H HB2  . PHE A 1 3  ? 2.912  1.866  -6.659  1.00 0.00 ? 3  PHE A HB2  3 
ATOM   586  H HB3  . PHE A 1 3  ? 3.466  1.708  -4.992  1.00 0.00 ? 3  PHE A HB3  3 
ATOM   587  H HD1  . PHE A 1 3  ? 4.885  -0.605 -4.603  1.00 0.00 ? 3  PHE A HD1  3 
ATOM   588  H HD2  . PHE A 1 3  ? 4.532  1.542  -8.308  1.00 0.00 ? 3  PHE A HD2  3 
ATOM   589  H HE1  . PHE A 1 3  ? 7.024  -1.588 -5.376  1.00 0.00 ? 3  PHE A HE1  3 
ATOM   590  H HE2  . PHE A 1 3  ? 6.677  0.559  -9.079  1.00 0.00 ? 3  PHE A HE2  3 
ATOM   591  H HZ   . PHE A 1 3  ? 7.918  -1.010 -7.614  1.00 0.00 ? 3  PHE A HZ   3 
ATOM   592  N N    . ASP A 1 4  ? 0.022  1.017  -5.551  1.00 0.00 ? 4  ASP A N    3 
ATOM   593  C CA   . ASP A 1 4  ? -1.151 1.503  -4.846  1.00 0.00 ? 4  ASP A CA   3 
ATOM   594  C C    . ASP A 1 4  ? -1.542 0.477  -3.792  1.00 0.00 ? 4  ASP A C    3 
ATOM   595  O O    . ASP A 1 4  ? -2.222 0.788  -2.814  1.00 0.00 ? 4  ASP A O    3 
ATOM   596  C CB   . ASP A 1 4  ? -2.307 1.718  -5.826  1.00 0.00 ? 4  ASP A CB   3 
ATOM   597  C CG   . ASP A 1 4  ? -2.113 3.026  -6.586  1.00 0.00 ? 4  ASP A CG   3 
ATOM   598  O OD1  . ASP A 1 4  ? -0.979 3.331  -6.919  1.00 0.00 ? 4  ASP A OD1  3 
ATOM   599  O OD2  . ASP A 1 4  ? -3.099 3.701  -6.823  1.00 0.00 ? 4  ASP A OD2  3 
ATOM   600  H H    . ASP A 1 4  ? 0.022  0.985  -6.530  1.00 0.00 ? 4  ASP A H    3 
ATOM   601  H HA   . ASP A 1 4  ? -0.914 2.439  -4.361  1.00 0.00 ? 4  ASP A HA   3 
ATOM   602  H HB2  . ASP A 1 4  ? -2.340 0.897  -6.525  1.00 0.00 ? 4  ASP A HB2  3 
ATOM   603  H HB3  . ASP A 1 4  ? -3.234 1.759  -5.279  1.00 0.00 ? 4  ASP A HB3  3 
ATOM   604  N N    . LYS A 1 5  ? -1.082 -0.751 -4.009  1.00 0.00 ? 5  LYS A N    3 
ATOM   605  C CA   . LYS A 1 5  ? -1.347 -1.848 -3.090  1.00 0.00 ? 5  LYS A CA   3 
ATOM   606  C C    . LYS A 1 5  ? -0.279 -1.883 -1.999  1.00 0.00 ? 5  LYS A C    3 
ATOM   607  O O    . LYS A 1 5  ? -0.515 -2.379 -0.898  1.00 0.00 ? 5  LYS A O    3 
ATOM   608  C CB   . LYS A 1 5  ? -1.362 -3.173 -3.866  1.00 0.00 ? 5  LYS A CB   3 
ATOM   609  C CG   . LYS A 1 5  ? -1.366 -4.354 -2.887  1.00 0.00 ? 5  LYS A CG   3 
ATOM   610  C CD   . LYS A 1 5  ? -1.538 -5.667 -3.660  1.00 0.00 ? 5  LYS A CD   3 
ATOM   611  C CE   . LYS A 1 5  ? -2.915 -5.709 -4.334  1.00 0.00 ? 5  LYS A CE   3 
ATOM   612  N NZ   . LYS A 1 5  ? -3.370 -7.124 -4.442  1.00 0.00 ? 5  LYS A NZ   3 
ATOM   613  H H    . LYS A 1 5  ? -0.535 -0.921 -4.805  1.00 0.00 ? 5  LYS A H    3 
ATOM   614  H HA   . LYS A 1 5  ? -2.314 -1.699 -2.632  1.00 0.00 ? 5  LYS A HA   3 
ATOM   615  H HB2  . LYS A 1 5  ? -2.248 -3.214 -4.480  1.00 0.00 ? 5  LYS A HB2  3 
ATOM   616  H HB3  . LYS A 1 5  ? -0.486 -3.232 -4.498  1.00 0.00 ? 5  LYS A HB3  3 
ATOM   617  H HG2  . LYS A 1 5  ? -0.430 -4.378 -2.348  1.00 0.00 ? 5  LYS A HG2  3 
ATOM   618  H HG3  . LYS A 1 5  ? -2.180 -4.241 -2.189  1.00 0.00 ? 5  LYS A HG3  3 
ATOM   619  H HD2  . LYS A 1 5  ? -0.767 -5.743 -4.414  1.00 0.00 ? 5  LYS A HD2  3 
ATOM   620  H HD3  . LYS A 1 5  ? -1.451 -6.498 -2.976  1.00 0.00 ? 5  LYS A HD3  3 
ATOM   621  H HE2  . LYS A 1 5  ? -3.627 -5.147 -3.745  1.00 0.00 ? 5  LYS A HE2  3 
ATOM   622  H HE3  . LYS A 1 5  ? -2.848 -5.279 -5.321  1.00 0.00 ? 5  LYS A HE3  3 
ATOM   623  H HZ1  . LYS A 1 5  ? -2.874 -7.589 -5.227  1.00 0.00 ? 5  LYS A HZ1  3 
ATOM   624  H HZ2  . LYS A 1 5  ? -4.395 -7.145 -4.616  1.00 0.00 ? 5  LYS A HZ2  3 
ATOM   625  H HZ3  . LYS A 1 5  ? -3.157 -7.624 -3.555  1.00 0.00 ? 5  LYS A HZ3  3 
ATOM   626  N N    . ILE A 1 6  ? 0.899  -1.346 -2.315  1.00 0.00 ? 6  ILE A N    3 
ATOM   627  C CA   . ILE A 1 6  ? 2.001  -1.311 -1.358  1.00 0.00 ? 6  ILE A CA   3 
ATOM   628  C C    . ILE A 1 6  ? 1.884  -0.079 -0.461  1.00 0.00 ? 6  ILE A C    3 
ATOM   629  O O    . ILE A 1 6  ? 2.465  -0.031 0.619   1.00 0.00 ? 6  ILE A O    3 
ATOM   630  C CB   . ILE A 1 6  ? 3.349  -1.293 -2.099  1.00 0.00 ? 6  ILE A CB   3 
ATOM   631  C CG1  . ILE A 1 6  ? 3.709  -2.714 -2.554  1.00 0.00 ? 6  ILE A CG1  3 
ATOM   632  C CG2  . ILE A 1 6  ? 4.446  -0.779 -1.162  1.00 0.00 ? 6  ILE A CG2  3 
ATOM   633  C CD1  . ILE A 1 6  ? 2.517  -3.349 -3.270  1.00 0.00 ? 6  ILE A CD1  3 
ATOM   634  H H    . ILE A 1 6  ? 1.027  -0.961 -3.208  1.00 0.00 ? 6  ILE A H    3 
ATOM   635  H HA   . ILE A 1 6  ? 1.955  -2.196 -0.738  1.00 0.00 ? 6  ILE A HA   3 
ATOM   636  H HB   . ILE A 1 6  ? 3.281  -0.643 -2.963  1.00 0.00 ? 6  ILE A HB   3 
ATOM   637  H HG12 . ILE A 1 6  ? 4.552  -2.671 -3.227  1.00 0.00 ? 6  ILE A HG12 3 
ATOM   638  H HG13 . ILE A 1 6  ? 3.967  -3.311 -1.692  1.00 0.00 ? 6  ILE A HG13 3 
ATOM   639  H HG21 . ILE A 1 6  ? 4.322  -1.223 -0.185  1.00 0.00 ? 6  ILE A HG21 3 
ATOM   640  H HG22 . ILE A 1 6  ? 4.376  0.295  -1.080  1.00 0.00 ? 6  ILE A HG22 3 
ATOM   641  H HG23 . ILE A 1 6  ? 5.416  -1.048 -1.558  1.00 0.00 ? 6  ILE A HG23 3 
ATOM   642  H HD11 . ILE A 1 6  ? 2.853  -4.197 -3.847  1.00 0.00 ? 6  ILE A HD11 3 
ATOM   643  H HD12 . ILE A 1 6  ? 2.066  -2.623 -3.929  1.00 0.00 ? 6  ILE A HD12 3 
ATOM   644  H HD13 . ILE A 1 6  ? 1.789  -3.673 -2.542  1.00 0.00 ? 6  ILE A HD13 3 
ATOM   645  N N    . ARG A 1 7  ? 1.135  0.917  -0.923  1.00 0.00 ? 7  ARG A N    3 
ATOM   646  C CA   . ARG A 1 7  ? 0.946  2.143  -0.153  1.00 0.00 ? 7  ARG A CA   3 
ATOM   647  C C    . ARG A 1 7  ? -0.163 1.970  0.879   1.00 0.00 ? 7  ARG A C    3 
ATOM   648  O O    . ARG A 1 7  ? -0.039 2.413  2.022   1.00 0.00 ? 7  ARG A O    3 
ATOM   649  C CB   . ARG A 1 7  ? 0.592  3.299  -1.094  1.00 0.00 ? 7  ARG A CB   3 
ATOM   650  C CG   . ARG A 1 7  ? 1.828  3.701  -1.917  1.00 0.00 ? 7  ARG A CG   3 
ATOM   651  C CD   . ARG A 1 7  ? 2.435  4.990  -1.352  1.00 0.00 ? 7  ARG A CD   3 
ATOM   652  N NE   . ARG A 1 7  ? 1.651  6.141  -1.781  1.00 0.00 ? 7  ARG A NE   3 
ATOM   653  C CZ   . ARG A 1 7  ? 1.785  7.324  -1.191  1.00 0.00 ? 7  ARG A CZ   3 
ATOM   654  N NH1  . ARG A 1 7  ? 2.630  7.470  -0.207  1.00 0.00 ? 7  ARG A NH1  3 
ATOM   655  N NH2  . ARG A 1 7  ? 1.071  8.339  -1.594  1.00 0.00 ? 7  ARG A NH2  3 
ATOM   656  H H    . ARG A 1 7  ? 0.698  0.825  -1.796  1.00 0.00 ? 7  ARG A H    3 
ATOM   657  H HA   . ARG A 1 7  ? 1.864  2.382  0.362   1.00 0.00 ? 7  ARG A HA   3 
ATOM   658  H HB2  . ARG A 1 7  ? -0.199 2.985  -1.762  1.00 0.00 ? 7  ARG A HB2  3 
ATOM   659  H HB3  . ARG A 1 7  ? 0.254  4.144  -0.512  1.00 0.00 ? 7  ARG A HB3  3 
ATOM   660  H HG2  . ARG A 1 7  ? 2.565  2.910  -1.876  1.00 0.00 ? 7  ARG A HG2  3 
ATOM   661  H HG3  . ARG A 1 7  ? 1.538  3.865  -2.944  1.00 0.00 ? 7  ARG A HG3  3 
ATOM   662  H HD2  . ARG A 1 7  ? 2.437  4.942  -0.273  1.00 0.00 ? 7  ARG A HD2  3 
ATOM   663  H HD3  . ARG A 1 7  ? 3.448  5.092  -1.708  1.00 0.00 ? 7  ARG A HD3  3 
ATOM   664  H HE   . ARG A 1 7  ? 1.014  6.043  -2.519  1.00 0.00 ? 7  ARG A HE   3 
ATOM   665  H HH11 . ARG A 1 7  ? 3.176  6.693  0.103   1.00 0.00 ? 7  ARG A HH11 3 
ATOM   666  H HH12 . ARG A 1 7  ? 2.729  8.361  0.238   1.00 0.00 ? 7  ARG A HH12 3 
ATOM   667  H HH21 . ARG A 1 7  ? 0.424  8.229  -2.348  1.00 0.00 ? 7  ARG A HH21 3 
ATOM   668  H HH22 . ARG A 1 7  ? 1.171  9.230  -1.149  1.00 0.00 ? 7  ARG A HH22 3 
ATOM   669  N N    . GLN A 1 8  ? -1.252 1.335  0.463   1.00 0.00 ? 8  GLN A N    3 
ATOM   670  C CA   . GLN A 1 8  ? -2.391 1.118  1.344   1.00 0.00 ? 8  GLN A CA   3 
ATOM   671  C C    . GLN A 1 8  ? -2.010 0.265  2.550   1.00 0.00 ? 8  GLN A C    3 
ATOM   672  O O    . GLN A 1 8  ? -2.447 0.535  3.669   1.00 0.00 ? 8  GLN A O    3 
ATOM   673  C CB   . GLN A 1 8  ? -3.514 0.432  0.565   1.00 0.00 ? 8  GLN A CB   3 
ATOM   674  C CG   . GLN A 1 8  ? -4.116 1.418  -0.439  1.00 0.00 ? 8  GLN A CG   3 
ATOM   675  C CD   . GLN A 1 8  ? -4.950 0.667  -1.472  1.00 0.00 ? 8  GLN A CD   3 
ATOM   676  O OE1  . GLN A 1 8  ? -5.462 -0.417 -1.190  1.00 0.00 ? 8  GLN A OE1  3 
ATOM   677  N NE2  . GLN A 1 8  ? -5.120 1.182  -2.659  1.00 0.00 ? 8  GLN A NE2  3 
ATOM   678  H H    . GLN A 1 8  ? -1.297 1.015  -0.461  1.00 0.00 ? 8  GLN A H    3 
ATOM   679  H HA   . GLN A 1 8  ? -2.749 2.073  1.692   1.00 0.00 ? 8  GLN A HA   3 
ATOM   680  H HB2  . GLN A 1 8  ? -3.116 -0.423 0.037   1.00 0.00 ? 8  GLN A HB2  3 
ATOM   681  H HB3  . GLN A 1 8  ? -4.278 0.106  1.250   1.00 0.00 ? 8  GLN A HB3  3 
ATOM   682  H HG2  . GLN A 1 8  ? -4.745 2.123  0.086   1.00 0.00 ? 8  GLN A HG2  3 
ATOM   683  H HG3  . GLN A 1 8  ? -3.323 1.949  -0.940  1.00 0.00 ? 8  GLN A HG3  3 
ATOM   684  H HE21 . GLN A 1 8  ? -4.710 2.044  -2.883  1.00 0.00 ? 8  GLN A HE21 3 
ATOM   685  H HE22 . GLN A 1 8  ? -5.655 0.707  -3.328  1.00 0.00 ? 8  GLN A HE22 3 
ATOM   686  N N    . VAL A 1 9  ? -1.207 -0.769 2.323   1.00 0.00 ? 9  VAL A N    3 
ATOM   687  C CA   . VAL A 1 9  ? -0.801 -1.648 3.416   1.00 0.00 ? 9  VAL A CA   3 
ATOM   688  C C    . VAL A 1 9  ? -0.117 -0.863 4.527   1.00 0.00 ? 9  VAL A C    3 
ATOM   689  O O    . VAL A 1 9  ? -0.474 -1.006 5.695   1.00 0.00 ? 9  VAL A O    3 
ATOM   690  C CB   . VAL A 1 9  ? 0.148  -2.736 2.918   1.00 0.00 ? 9  VAL A CB   3 
ATOM   691  C CG1  . VAL A 1 9  ? 1.387  -2.099 2.291   1.00 0.00 ? 9  VAL A CG1  3 
ATOM   692  C CG2  . VAL A 1 9  ? 0.569  -3.601 4.106   1.00 0.00 ? 9  VAL A CG2  3 
ATOM   693  H H    . VAL A 1 9  ? -0.892 -0.949 1.413   1.00 0.00 ? 9  VAL A H    3 
ATOM   694  H HA   . VAL A 1 9  ? -1.682 -2.121 3.822   1.00 0.00 ? 9  VAL A HA   3 
ATOM   695  H HB   . VAL A 1 9  ? -0.355 -3.347 2.184   1.00 0.00 ? 9  VAL A HB   3 
ATOM   696  H HG11 . VAL A 1 9  ? 1.749  -2.727 1.491   1.00 0.00 ? 9  VAL A HG11 3 
ATOM   697  H HG12 . VAL A 1 9  ? 2.156  -1.996 3.040   1.00 0.00 ? 9  VAL A HG12 3 
ATOM   698  H HG13 . VAL A 1 9  ? 1.131  -1.127 1.899   1.00 0.00 ? 9  VAL A HG13 3 
ATOM   699  H HG21 . VAL A 1 9  ? 1.008  -4.520 3.749   1.00 0.00 ? 9  VAL A HG21 3 
ATOM   700  H HG22 . VAL A 1 9  ? -0.297 -3.826 4.712   1.00 0.00 ? 9  VAL A HG22 3 
ATOM   701  H HG23 . VAL A 1 9  ? 1.294  -3.064 4.704   1.00 0.00 ? 9  VAL A HG23 3 
ATOM   702  N N    . ILE A 1 10 ? 0.871  -0.041 4.177   1.00 0.00 ? 10 ILE A N    3 
ATOM   703  C CA   . ILE A 1 10 ? 1.572  0.736  5.194   1.00 0.00 ? 10 ILE A CA   3 
ATOM   704  C C    . ILE A 1 10 ? 0.554  1.347  6.150   1.00 0.00 ? 10 ILE A C    3 
ATOM   705  O O    . ILE A 1 10 ? 0.791  1.439  7.354   1.00 0.00 ? 10 ILE A O    3 
ATOM   706  C CB   . ILE A 1 10 ? 2.432  1.844  4.559   1.00 0.00 ? 10 ILE A CB   3 
ATOM   707  C CG1  . ILE A 1 10 ? 3.849  1.321  4.293   1.00 0.00 ? 10 ILE A CG1  3 
ATOM   708  C CG2  . ILE A 1 10 ? 2.523  3.039  5.512   1.00 0.00 ? 10 ILE A CG2  3 
ATOM   709  C CD1  . ILE A 1 10 ? 3.787  0.047  3.454   1.00 0.00 ? 10 ILE A CD1  3 
ATOM   710  H H    . ILE A 1 10 ? 1.129  0.037  3.234   1.00 0.00 ? 10 ILE A H    3 
ATOM   711  H HA   . ILE A 1 10 ? 2.209  0.069  5.752   1.00 0.00 ? 10 ILE A HA   3 
ATOM   712  H HB   . ILE A 1 10 ? 1.980  2.159  3.628   1.00 0.00 ? 10 ILE A HB   3 
ATOM   713  H HG12 . ILE A 1 10 ? 4.414  2.074  3.762   1.00 0.00 ? 10 ILE A HG12 3 
ATOM   714  H HG13 . ILE A 1 10 ? 4.334  1.106  5.234   1.00 0.00 ? 10 ILE A HG13 3 
ATOM   715  H HG21 . ILE A 1 10 ? 1.596  3.589  5.492   1.00 0.00 ? 10 ILE A HG21 3 
ATOM   716  H HG22 . ILE A 1 10 ? 3.331  3.685  5.202   1.00 0.00 ? 10 ILE A HG22 3 
ATOM   717  H HG23 . ILE A 1 10 ? 2.711  2.685  6.515   1.00 0.00 ? 10 ILE A HG23 3 
ATOM   718  H HD11 . ILE A 1 10 ? 4.667  -0.015 2.829   1.00 0.00 ? 10 ILE A HD11 3 
ATOM   719  H HD12 . ILE A 1 10 ? 2.907  0.069  2.833   1.00 0.00 ? 10 ILE A HD12 3 
ATOM   720  H HD13 . ILE A 1 10 ? 3.751  -0.811 4.107   1.00 0.00 ? 10 ILE A HD13 3 
ATOM   721  N N    . ARG A 1 11 ? -0.588 1.741  5.601   1.00 0.00 ? 11 ARG A N    3 
ATOM   722  C CA   . ARG A 1 11 ? -1.647 2.316  6.418   1.00 0.00 ? 11 ARG A CA   3 
ATOM   723  C C    . ARG A 1 11 ? -1.930 1.355  7.557   1.00 0.00 ? 11 ARG A C    3 
ATOM   724  O O    . ARG A 1 11 ? -2.281 1.753  8.668   1.00 0.00 ? 11 ARG A O    3 
ATOM   725  C CB   . ARG A 1 11 ? -2.912 2.534  5.575   1.00 0.00 ? 11 ARG A CB   3 
ATOM   726  C CG   . ARG A 1 11 ? -3.723 3.704  6.143   1.00 0.00 ? 11 ARG A CG   3 
ATOM   727  C CD   . ARG A 1 11 ? -4.903 4.003  5.217   1.00 0.00 ? 11 ARG A CD   3 
ATOM   728  N NE   . ARG A 1 11 ? -5.504 5.285  5.565   1.00 0.00 ? 11 ARG A NE   3 
ATOM   729  C CZ   . ARG A 1 11 ? -6.326 5.910  4.725   1.00 0.00 ? 11 ARG A CZ   3 
ATOM   730  N NH1  . ARG A 1 11 ? -6.602 5.381  3.566   1.00 0.00 ? 11 ARG A NH1  3 
ATOM   731  N NH2  . ARG A 1 11 ? -6.853 7.056  5.061   1.00 0.00 ? 11 ARG A NH2  3 
ATOM   732  H H    . ARG A 1 11 ? -0.725 1.622  4.643   1.00 0.00 ? 11 ARG A H    3 
ATOM   733  H HA   . ARG A 1 11 ? -1.313 3.261  6.822   1.00 0.00 ? 11 ARG A HA   3 
ATOM   734  H HB2  . ARG A 1 11 ? -2.627 2.757  4.556   1.00 0.00 ? 11 ARG A HB2  3 
ATOM   735  H HB3  . ARG A 1 11 ? -3.516 1.639  5.590   1.00 0.00 ? 11 ARG A HB3  3 
ATOM   736  H HG2  . ARG A 1 11 ? -4.091 3.443  7.125   1.00 0.00 ? 11 ARG A HG2  3 
ATOM   737  H HG3  . ARG A 1 11 ? -3.095 4.579  6.215   1.00 0.00 ? 11 ARG A HG3  3 
ATOM   738  H HD2  . ARG A 1 11 ? -4.554 4.038  4.194   1.00 0.00 ? 11 ARG A HD2  3 
ATOM   739  H HD3  . ARG A 1 11 ? -5.643 3.223  5.315   1.00 0.00 ? 11 ARG A HD3  3 
ATOM   740  H HE   . ARG A 1 11 ? -5.302 5.692  6.433   1.00 0.00 ? 11 ARG A HE   3 
ATOM   741  H HH11 . ARG A 1 11 ? -6.196 4.502  3.308   1.00 0.00 ? 11 ARG A HH11 3 
ATOM   742  H HH12 . ARG A 1 11 ? -7.219 5.851  2.935   1.00 0.00 ? 11 ARG A HH12 3 
ATOM   743  H HH21 . ARG A 1 11 ? -6.641 7.463  5.949   1.00 0.00 ? 11 ARG A HH21 3 
ATOM   744  H HH22 . ARG A 1 11 ? -7.471 7.527  4.430   1.00 0.00 ? 11 ARG A HH22 3 
ATOM   745  N N    . LYS A 1 12 ? -1.723 0.080  7.261   1.00 0.00 ? 12 LYS A N    3 
ATOM   746  C CA   . LYS A 1 12 ? -1.896 -0.975 8.238   1.00 0.00 ? 12 LYS A CA   3 
ATOM   747  C C    . LYS A 1 12 ? -0.582 -1.156 8.987   1.00 0.00 ? 12 LYS A C    3 
ATOM   748  O O    . LYS A 1 12 ? -0.567 -1.524 10.161  1.00 0.00 ? 12 LYS A O    3 
ATOM   749  C CB   . LYS A 1 12 ? -2.293 -2.277 7.539   1.00 0.00 ? 12 LYS A CB   3 
ATOM   750  C CG   . LYS A 1 12 ? -2.773 -3.295 8.575   1.00 0.00 ? 12 LYS A CG   3 
ATOM   751  C CD   . LYS A 1 12 ? -2.829 -4.685 7.935   1.00 0.00 ? 12 LYS A CD   3 
ATOM   752  C CE   . LYS A 1 12 ? -3.649 -4.626 6.644   1.00 0.00 ? 12 LYS A CE   3 
ATOM   753  N NZ   . LYS A 1 12 ? -4.045 -6.005 6.241   1.00 0.00 ? 12 LYS A NZ   3 
ATOM   754  H H    . LYS A 1 12 ? -1.414 -0.155 6.360   1.00 0.00 ? 12 LYS A H    3 
ATOM   755  H HA   . LYS A 1 12 ? -2.671 -0.694 8.937   1.00 0.00 ? 12 LYS A HA   3 
ATOM   756  H HB2  . LYS A 1 12 ? -3.088 -2.076 6.837   1.00 0.00 ? 12 LYS A HB2  3 
ATOM   757  H HB3  . LYS A 1 12 ? -1.440 -2.675 7.012   1.00 0.00 ? 12 LYS A HB3  3 
ATOM   758  H HG2  . LYS A 1 12 ? -2.086 -3.309 9.409   1.00 0.00 ? 12 LYS A HG2  3 
ATOM   759  H HG3  . LYS A 1 12 ? -3.757 -3.020 8.922   1.00 0.00 ? 12 LYS A HG3  3 
ATOM   760  H HD2  . LYS A 1 12 ? -1.828 -5.020 7.710   1.00 0.00 ? 12 LYS A HD2  3 
ATOM   761  H HD3  . LYS A 1 12 ? -3.294 -5.378 8.620   1.00 0.00 ? 12 LYS A HD3  3 
ATOM   762  H HE2  . LYS A 1 12 ? -4.535 -4.030 6.806   1.00 0.00 ? 12 LYS A HE2  3 
ATOM   763  H HE3  . LYS A 1 12 ? -3.054 -4.179 5.859   1.00 0.00 ? 12 LYS A HE3  3 
ATOM   764  H HZ1  . LYS A 1 12 ? -4.249 -6.569 7.090   1.00 0.00 ? 12 LYS A HZ1  3 
ATOM   765  H HZ2  . LYS A 1 12 ? -3.266 -6.446 5.709   1.00 0.00 ? 12 LYS A HZ2  3 
ATOM   766  H HZ3  . LYS A 1 12 ? -4.894 -5.963 5.644   1.00 0.00 ? 12 LYS A HZ3  3 
ATOM   767  N N    . PHE A 1 13 ? 0.525  -0.865 8.295   1.00 0.00 ? 13 PHE A N    3 
ATOM   768  C CA   . PHE A 1 13 ? 1.843  -0.967 8.906   1.00 0.00 ? 13 PHE A CA   3 
ATOM   769  C C    . PHE A 1 13 ? 2.926  -0.395 7.999   1.00 0.00 ? 13 PHE A C    3 
ATOM   770  O O    . PHE A 1 13 ? 3.451  -1.088 7.132   1.00 0.00 ? 13 PHE A O    3 
ATOM   771  C CB   . PHE A 1 13 ? 2.161  -2.418 9.272   1.00 0.00 ? 13 PHE A CB   3 
ATOM   772  C CG   . PHE A 1 13 ? 2.231  -3.324 8.056   1.00 0.00 ? 13 PHE A CG   3 
ATOM   773  C CD1  . PHE A 1 13 ? 3.449  -3.519 7.384   1.00 0.00 ? 13 PHE A CD1  3 
ATOM   774  C CD2  . PHE A 1 13 ? 1.087  -4.013 7.631   1.00 0.00 ? 13 PHE A CD2  3 
ATOM   775  C CE1  . PHE A 1 13 ? 3.518  -4.397 6.297   1.00 0.00 ? 13 PHE A CE1  3 
ATOM   776  C CE2  . PHE A 1 13 ? 1.157  -4.884 6.540   1.00 0.00 ? 13 PHE A CE2  3 
ATOM   777  C CZ   . PHE A 1 13 ? 2.373  -5.080 5.875   1.00 0.00 ? 13 PHE A CZ   3 
ATOM   778  H H    . PHE A 1 13 ? 0.451  -0.556 7.364   1.00 0.00 ? 13 PHE A H    3 
ATOM   779  H HA   . PHE A 1 13 ? 1.832  -0.389 9.819   1.00 0.00 ? 13 PHE A HA   3 
ATOM   780  H HB2  . PHE A 1 13 ? 3.105  -2.444 9.779   1.00 0.00 ? 13 PHE A HB2  3 
ATOM   781  H HB3  . PHE A 1 13 ? 1.394  -2.778 9.933   1.00 0.00 ? 13 PHE A HB3  3 
ATOM   782  H HD1  . PHE A 1 13 ? 4.333  -2.991 7.702   1.00 0.00 ? 13 PHE A HD1  3 
ATOM   783  H HD2  . PHE A 1 13 ? 0.147  -3.861 8.137   1.00 0.00 ? 13 PHE A HD2  3 
ATOM   784  H HE1  . PHE A 1 13 ? 4.456  -4.545 5.782   1.00 0.00 ? 13 PHE A HE1  3 
ATOM   785  H HE2  . PHE A 1 13 ? 0.274  -5.415 6.215   1.00 0.00 ? 13 PHE A HE2  3 
ATOM   786  H HZ   . PHE A 1 13 ? 2.428  -5.758 5.036   1.00 0.00 ? 13 PHE A HZ   3 
HETATM 787  N N    . NH2 A 1 14 ? 3.293  0.847  8.149   1.00 0.00 ? 14 NH2 A N    3 
HETATM 788  H HN1  . NH2 A 1 14 ? 2.874  1.401  8.840   1.00 0.00 ? 14 NH2 A HN1  3 
HETATM 789  H HN2  . NH2 A 1 14 ? 3.987  1.228  7.570   1.00 0.00 ? 14 NH2 A HN2  3 
ATOM   790  N N    . ARG A 1 1  ? -0.485 0.568  -11.206 1.00 0.00 ? 1  ARG A N    4 
ATOM   791  C CA   . ARG A 1 1  ? -0.537 1.112  -9.820  1.00 0.00 ? 1  ARG A CA   4 
ATOM   792  C C    . ARG A 1 1  ? -0.254 -0.011 -8.828  1.00 0.00 ? 1  ARG A C    4 
ATOM   793  O O    . ARG A 1 1  ? -0.719 0.018  -7.689  1.00 0.00 ? 1  ARG A O    4 
ATOM   794  C CB   . ARG A 1 1  ? -1.924 1.708  -9.560  1.00 0.00 ? 1  ARG A CB   4 
ATOM   795  C CG   . ARG A 1 1  ? -2.965 0.585  -9.523  1.00 0.00 ? 1  ARG A CG   4 
ATOM   796  C CD   . ARG A 1 1  ? -4.368 1.183  -9.622  1.00 0.00 ? 1  ARG A CD   4 
ATOM   797  N NE   . ARG A 1 1  ? -5.370 0.179  -9.288  1.00 0.00 ? 1  ARG A NE   4 
ATOM   798  C CZ   . ARG A 1 1  ? -6.620 0.523  -8.996  1.00 0.00 ? 1  ARG A CZ   4 
ATOM   799  N NH1  . ARG A 1 1  ? -6.971 1.779  -9.007  1.00 0.00 ? 1  ARG A NH1  4 
ATOM   800  N NH2  . ARG A 1 1  ? -7.497 -0.396 -8.700  1.00 0.00 ? 1  ARG A NH2  4 
ATOM   801  H H1   . ARG A 1 1  ? -0.902 1.254  -11.865 1.00 0.00 ? 1  ARG A H1   4 
ATOM   802  H H2   . ARG A 1 1  ? -1.020 -0.324 -11.249 1.00 0.00 ? 1  ARG A H2   4 
ATOM   803  H H3   . ARG A 1 1  ? 0.503  0.392  -11.472 1.00 0.00 ? 1  ARG A H3   4 
ATOM   804  H HA   . ARG A 1 1  ? 0.211  1.881  -9.711  1.00 0.00 ? 1  ARG A HA   4 
ATOM   805  H HB2  . ARG A 1 1  ? -1.921 2.228  -8.614  1.00 0.00 ? 1  ARG A HB2  4 
ATOM   806  H HB3  . ARG A 1 1  ? -2.173 2.398  -10.351 1.00 0.00 ? 1  ARG A HB3  4 
ATOM   807  H HG2  . ARG A 1 1  ? -2.799 -0.086 -10.352 1.00 0.00 ? 1  ARG A HG2  4 
ATOM   808  H HG3  . ARG A 1 1  ? -2.873 0.040  -8.594  1.00 0.00 ? 1  ARG A HG3  4 
ATOM   809  H HD2  . ARG A 1 1  ? -4.454 2.013  -8.936  1.00 0.00 ? 1  ARG A HD2  4 
ATOM   810  H HD3  . ARG A 1 1  ? -4.536 1.533  -10.628 1.00 0.00 ? 1  ARG A HD3  4 
ATOM   811  H HE   . ARG A 1 1  ? -5.118 -0.769 -9.278  1.00 0.00 ? 1  ARG A HE   4 
ATOM   812  H HH11 . ARG A 1 1  ? -6.300 2.484  -9.234  1.00 0.00 ? 1  ARG A HH11 4 
ATOM   813  H HH12 . ARG A 1 1  ? -7.912 2.038  -8.788  1.00 0.00 ? 1  ARG A HH12 4 
ATOM   814  H HH21 . ARG A 1 1  ? -7.228 -1.360 -8.691  1.00 0.00 ? 1  ARG A HH21 4 
ATOM   815  H HH22 . ARG A 1 1  ? -8.438 -0.139 -8.479  1.00 0.00 ? 1  ARG A HH22 4 
ATOM   816  N N    . LEU A 1 2  ? 0.512  -0.997 -9.273  1.00 0.00 ? 2  LEU A N    4 
ATOM   817  C CA   . LEU A 1 2  ? 0.856  -2.131 -8.424  1.00 0.00 ? 2  LEU A CA   4 
ATOM   818  C C    . LEU A 1 2  ? 1.323  -1.667 -7.061  1.00 0.00 ? 2  LEU A C    4 
ATOM   819  O O    . LEU A 1 2  ? 1.361  -2.448 -6.113  1.00 0.00 ? 2  LEU A O    4 
ATOM   820  C CB   . LEU A 1 2  ? 1.919  -3.001 -9.117  1.00 0.00 ? 2  LEU A CB   4 
ATOM   821  C CG   . LEU A 1 2  ? 3.316  -2.394 -9.037  1.00 0.00 ? 2  LEU A CG   4 
ATOM   822  C CD1  . LEU A 1 2  ? 3.283  -0.947 -9.534  1.00 0.00 ? 2  LEU A CD1  4 
ATOM   823  C CD2  . LEU A 1 2  ? 3.830  -2.469 -7.599  1.00 0.00 ? 2  LEU A CD2  4 
ATOM   824  H H    . LEU A 1 2  ? 0.853  -0.960 -10.191 1.00 0.00 ? 2  LEU A H    4 
ATOM   825  H HA   . LEU A 1 2  ? -0.015 -2.731 -8.277  1.00 0.00 ? 2  LEU A HA   4 
ATOM   826  H HB2  . LEU A 1 2  ? 1.936  -3.972 -8.658  1.00 0.00 ? 2  LEU A HB2  4 
ATOM   827  H HB3  . LEU A 1 2  ? 1.655  -3.100 -10.147 1.00 0.00 ? 2  LEU A HB3  4 
ATOM   828  H HG   . LEU A 1 2  ? 3.976  -2.964 -9.677  1.00 0.00 ? 2  LEU A HG   4 
ATOM   829  H HD11 . LEU A 1 2  ? 2.920  -0.304 -8.754  1.00 0.00 ? 2  LEU A HD11 4 
ATOM   830  H HD12 . LEU A 1 2  ? 2.628  -0.875 -10.390 1.00 0.00 ? 2  LEU A HD12 4 
ATOM   831  H HD13 . LEU A 1 2  ? 4.276  -0.644 -9.820  1.00 0.00 ? 2  LEU A HD13 4 
ATOM   832  H HD21 . LEU A 1 2  ? 4.887  -2.666 -7.610  1.00 0.00 ? 2  LEU A HD21 4 
ATOM   833  H HD22 . LEU A 1 2  ? 3.323  -3.268 -7.073  1.00 0.00 ? 2  LEU A HD22 4 
ATOM   834  H HD23 . LEU A 1 2  ? 3.642  -1.541 -7.101  1.00 0.00 ? 2  LEU A HD23 4 
ATOM   835  N N    . PHE A 1 3  ? 1.692  -0.401 -6.968  1.00 0.00 ? 3  PHE A N    4 
ATOM   836  C CA   . PHE A 1 3  ? 2.172  0.145  -5.712  1.00 0.00 ? 3  PHE A CA   4 
ATOM   837  C C    . PHE A 1 3  ? 1.023  0.621  -4.836  1.00 0.00 ? 3  PHE A C    4 
ATOM   838  O O    . PHE A 1 3  ? 1.119  0.585  -3.609  1.00 0.00 ? 3  PHE A O    4 
ATOM   839  C CB   . PHE A 1 3  ? 3.147  1.279  -5.987  1.00 0.00 ? 3  PHE A CB   4 
ATOM   840  C CG   . PHE A 1 3  ? 4.415  0.700  -6.575  1.00 0.00 ? 3  PHE A CG   4 
ATOM   841  C CD1  . PHE A 1 3  ? 5.217  -0.156 -5.807  1.00 0.00 ? 3  PHE A CD1  4 
ATOM   842  C CD2  . PHE A 1 3  ? 4.798  1.031  -7.881  1.00 0.00 ? 3  PHE A CD2  4 
ATOM   843  C CE1  . PHE A 1 3  ? 6.399  -0.679 -6.345  1.00 0.00 ? 3  PHE A CE1  4 
ATOM   844  C CE2  . PHE A 1 3  ? 5.985  0.512  -8.415  1.00 0.00 ? 3  PHE A CE2  4 
ATOM   845  C CZ   . PHE A 1 3  ? 6.784  -0.341 -7.647  1.00 0.00 ? 3  PHE A CZ   4 
ATOM   846  H H    . PHE A 1 3  ? 1.649  0.176  -7.759  1.00 0.00 ? 3  PHE A H    4 
ATOM   847  H HA   . PHE A 1 3  ? 2.697  -0.635 -5.184  1.00 0.00 ? 3  PHE A HA   4 
ATOM   848  H HB2  . PHE A 1 3  ? 2.706  1.975  -6.685  1.00 0.00 ? 3  PHE A HB2  4 
ATOM   849  H HB3  . PHE A 1 3  ? 3.380  1.790  -5.065  1.00 0.00 ? 3  PHE A HB3  4 
ATOM   850  H HD1  . PHE A 1 3  ? 4.910  -0.434 -4.809  1.00 0.00 ? 3  PHE A HD1  4 
ATOM   851  H HD2  . PHE A 1 3  ? 4.168  1.673  -8.480  1.00 0.00 ? 3  PHE A HD2  4 
ATOM   852  H HE1  . PHE A 1 3  ? 7.016  -1.338 -5.753  1.00 0.00 ? 3  PHE A HE1  4 
ATOM   853  H HE2  . PHE A 1 3  ? 6.278  0.768  -9.422  1.00 0.00 ? 3  PHE A HE2  4 
ATOM   854  H HZ   . PHE A 1 3  ? 7.699  -0.741 -8.060  1.00 0.00 ? 3  PHE A HZ   4 
ATOM   855  N N    . ASP A 1 4  ? -0.072 1.050  -5.454  1.00 0.00 ? 4  ASP A N    4 
ATOM   856  C CA   . ASP A 1 4  ? -1.218 1.499  -4.682  1.00 0.00 ? 4  ASP A CA   4 
ATOM   857  C C    . ASP A 1 4  ? -1.530 0.446  -3.626  1.00 0.00 ? 4  ASP A C    4 
ATOM   858  O O    . ASP A 1 4  ? -2.164 0.726  -2.610  1.00 0.00 ? 4  ASP A O    4 
ATOM   859  C CB   . ASP A 1 4  ? -2.426 1.705  -5.598  1.00 0.00 ? 4  ASP A CB   4 
ATOM   860  C CG   . ASP A 1 4  ? -2.385 3.098  -6.215  1.00 0.00 ? 4  ASP A CG   4 
ATOM   861  O OD1  . ASP A 1 4  ? -1.333 3.476  -6.703  1.00 0.00 ? 4  ASP A OD1  4 
ATOM   862  O OD2  . ASP A 1 4  ? -3.404 3.768  -6.190  1.00 0.00 ? 4  ASP A OD2  4 
ATOM   863  H H    . ASP A 1 4  ? -0.114 1.049  -6.433  1.00 0.00 ? 4  ASP A H    4 
ATOM   864  H HA   . ASP A 1 4  ? -0.975 2.431  -4.193  1.00 0.00 ? 4  ASP A HA   4 
ATOM   865  H HB2  . ASP A 1 4  ? -2.411 0.964  -6.383  1.00 0.00 ? 4  ASP A HB2  4 
ATOM   866  H HB3  . ASP A 1 4  ? -3.333 1.596  -5.025  1.00 0.00 ? 4  ASP A HB3  4 
ATOM   867  N N    . LYS A 1 5  ? -1.054 -0.767 -3.887  1.00 0.00 ? 5  LYS A N    4 
ATOM   868  C CA   . LYS A 1 5  ? -1.248 -1.883 -2.974  1.00 0.00 ? 5  LYS A CA   4 
ATOM   869  C C    . LYS A 1 5  ? -0.123 -1.907 -1.939  1.00 0.00 ? 5  LYS A C    4 
ATOM   870  O O    . LYS A 1 5  ? -0.319 -2.345 -0.806  1.00 0.00 ? 5  LYS A O    4 
ATOM   871  C CB   . LYS A 1 5  ? -1.267 -3.196 -3.766  1.00 0.00 ? 5  LYS A CB   4 
ATOM   872  C CG   . LYS A 1 5  ? -1.153 -4.383 -2.805  1.00 0.00 ? 5  LYS A CG   4 
ATOM   873  C CD   . LYS A 1 5  ? -1.546 -5.670 -3.536  1.00 0.00 ? 5  LYS A CD   4 
ATOM   874  C CE   . LYS A 1 5  ? -1.120 -6.878 -2.704  1.00 0.00 ? 5  LYS A CE   4 
ATOM   875  N NZ   . LYS A 1 5  ? 0.367  -6.991 -2.715  1.00 0.00 ? 5  LYS A NZ   4 
ATOM   876  H H    . LYS A 1 5  ? -0.546 -0.911 -4.714  1.00 0.00 ? 5  LYS A H    4 
ATOM   877  H HA   . LYS A 1 5  ? -2.194 -1.765 -2.467  1.00 0.00 ? 5  LYS A HA   4 
ATOM   878  H HB2  . LYS A 1 5  ? -2.194 -3.267 -4.316  1.00 0.00 ? 5  LYS A HB2  4 
ATOM   879  H HB3  . LYS A 1 5  ? -0.437 -3.212 -4.459  1.00 0.00 ? 5  LYS A HB3  4 
ATOM   880  H HG2  . LYS A 1 5  ? -0.136 -4.464 -2.452  1.00 0.00 ? 5  LYS A HG2  4 
ATOM   881  H HG3  . LYS A 1 5  ? -1.815 -4.231 -1.967  1.00 0.00 ? 5  LYS A HG3  4 
ATOM   882  H HD2  . LYS A 1 5  ? -2.616 -5.688 -3.681  1.00 0.00 ? 5  LYS A HD2  4 
ATOM   883  H HD3  . LYS A 1 5  ? -1.051 -5.703 -4.495  1.00 0.00 ? 5  LYS A HD3  4 
ATOM   884  H HE2  . LYS A 1 5  ? -1.463 -6.755 -1.686  1.00 0.00 ? 5  LYS A HE2  4 
ATOM   885  H HE3  . LYS A 1 5  ? -1.553 -7.775 -3.122  1.00 0.00 ? 5  LYS A HE3  4 
ATOM   886  H HZ1  . LYS A 1 5  ? 0.638  -7.995 -2.690  1.00 0.00 ? 5  LYS A HZ1  4 
ATOM   887  H HZ2  . LYS A 1 5  ? 0.757  -6.505 -1.882  1.00 0.00 ? 5  LYS A HZ2  4 
ATOM   888  H HZ3  . LYS A 1 5  ? 0.741  -6.555 -3.581  1.00 0.00 ? 5  LYS A HZ3  4 
ATOM   889  N N    . ILE A 1 6  ? 1.052  -1.422 -2.337  1.00 0.00 ? 6  ILE A N    4 
ATOM   890  C CA   . ILE A 1 6  ? 2.199  -1.384 -1.436  1.00 0.00 ? 6  ILE A CA   4 
ATOM   891  C C    . ILE A 1 6  ? 2.077  -0.200 -0.479  1.00 0.00 ? 6  ILE A C    4 
ATOM   892  O O    . ILE A 1 6  ? 2.641  -0.216 0.612   1.00 0.00 ? 6  ILE A O    4 
ATOM   893  C CB   . ILE A 1 6  ? 3.509  -1.275 -2.237  1.00 0.00 ? 6  ILE A CB   4 
ATOM   894  C CG1  . ILE A 1 6  ? 3.917  -2.662 -2.751  1.00 0.00 ? 6  ILE A CG1  4 
ATOM   895  C CG2  . ILE A 1 6  ? 4.621  -0.735 -1.331  1.00 0.00 ? 6  ILE A CG2  4 
ATOM   896  C CD1  . ILE A 1 6  ? 2.724  -3.339 -3.427  1.00 0.00 ? 6  ILE A CD1  4 
ATOM   897  H H    . ILE A 1 6  ? 1.146  -1.080 -3.251  1.00 0.00 ? 6  ILE A H    4 
ATOM   898  H HA   . ILE A 1 6  ? 2.218  -2.295 -0.856  1.00 0.00 ? 6  ILE A HA   4 
ATOM   899  H HB   . ILE A 1 6  ? 3.372  -0.603 -3.077  1.00 0.00 ? 6  ILE A HB   4 
ATOM   900  H HG12 . ILE A 1 6  ? 4.721  -2.557 -3.465  1.00 0.00 ? 6  ILE A HG12 4 
ATOM   901  H HG13 . ILE A 1 6  ? 4.249  -3.269 -1.921  1.00 0.00 ? 6  ILE A HG13 4 
ATOM   902  H HG21 . ILE A 1 6  ? 4.511  0.334  -1.227  1.00 0.00 ? 6  ILE A HG21 4 
ATOM   903  H HG22 . ILE A 1 6  ? 5.582  -0.956 -1.769  1.00 0.00 ? 6  ILE A HG22 4 
ATOM   904  H HG23 . ILE A 1 6  ? 4.551  -1.201 -0.359  1.00 0.00 ? 6  ILE A HG23 4 
ATOM   905  H HD11 . ILE A 1 6  ? 3.075  -4.137 -4.064  1.00 0.00 ? 6  ILE A HD11 4 
ATOM   906  H HD12 . ILE A 1 6  ? 2.189  -2.614 -4.021  1.00 0.00 ? 6  ILE A HD12 4 
ATOM   907  H HD13 . ILE A 1 6  ? 2.064  -3.743 -2.674  1.00 0.00 ? 6  ILE A HD13 4 
ATOM   908  N N    . ARG A 1 7  ? 1.339  0.823  -0.899  1.00 0.00 ? 7  ARG A N    4 
ATOM   909  C CA   . ARG A 1 7  ? 1.141  2.006  -0.065  1.00 0.00 ? 7  ARG A CA   4 
ATOM   910  C C    . ARG A 1 7  ? 0.001  1.777  0.924   1.00 0.00 ? 7  ARG A C    4 
ATOM   911  O O    . ARG A 1 7  ? 0.153  1.995  2.125   1.00 0.00 ? 7  ARG A O    4 
ATOM   912  C CB   . ARG A 1 7  ? 0.826  3.220  -0.944  1.00 0.00 ? 7  ARG A CB   4 
ATOM   913  C CG   . ARG A 1 7  ? 1.041  4.511  -0.143  1.00 0.00 ? 7  ARG A CG   4 
ATOM   914  C CD   . ARG A 1 7  ? 2.539  4.739  0.102   1.00 0.00 ? 7  ARG A CD   4 
ATOM   915  N NE   . ARG A 1 7  ? 2.827  6.167  0.160   1.00 0.00 ? 7  ARG A NE   4 
ATOM   916  C CZ   . ARG A 1 7  ? 3.972  6.619  0.661   1.00 0.00 ? 7  ARG A CZ   4 
ATOM   917  N NH1  . ARG A 1 7  ? 4.864  5.779  1.113   1.00 0.00 ? 7  ARG A NH1  4 
ATOM   918  N NH2  . ARG A 1 7  ? 4.205  7.902  0.703   1.00 0.00 ? 7  ARG A NH2  4 
ATOM   919  H H    . ARG A 1 7  ? 0.914  0.781  -1.780  1.00 0.00 ? 7  ARG A H    4 
ATOM   920  H HA   . ARG A 1 7  ? 2.046  2.200  0.493   1.00 0.00 ? 7  ARG A HA   4 
ATOM   921  H HB2  . ARG A 1 7  ? 1.474  3.216  -1.808  1.00 0.00 ? 7  ARG A HB2  4 
ATOM   922  H HB3  . ARG A 1 7  ? -0.203 3.170  -1.268  1.00 0.00 ? 7  ARG A HB3  4 
ATOM   923  H HG2  . ARG A 1 7  ? 0.639  5.347  -0.698  1.00 0.00 ? 7  ARG A HG2  4 
ATOM   924  H HG3  . ARG A 1 7  ? 0.531  4.433  0.805   1.00 0.00 ? 7  ARG A HG3  4 
ATOM   925  H HD2  . ARG A 1 7  ? 2.824  4.282  1.040   1.00 0.00 ? 7  ARG A HD2  4 
ATOM   926  H HD3  . ARG A 1 7  ? 3.112  4.293  -0.698  1.00 0.00 ? 7  ARG A HD3  4 
ATOM   927  H HE   . ARG A 1 7  ? 2.165  6.805  -0.178  1.00 0.00 ? 7  ARG A HE   4 
ATOM   928  H HH11 . ARG A 1 7  ? 4.687  4.796  1.079   1.00 0.00 ? 7  ARG A HH11 4 
ATOM   929  H HH12 . ARG A 1 7  ? 5.726  6.120  1.491   1.00 0.00 ? 7  ARG A HH12 4 
ATOM   930  H HH21 . ARG A 1 7  ? 3.523  8.545  0.355   1.00 0.00 ? 7  ARG A HH21 4 
ATOM   931  H HH22 . ARG A 1 7  ? 5.066  8.243  1.079   1.00 0.00 ? 7  ARG A HH22 4 
ATOM   932  N N    . GLN A 1 8  ? -1.142 1.341  0.402   1.00 0.00 ? 8  GLN A N    4 
ATOM   933  C CA   . GLN A 1 8  ? -2.309 1.088  1.233   1.00 0.00 ? 8  GLN A CA   4 
ATOM   934  C C    . GLN A 1 8  ? -1.934 0.258  2.454   1.00 0.00 ? 8  GLN A C    4 
ATOM   935  O O    . GLN A 1 8  ? -2.329 0.574  3.575   1.00 0.00 ? 8  GLN A O    4 
ATOM   936  C CB   . GLN A 1 8  ? -3.371 0.350  0.413   1.00 0.00 ? 8  GLN A CB   4 
ATOM   937  C CG   . GLN A 1 8  ? -4.103 1.345  -0.491  1.00 0.00 ? 8  GLN A CG   4 
ATOM   938  C CD   . GLN A 1 8  ? -5.044 2.208  0.341   1.00 0.00 ? 8  GLN A CD   4 
ATOM   939  O OE1  . GLN A 1 8  ? -4.997 3.436  0.259   1.00 0.00 ? 8  GLN A OE1  4 
ATOM   940  N NE2  . GLN A 1 8  ? -5.901 1.638  1.144   1.00 0.00 ? 8  GLN A NE2  4 
ATOM   941  H H    . GLN A 1 8  ? -1.201 1.189  -0.563  1.00 0.00 ? 8  GLN A H    4 
ATOM   942  H HA   . GLN A 1 8  ? -2.716 2.031  1.561   1.00 0.00 ? 8  GLN A HA   4 
ATOM   943  H HB2  . GLN A 1 8  ? -2.893 -0.405 -0.194  1.00 0.00 ? 8  GLN A HB2  4 
ATOM   944  H HB3  . GLN A 1 8  ? -4.077 -0.117 1.077   1.00 0.00 ? 8  GLN A HB3  4 
ATOM   945  H HG2  . GLN A 1 8  ? -3.381 1.976  -0.988  1.00 0.00 ? 8  GLN A HG2  4 
ATOM   946  H HG3  . GLN A 1 8  ? -4.676 0.802  -1.230  1.00 0.00 ? 8  GLN A HG3  4 
ATOM   947  H HE21 . GLN A 1 8  ? -5.937 0.661  1.208   1.00 0.00 ? 8  GLN A HE21 4 
ATOM   948  H HE22 . GLN A 1 8  ? -6.509 2.187  1.682   1.00 0.00 ? 8  GLN A HE22 4 
ATOM   949  N N    . VAL A 1 9  ? -1.171 -0.806 2.233   1.00 0.00 ? 9  VAL A N    4 
ATOM   950  C CA   . VAL A 1 9  ? -0.755 -1.672 3.330   1.00 0.00 ? 9  VAL A CA   4 
ATOM   951  C C    . VAL A 1 9  ? -0.133 -0.854 4.458   1.00 0.00 ? 9  VAL A C    4 
ATOM   952  O O    . VAL A 1 9  ? -0.501 -1.007 5.622   1.00 0.00 ? 9  VAL A O    4 
ATOM   953  C CB   . VAL A 1 9  ? 0.267  -2.692 2.831   1.00 0.00 ? 9  VAL A CB   4 
ATOM   954  C CG1  . VAL A 1 9  ? 1.482  -1.957 2.265   1.00 0.00 ? 9  VAL A CG1  4 
ATOM   955  C CG2  . VAL A 1 9  ? 0.701  -3.577 4.000   1.00 0.00 ? 9  VAL A CG2  4 
ATOM   956  H H    . VAL A 1 9  ? -0.887 -1.012 1.318   1.00 0.00 ? 9  VAL A H    4 
ATOM   957  H HA   . VAL A 1 9  ? -1.617 -2.199 3.709   1.00 0.00 ? 9  VAL A HA   4 
ATOM   958  H HB   . VAL A 1 9  ? -0.175 -3.301 2.057   1.00 0.00 ? 9  VAL A HB   4 
ATOM   959  H HG11 . VAL A 1 9  ? 1.979  -2.584 1.540   1.00 0.00 ? 9  VAL A HG11 4 
ATOM   960  H HG12 . VAL A 1 9  ? 2.166  -1.719 3.064   1.00 0.00 ? 9  VAL A HG12 4 
ATOM   961  H HG13 . VAL A 1 9  ? 1.154  -1.048 1.787   1.00 0.00 ? 9  VAL A HG13 4 
ATOM   962  H HG21 . VAL A 1 9  ? -0.175 -3.928 4.521   1.00 0.00 ? 9  VAL A HG21 4 
ATOM   963  H HG22 . VAL A 1 9  ? 1.320  -3.005 4.678   1.00 0.00 ? 9  VAL A HG22 4 
ATOM   964  H HG23 . VAL A 1 9  ? 1.261  -4.421 3.627   1.00 0.00 ? 9  VAL A HG23 4 
ATOM   965  N N    . ILE A 1 10 ? 0.814  0.011  4.105   1.00 0.00 ? 10 ILE A N    4 
ATOM   966  C CA   . ILE A 1 10 ? 1.484  0.843  5.098   1.00 0.00 ? 10 ILE A CA   4 
ATOM   967  C C    . ILE A 1 10 ? 0.472  1.441  6.062   1.00 0.00 ? 10 ILE A C    4 
ATOM   968  O O    . ILE A 1 10 ? 0.749  1.595  7.250   1.00 0.00 ? 10 ILE A O    4 
ATOM   969  C CB   . ILE A 1 10 ? 2.254  1.972  4.405   1.00 0.00 ? 10 ILE A CB   4 
ATOM   970  C CG1  . ILE A 1 10 ? 3.211  1.384  3.359   1.00 0.00 ? 10 ILE A CG1  4 
ATOM   971  C CG2  . ILE A 1 10 ? 3.048  2.774  5.440   1.00 0.00 ? 10 ILE A CG2  4 
ATOM   972  C CD1  . ILE A 1 10 ? 4.215  0.437  4.025   1.00 0.00 ? 10 ILE A CD1  4 
ATOM   973  H H    . ILE A 1 10 ? 1.069  0.086  3.162   1.00 0.00 ? 10 ILE A H    4 
ATOM   974  H HA   . ILE A 1 10 ? 2.174  0.231  5.657   1.00 0.00 ? 10 ILE A HA   4 
ATOM   975  H HB   . ILE A 1 10 ? 1.550  2.628  3.914   1.00 0.00 ? 10 ILE A HB   4 
ATOM   976  H HG12 . ILE A 1 10 ? 2.640  0.839  2.625   1.00 0.00 ? 10 ILE A HG12 4 
ATOM   977  H HG13 . ILE A 1 10 ? 3.746  2.187  2.875   1.00 0.00 ? 10 ILE A HG13 4 
ATOM   978  H HG21 . ILE A 1 10 ? 3.748  2.124  5.940   1.00 0.00 ? 10 ILE A HG21 4 
ATOM   979  H HG22 . ILE A 1 10 ? 2.369  3.199  6.166   1.00 0.00 ? 10 ILE A HG22 4 
ATOM   980  H HG23 . ILE A 1 10 ? 3.584  3.569  4.943   1.00 0.00 ? 10 ILE A HG23 4 
ATOM   981  H HD11 . ILE A 1 10 ? 4.530  0.846  4.973   1.00 0.00 ? 10 ILE A HD11 4 
ATOM   982  H HD12 . ILE A 1 10 ? 5.074  0.319  3.383   1.00 0.00 ? 10 ILE A HD12 4 
ATOM   983  H HD13 . ILE A 1 10 ? 3.752  -0.524 4.184   1.00 0.00 ? 10 ILE A HD13 4 
ATOM   984  N N    . ARG A 1 11 ? -0.706 1.763  5.547   1.00 0.00 ? 11 ARG A N    4 
ATOM   985  C CA   . ARG A 1 11 ? -1.748 2.330  6.390   1.00 0.00 ? 11 ARG A CA   4 
ATOM   986  C C    . ARG A 1 11 ? -1.974 1.399  7.565   1.00 0.00 ? 11 ARG A C    4 
ATOM   987  O O    . ARG A 1 11 ? -2.202 1.836  8.693   1.00 0.00 ? 11 ARG A O    4 
ATOM   988  C CB   . ARG A 1 11 ? -3.048 2.506  5.600   1.00 0.00 ? 11 ARG A CB   4 
ATOM   989  C CG   . ARG A 1 11 ? -4.092 3.222  6.465   1.00 0.00 ? 11 ARG A CG   4 
ATOM   990  C CD   . ARG A 1 11 ? -3.609 4.638  6.809   1.00 0.00 ? 11 ARG A CD   4 
ATOM   991  N NE   . ARG A 1 11 ? -4.748 5.519  7.030   1.00 0.00 ? 11 ARG A NE   4 
ATOM   992  C CZ   . ARG A 1 11 ? -4.602 6.687  7.649   1.00 0.00 ? 11 ARG A CZ   4 
ATOM   993  N NH1  . ARG A 1 11 ? -3.423 7.057  8.073   1.00 0.00 ? 11 ARG A NH1  4 
ATOM   994  N NH2  . ARG A 1 11 ? -5.634 7.462  7.834   1.00 0.00 ? 11 ARG A NH2  4 
ATOM   995  H H    . ARG A 1 11 ? -0.875 1.607  4.598   1.00 0.00 ? 11 ARG A H    4 
ATOM   996  H HA   . ARG A 1 11 ? -1.417 3.290  6.758   1.00 0.00 ? 11 ARG A HA   4 
ATOM   997  H HB2  . ARG A 1 11 ? -2.853 3.090  4.712   1.00 0.00 ? 11 ARG A HB2  4 
ATOM   998  H HB3  . ARG A 1 11 ? -3.428 1.537  5.316   1.00 0.00 ? 11 ARG A HB3  4 
ATOM   999  H HG2  . ARG A 1 11 ? -5.024 3.284  5.923   1.00 0.00 ? 11 ARG A HG2  4 
ATOM   1000 H HG3  . ARG A 1 11 ? -4.245 2.666  7.377   1.00 0.00 ? 11 ARG A HG3  4 
ATOM   1001 H HD2  . ARG A 1 11 ? -3.009 4.601  7.706   1.00 0.00 ? 11 ARG A HD2  4 
ATOM   1002 H HD3  . ARG A 1 11 ? -3.013 5.023  5.995   1.00 0.00 ? 11 ARG A HD3  4 
ATOM   1003 H HE   . ARG A 1 11 ? -5.636 5.249  6.717   1.00 0.00 ? 11 ARG A HE   4 
ATOM   1004 H HH11 . ARG A 1 11 ? -2.633 6.463  7.932   1.00 0.00 ? 11 ARG A HH11 4 
ATOM   1005 H HH12 . ARG A 1 11 ? -3.315 7.935  8.539   1.00 0.00 ? 11 ARG A HH12 4 
ATOM   1006 H HH21 . ARG A 1 11 ? -6.537 7.178  7.510   1.00 0.00 ? 11 ARG A HH21 4 
ATOM   1007 H HH22 . ARG A 1 11 ? -5.524 8.341  8.299   1.00 0.00 ? 11 ARG A HH22 4 
ATOM   1008 N N    . LYS A 1 12 ? -1.871 0.106  7.287   1.00 0.00 ? 12 LYS A N    4 
ATOM   1009 C CA   . LYS A 1 12 ? -2.022 -0.903 8.318   1.00 0.00 ? 12 LYS A CA   4 
ATOM   1010 C C    . LYS A 1 12 ? -0.670 -1.126 8.980   1.00 0.00 ? 12 LYS A C    4 
ATOM   1011 O O    . LYS A 1 12 ? -0.595 -1.476 10.159  1.00 0.00 ? 12 LYS A O    4 
ATOM   1012 C CB   . LYS A 1 12 ? -2.535 -2.210 7.712   1.00 0.00 ? 12 LYS A CB   4 
ATOM   1013 C CG   . LYS A 1 12 ? -2.861 -3.202 8.834   1.00 0.00 ? 12 LYS A CG   4 
ATOM   1014 C CD   . LYS A 1 12 ? -3.693 -4.367 8.281   1.00 0.00 ? 12 LYS A CD   4 
ATOM   1015 C CE   . LYS A 1 12 ? -3.104 -4.850 6.954   1.00 0.00 ? 12 LYS A CE   4 
ATOM   1016 N NZ   . LYS A 1 12 ? -3.675 -6.184 6.615   1.00 0.00 ? 12 LYS A NZ   4 
ATOM   1017 H H    . LYS A 1 12 ? -1.662 -0.173 6.370   1.00 0.00 ? 12 LYS A H    4 
ATOM   1018 H HA   . LYS A 1 12 ? -2.727 -0.552 9.058   1.00 0.00 ? 12 LYS A HA   4 
ATOM   1019 H HB2  . LYS A 1 12 ? -3.427 -2.012 7.134   1.00 0.00 ? 12 LYS A HB2  4 
ATOM   1020 H HB3  . LYS A 1 12 ? -1.777 -2.629 7.069   1.00 0.00 ? 12 LYS A HB3  4 
ATOM   1021 H HG2  . LYS A 1 12 ? -1.944 -3.584 9.255   1.00 0.00 ? 12 LYS A HG2  4 
ATOM   1022 H HG3  . LYS A 1 12 ? -3.425 -2.698 9.604   1.00 0.00 ? 12 LYS A HG3  4 
ATOM   1023 H HD2  . LYS A 1 12 ? -3.682 -5.181 8.991   1.00 0.00 ? 12 LYS A HD2  4 
ATOM   1024 H HD3  . LYS A 1 12 ? -4.709 -4.040 8.123   1.00 0.00 ? 12 LYS A HD3  4 
ATOM   1025 H HE2  . LYS A 1 12 ? -3.346 -4.145 6.173   1.00 0.00 ? 12 LYS A HE2  4 
ATOM   1026 H HE3  . LYS A 1 12 ? -2.031 -4.933 7.044   1.00 0.00 ? 12 LYS A HE3  4 
ATOM   1027 H HZ1  . LYS A 1 12 ? -4.688 -6.198 6.850   1.00 0.00 ? 12 LYS A HZ1  4 
ATOM   1028 H HZ2  . LYS A 1 12 ? -3.184 -6.921 7.160   1.00 0.00 ? 12 LYS A HZ2  4 
ATOM   1029 H HZ3  . LYS A 1 12 ? -3.556 -6.365 5.599   1.00 0.00 ? 12 LYS A HZ3  4 
ATOM   1030 N N    . PHE A 1 13 ? 0.401  -0.892 8.214   1.00 0.00 ? 13 PHE A N    4 
ATOM   1031 C CA   . PHE A 1 13 ? 1.750  -1.044 8.738   1.00 0.00 ? 13 PHE A CA   4 
ATOM   1032 C C    . PHE A 1 13 ? 2.795  -0.602 7.724   1.00 0.00 ? 13 PHE A C    4 
ATOM   1033 O O    . PHE A 1 13 ? 3.225  -1.387 6.882   1.00 0.00 ? 13 PHE A O    4 
ATOM   1034 C CB   . PHE A 1 13 ? 2.001  -2.487 9.171   1.00 0.00 ? 13 PHE A CB   4 
ATOM   1035 C CG   . PHE A 1 13 ? 2.050  -3.448 7.998   1.00 0.00 ? 13 PHE A CG   4 
ATOM   1036 C CD1  . PHE A 1 13 ? 0.876  -4.070 7.555   1.00 0.00 ? 13 PHE A CD1  4 
ATOM   1037 C CD2  . PHE A 1 13 ? 3.272  -3.755 7.383   1.00 0.00 ? 13 PHE A CD2  4 
ATOM   1038 C CE1  . PHE A 1 13 ? 0.922  -4.988 6.500   1.00 0.00 ? 13 PHE A CE1  4 
ATOM   1039 C CE2  . PHE A 1 13 ? 3.317  -4.677 6.331   1.00 0.00 ? 13 PHE A CE2  4 
ATOM   1040 C CZ   . PHE A 1 13 ? 2.143  -5.292 5.890   1.00 0.00 ? 13 PHE A CZ   4 
ATOM   1041 H H    . PHE A 1 13 ? 0.277  -0.595 7.289   1.00 0.00 ? 13 PHE A H    4 
ATOM   1042 H HA   . PHE A 1 13 ? 1.842  -0.413 9.609   1.00 0.00 ? 13 PHE A HA   4 
ATOM   1043 H HB2  . PHE A 1 13 ? 2.935  -2.532 9.697   1.00 0.00 ? 13 PHE A HB2  4 
ATOM   1044 H HB3  . PHE A 1 13 ? 1.212  -2.784 9.831   1.00 0.00 ? 13 PHE A HB3  4 
ATOM   1045 H HD1  . PHE A 1 13 ? -0.068 -3.838 8.021   1.00 0.00 ? 13 PHE A HD1  4 
ATOM   1046 H HD2  . PHE A 1 13 ? 4.181  -3.279 7.719   1.00 0.00 ? 13 PHE A HD2  4 
ATOM   1047 H HE1  . PHE A 1 13 ? 0.014  -5.468 6.161   1.00 0.00 ? 13 PHE A HE1  4 
ATOM   1048 H HE2  . PHE A 1 13 ? 4.258  -4.912 5.860   1.00 0.00 ? 13 PHE A HE2  4 
ATOM   1049 H HZ   . PHE A 1 13 ? 2.178  -6.004 5.078   1.00 0.00 ? 13 PHE A HZ   4 
HETATM 1050 N N    . NH2 A 1 14 ? 3.236  0.625  7.757   1.00 0.00 ? 14 NH2 A N    4 
HETATM 1051 H HN1  . NH2 A 1 14 ? 2.891  1.252  8.428   1.00 0.00 ? 14 NH2 A HN1  4 
HETATM 1052 H HN2  . NH2 A 1 14 ? 3.915  0.918  7.116   1.00 0.00 ? 14 NH2 A HN2  4 
ATOM   1053 N N    . ARG A 1 1  ? -1.213 2.425  -8.581  1.00 0.00 ? 1  ARG A N    5 
ATOM   1054 C CA   . ARG A 1 1  ? -0.944 1.239  -9.445  1.00 0.00 ? 1  ARG A CA   5 
ATOM   1055 C C    . ARG A 1 1  ? -0.499 0.070  -8.570  1.00 0.00 ? 1  ARG A C    5 
ATOM   1056 O O    . ARG A 1 1  ? -0.856 -0.005 -7.394  1.00 0.00 ? 1  ARG A O    5 
ATOM   1057 C CB   . ARG A 1 1  ? 0.149  1.594  -10.463 1.00 0.00 ? 1  ARG A CB   5 
ATOM   1058 C CG   . ARG A 1 1  ? -0.064 0.790  -11.753 1.00 0.00 ? 1  ARG A CG   5 
ATOM   1059 C CD   . ARG A 1 1  ? -1.183 1.426  -12.589 1.00 0.00 ? 1  ARG A CD   5 
ATOM   1060 N NE   . ARG A 1 1  ? -2.083 0.395  -13.092 1.00 0.00 ? 1  ARG A NE   5 
ATOM   1061 C CZ   . ARG A 1 1  ? -3.286 0.704  -13.562 1.00 0.00 ? 1  ARG A CZ   5 
ATOM   1062 N NH1  . ARG A 1 1  ? -3.681 1.948  -13.578 1.00 0.00 ? 1  ARG A NH1  5 
ATOM   1063 N NH2  . ARG A 1 1  ? -4.075 -0.236 -14.006 1.00 0.00 ? 1  ARG A NH2  5 
ATOM   1064 H H1   . ARG A 1 1  ? -0.642 2.359  -7.715  1.00 0.00 ? 1  ARG A H1   5 
ATOM   1065 H H2   . ARG A 1 1  ? -2.223 2.448  -8.332  1.00 0.00 ? 1  ARG A H2   5 
ATOM   1066 H H3   . ARG A 1 1  ? -0.961 3.292  -9.095  1.00 0.00 ? 1  ARG A H3   5 
ATOM   1067 H HA   . ARG A 1 1  ? -1.849 0.967  -9.967  1.00 0.00 ? 1  ARG A HA   5 
ATOM   1068 H HB2  . ARG A 1 1  ? 0.102  2.650  -10.684 1.00 0.00 ? 1  ARG A HB2  5 
ATOM   1069 H HB3  . ARG A 1 1  ? 1.118  1.359  -10.049 1.00 0.00 ? 1  ARG A HB3  5 
ATOM   1070 H HG2  . ARG A 1 1  ? 0.854  0.783  -12.323 1.00 0.00 ? 1  ARG A HG2  5 
ATOM   1071 H HG3  . ARG A 1 1  ? -0.338 -0.223 -11.503 1.00 0.00 ? 1  ARG A HG3  5 
ATOM   1072 H HD2  . ARG A 1 1  ? -1.745 2.118  -11.978 1.00 0.00 ? 1  ARG A HD2  5 
ATOM   1073 H HD3  . ARG A 1 1  ? -0.751 1.957  -13.423 1.00 0.00 ? 1  ARG A HD3  5 
ATOM   1074 H HE   . ARG A 1 1  ? -1.794 -0.542 -13.084 1.00 0.00 ? 1  ARG A HE   5 
ATOM   1075 H HH11 . ARG A 1 1  ? -3.078 2.668  -13.236 1.00 0.00 ? 1  ARG A HH11 5 
ATOM   1076 H HH12 . ARG A 1 1  ? -4.587 2.180  -13.932 1.00 0.00 ? 1  ARG A HH12 5 
ATOM   1077 H HH21 . ARG A 1 1  ? -3.773 -1.189 -13.993 1.00 0.00 ? 1  ARG A HH21 5 
ATOM   1078 H HH22 . ARG A 1 1  ? -4.981 -0.004 -14.360 1.00 0.00 ? 1  ARG A HH22 5 
ATOM   1079 N N    . LEU A 1 2  ? 0.275  -0.842 -9.149  1.00 0.00 ? 2  LEU A N    5 
ATOM   1080 C CA   . LEU A 1 2  ? 0.750  -2.001 -8.402  1.00 0.00 ? 2  LEU A CA   5 
ATOM   1081 C C    . LEU A 1 2  ? 1.271  -1.586 -7.044  1.00 0.00 ? 2  LEU A C    5 
ATOM   1082 O O    . LEU A 1 2  ? 1.368  -2.404 -6.131  1.00 0.00 ? 2  LEU A O    5 
ATOM   1083 C CB   . LEU A 1 2  ? 1.815  -2.760 -9.217  1.00 0.00 ? 2  LEU A CB   5 
ATOM   1084 C CG   . LEU A 1 2  ? 3.197  -2.119 -9.132  1.00 0.00 ? 2  LEU A CG   5 
ATOM   1085 C CD1  . LEU A 1 2  ? 3.109  -0.641 -9.516  1.00 0.00 ? 2  LEU A CD1  5 
ATOM   1086 C CD2  . LEU A 1 2  ? 3.764  -2.292 -7.720  1.00 0.00 ? 2  LEU A CD2  5 
ATOM   1087 H H    . LEU A 1 2  ? 0.526  -0.735 -10.089 1.00 0.00 ? 2  LEU A H    5 
ATOM   1088 H HA   . LEU A 1 2  ? -0.074 -2.666 -8.238  1.00 0.00 ? 2  LEU A HA   5 
ATOM   1089 H HB2  . LEU A 1 2  ? 1.882  -3.770 -8.856  1.00 0.00 ? 2  LEU A HB2  5 
ATOM   1090 H HB3  . LEU A 1 2  ? 1.514  -2.769 -10.242 1.00 0.00 ? 2  LEU A HB3  5 
ATOM   1091 H HG   . LEU A 1 2  ? 3.851  -2.617 -9.834  1.00 0.00 ? 2  LEU A HG   5 
ATOM   1092 H HD11 . LEU A 1 2  ? 2.793  -0.065 -8.666  1.00 0.00 ? 2  LEU A HD11 5 
ATOM   1093 H HD12 . LEU A 1 2  ? 2.395  -0.521 -10.315 1.00 0.00 ? 2  LEU A HD12 5 
ATOM   1094 H HD13 . LEU A 1 2  ? 4.076  -0.299 -9.847  1.00 0.00 ? 2  LEU A HD13 5 
ATOM   1095 H HD21 . LEU A 1 2  ? 4.822  -2.474 -7.782  1.00 0.00 ? 2  LEU A HD21 5 
ATOM   1096 H HD22 . LEU A 1 2  ? 3.285  -3.134 -7.236  1.00 0.00 ? 2  LEU A HD22 5 
ATOM   1097 H HD23 . LEU A 1 2  ? 3.586  -1.405 -7.148  1.00 0.00 ? 2  LEU A HD23 5 
ATOM   1098 N N    . PHE A 1 3  ? 1.609  -0.313 -6.911  1.00 0.00 ? 3  PHE A N    5 
ATOM   1099 C CA   . PHE A 1 3  ? 2.125  0.194  -5.655  1.00 0.00 ? 3  PHE A CA   5 
ATOM   1100 C C    . PHE A 1 3  ? 0.991  0.612  -4.731  1.00 0.00 ? 3  PHE A C    5 
ATOM   1101 O O    . PHE A 1 3  ? 1.127  0.553  -3.510  1.00 0.00 ? 3  PHE A O    5 
ATOM   1102 C CB   . PHE A 1 3  ? 3.069  1.360  -5.919  1.00 0.00 ? 3  PHE A CB   5 
ATOM   1103 C CG   . PHE A 1 3  ? 4.336  0.829  -6.551  1.00 0.00 ? 3  PHE A CG   5 
ATOM   1104 C CD1  . PHE A 1 3  ? 5.160  -0.055 -5.838  1.00 0.00 ? 3  PHE A CD1  5 
ATOM   1105 C CD2  . PHE A 1 3  ? 4.695  1.228  -7.845  1.00 0.00 ? 3  PHE A CD2  5 
ATOM   1106 C CE1  . PHE A 1 3  ? 6.339  -0.538 -6.420  1.00 0.00 ? 3  PHE A CE1  5 
ATOM   1107 C CE2  . PHE A 1 3  ? 5.878  0.751  -8.422  1.00 0.00 ? 3  PHE A CE2  5 
ATOM   1108 C CZ   . PHE A 1 3  ? 6.701  -0.131 -7.710  1.00 0.00 ? 3  PHE A CZ   5 
ATOM   1109 H H    . PHE A 1 3  ? 1.509  0.294  -7.673  1.00 0.00 ? 3  PHE A H    5 
ATOM   1110 H HA   . PHE A 1 3  ? 2.680  -0.594 -5.173  1.00 0.00 ? 3  PHE A HA   5 
ATOM   1111 H HB2  . PHE A 1 3  ? 2.595  2.065  -6.586  1.00 0.00 ? 3  PHE A HB2  5 
ATOM   1112 H HB3  . PHE A 1 3  ? 3.310  1.848  -4.987  1.00 0.00 ? 3  PHE A HB3  5 
ATOM   1113 H HD1  . PHE A 1 3  ? 4.874  -0.385 -4.850  1.00 0.00 ? 3  PHE A HD1  5 
ATOM   1114 H HD2  . PHE A 1 3  ? 4.052  1.891  -8.401  1.00 0.00 ? 3  PHE A HD2  5 
ATOM   1115 H HE1  . PHE A 1 3  ? 6.973  -1.217 -5.871  1.00 0.00 ? 3  PHE A HE1  5 
ATOM   1116 H HE2  . PHE A 1 3  ? 6.154  1.058  -9.419  1.00 0.00 ? 3  PHE A HE2  5 
ATOM   1117 H HZ   . PHE A 1 3  ? 7.613  -0.498 -8.156  1.00 0.00 ? 3  PHE A HZ   5 
ATOM   1118 N N    . ASP A 1 4  ? -0.139 1.010  -5.310  1.00 0.00 ? 4  ASP A N    5 
ATOM   1119 C CA   . ASP A 1 4  ? -1.279 1.397  -4.499  1.00 0.00 ? 4  ASP A CA   5 
ATOM   1120 C C    . ASP A 1 4  ? -1.540 0.298  -3.482  1.00 0.00 ? 4  ASP A C    5 
ATOM   1121 O O    . ASP A 1 4  ? -2.173 0.514  -2.448  1.00 0.00 ? 4  ASP A O    5 
ATOM   1122 C CB   . ASP A 1 4  ? -2.509 1.596  -5.385  1.00 0.00 ? 4  ASP A CB   5 
ATOM   1123 C CG   . ASP A 1 4  ? -2.372 2.886  -6.186  1.00 0.00 ? 4  ASP A CG   5 
ATOM   1124 O OD1  . ASP A 1 4  ? -1.268 3.399  -6.262  1.00 0.00 ? 4  ASP A OD1  5 
ATOM   1125 O OD2  . ASP A 1 4  ? -3.375 3.343  -6.711  1.00 0.00 ? 4  ASP A OD2  5 
ATOM   1126 H H    . ASP A 1 4  ? -0.211 1.023  -6.285  1.00 0.00 ? 4  ASP A H    5 
ATOM   1127 H HA   . ASP A 1 4  ? -1.056 2.319  -3.983  1.00 0.00 ? 4  ASP A HA   5 
ATOM   1128 H HB2  . ASP A 1 4  ? -2.602 0.760  -6.063  1.00 0.00 ? 4  ASP A HB2  5 
ATOM   1129 H HB3  . ASP A 1 4  ? -3.387 1.652  -4.765  1.00 0.00 ? 4  ASP A HB3  5 
ATOM   1130 N N    . LYS A 1 5  ? -1.014 -0.883 -3.792  1.00 0.00 ? 5  LYS A N    5 
ATOM   1131 C CA   . LYS A 1 5  ? -1.148 -2.040 -2.922  1.00 0.00 ? 5  LYS A CA   5 
ATOM   1132 C C    . LYS A 1 5  ? -0.010 -2.045 -1.903  1.00 0.00 ? 5  LYS A C    5 
ATOM   1133 O O    . LYS A 1 5  ? -0.159 -2.550 -0.791  1.00 0.00 ? 5  LYS A O    5 
ATOM   1134 C CB   . LYS A 1 5  ? -1.114 -3.320 -3.768  1.00 0.00 ? 5  LYS A CB   5 
ATOM   1135 C CG   . LYS A 1 5  ? -1.023 -4.554 -2.863  1.00 0.00 ? 5  LYS A CG   5 
ATOM   1136 C CD   . LYS A 1 5  ? -0.911 -5.815 -3.724  1.00 0.00 ? 5  LYS A CD   5 
ATOM   1137 C CE   . LYS A 1 5  ? -2.160 -5.963 -4.597  1.00 0.00 ? 5  LYS A CE   5 
ATOM   1138 N NZ   . LYS A 1 5  ? -2.342 -7.396 -4.963  1.00 0.00 ? 5  LYS A NZ   5 
ATOM   1139 H H    . LYS A 1 5  ? -0.510 -0.973 -4.627  1.00 0.00 ? 5  LYS A H    5 
ATOM   1140 H HA   . LYS A 1 5  ? -2.092 -1.987 -2.400  1.00 0.00 ? 5  LYS A HA   5 
ATOM   1141 H HB2  . LYS A 1 5  ? -2.015 -3.376 -4.359  1.00 0.00 ? 5  LYS A HB2  5 
ATOM   1142 H HB3  . LYS A 1 5  ? -0.256 -3.293 -4.428  1.00 0.00 ? 5  LYS A HB3  5 
ATOM   1143 H HG2  . LYS A 1 5  ? -0.151 -4.476 -2.230  1.00 0.00 ? 5  LYS A HG2  5 
ATOM   1144 H HG3  . LYS A 1 5  ? -1.909 -4.617 -2.251  1.00 0.00 ? 5  LYS A HG3  5 
ATOM   1145 H HD2  . LYS A 1 5  ? -0.037 -5.742 -4.355  1.00 0.00 ? 5  LYS A HD2  5 
ATOM   1146 H HD3  . LYS A 1 5  ? -0.819 -6.680 -3.084  1.00 0.00 ? 5  LYS A HD3  5 
ATOM   1147 H HE2  . LYS A 1 5  ? -3.027 -5.619 -4.052  1.00 0.00 ? 5  LYS A HE2  5 
ATOM   1148 H HE3  . LYS A 1 5  ? -2.044 -5.376 -5.496  1.00 0.00 ? 5  LYS A HE3  5 
ATOM   1149 H HZ1  . LYS A 1 5  ? -1.686 -7.982 -4.407  1.00 0.00 ? 5  LYS A HZ1  5 
ATOM   1150 H HZ2  . LYS A 1 5  ? -2.145 -7.522 -5.977  1.00 0.00 ? 5  LYS A HZ2  5 
ATOM   1151 H HZ3  . LYS A 1 5  ? -3.319 -7.685 -4.760  1.00 0.00 ? 5  LYS A HZ3  5 
ATOM   1152 N N    . ILE A 1 6  ? 1.125  -1.469 -2.297  1.00 0.00 ? 6  ILE A N    5 
ATOM   1153 C CA   . ILE A 1 6  ? 2.286  -1.400 -1.415  1.00 0.00 ? 6  ILE A CA   5 
ATOM   1154 C C    . ILE A 1 6  ? 2.164  -0.202 -0.477  1.00 0.00 ? 6  ILE A C    5 
ATOM   1155 O O    . ILE A 1 6  ? 2.730  -0.197 0.613   1.00 0.00 ? 6  ILE A O    5 
ATOM   1156 C CB   . ILE A 1 6  ? 3.578  -1.287 -2.242  1.00 0.00 ? 6  ILE A CB   5 
ATOM   1157 C CG1  . ILE A 1 6  ? 3.972  -2.673 -2.768  1.00 0.00 ? 6  ILE A CG1  5 
ATOM   1158 C CG2  . ILE A 1 6  ? 4.708  -0.745 -1.363  1.00 0.00 ? 6  ILE A CG2  5 
ATOM   1159 C CD1  . ILE A 1 6  ? 2.767  -3.334 -3.443  1.00 0.00 ? 6  ILE A CD1  5 
ATOM   1160 H H    . ILE A 1 6  ? 1.180  -1.080 -3.193  1.00 0.00 ? 6  ILE A H    5 
ATOM   1161 H HA   . ILE A 1 6  ? 2.328  -2.300 -0.821  1.00 0.00 ? 6  ILE A HA   5 
ATOM   1162 H HB   . ILE A 1 6  ? 3.419  -0.615 -3.078  1.00 0.00 ? 6  ILE A HB   5 
ATOM   1163 H HG12 . ILE A 1 6  ? 4.774  -2.571 -3.484  1.00 0.00 ? 6  ILE A HG12 5 
ATOM   1164 H HG13 . ILE A 1 6  ? 4.302  -3.288 -1.944  1.00 0.00 ? 6  ILE A HG13 5 
ATOM   1165 H HG21 . ILE A 1 6  ? 5.659  -0.952 -1.831  1.00 0.00 ? 6  ILE A HG21 5 
ATOM   1166 H HG22 . ILE A 1 6  ? 4.673  -1.225 -0.396  1.00 0.00 ? 6  ILE A HG22 5 
ATOM   1167 H HG23 . ILE A 1 6  ? 4.590  0.321  -1.241  1.00 0.00 ? 6  ILE A HG23 5 
ATOM   1168 H HD11 . ILE A 1 6  ? 3.106  -4.148 -4.064  1.00 0.00 ? 6  ILE A HD11 5 
ATOM   1169 H HD12 . ILE A 1 6  ? 2.254  -2.606 -4.051  1.00 0.00 ? 6  ILE A HD12 5 
ATOM   1170 H HD13 . ILE A 1 6  ? 2.095  -3.711 -2.686  1.00 0.00 ? 6  ILE A HD13 5 
ATOM   1171 N N    . ARG A 1 7  ? 1.424  0.814  -0.913  1.00 0.00 ? 7  ARG A N    5 
ATOM   1172 C CA   . ARG A 1 7  ? 1.224  2.010  -0.101  1.00 0.00 ? 7  ARG A CA   5 
ATOM   1173 C C    . ARG A 1 7  ? 0.089  1.798  0.895   1.00 0.00 ? 7  ARG A C    5 
ATOM   1174 O O    . ARG A 1 7  ? 0.249  2.022  2.095   1.00 0.00 ? 7  ARG A O    5 
ATOM   1175 C CB   . ARG A 1 7  ? 0.904  3.207  -1.002  1.00 0.00 ? 7  ARG A CB   5 
ATOM   1176 C CG   . ARG A 1 7  ? 0.904  4.491  -0.168  1.00 0.00 ? 7  ARG A CG   5 
ATOM   1177 C CD   . ARG A 1 7  ? 0.510  5.683  -1.053  1.00 0.00 ? 7  ARG A CD   5 
ATOM   1178 N NE   . ARG A 1 7  ? 1.350  6.847  -0.759  1.00 0.00 ? 7  ARG A NE   5 
ATOM   1179 C CZ   . ARG A 1 7  ? 1.658  7.200  0.487   1.00 0.00 ? 7  ARG A CZ   5 
ATOM   1180 N NH1  . ARG A 1 7  ? 1.159  6.550  1.502   1.00 0.00 ? 7  ARG A NH1  5 
ATOM   1181 N NH2  . ARG A 1 7  ? 2.447  8.218  0.695   1.00 0.00 ? 7  ARG A NH2  5 
ATOM   1182 H H    . ARG A 1 7  ? 0.998  0.754  -1.794  1.00 0.00 ? 7  ARG A H    5 
ATOM   1183 H HA   . ARG A 1 7  ? 2.131  2.218  0.448   1.00 0.00 ? 7  ARG A HA   5 
ATOM   1184 H HB2  . ARG A 1 7  ? 1.652  3.281  -1.778  1.00 0.00 ? 7  ARG A HB2  5 
ATOM   1185 H HB3  . ARG A 1 7  ? -0.068 3.070  -1.449  1.00 0.00 ? 7  ARG A HB3  5 
ATOM   1186 H HG2  . ARG A 1 7  ? 0.193  4.390  0.641   1.00 0.00 ? 7  ARG A HG2  5 
ATOM   1187 H HG3  . ARG A 1 7  ? 1.892  4.655  0.237   1.00 0.00 ? 7  ARG A HG3  5 
ATOM   1188 H HD2  . ARG A 1 7  ? 0.647  5.419  -2.090  1.00 0.00 ? 7  ARG A HD2  5 
ATOM   1189 H HD3  . ARG A 1 7  ? -0.532 5.923  -0.886  1.00 0.00 ? 7  ARG A HD3  5 
ATOM   1190 H HE   . ARG A 1 7  ? 1.708  7.372  -1.505  1.00 0.00 ? 7  ARG A HE   5 
ATOM   1191 H HH11 . ARG A 1 7  ? 0.539  5.782  1.349   1.00 0.00 ? 7  ARG A HH11 5 
ATOM   1192 H HH12 . ARG A 1 7  ? 1.398  6.820  2.435   1.00 0.00 ? 7  ARG A HH12 5 
ATOM   1193 H HH21 . ARG A 1 7  ? 2.819  8.729  -0.080  1.00 0.00 ? 7  ARG A HH21 5 
ATOM   1194 H HH22 . ARG A 1 7  ? 2.682  8.486  1.630   1.00 0.00 ? 7  ARG A HH22 5 
ATOM   1195 N N    . GLN A 1 8  ? -1.061 1.368  0.382   1.00 0.00 ? 8  GLN A N    5 
ATOM   1196 C CA   . GLN A 1 8  ? -2.228 1.131  1.223   1.00 0.00 ? 8  GLN A CA   5 
ATOM   1197 C C    . GLN A 1 8  ? -1.861 0.281  2.435   1.00 0.00 ? 8  GLN A C    5 
ATOM   1198 O O    . GLN A 1 8  ? -2.243 0.592  3.561   1.00 0.00 ? 8  GLN A O    5 
ATOM   1199 C CB   . GLN A 1 8  ? -3.313 0.424  0.408   1.00 0.00 ? 8  GLN A CB   5 
ATOM   1200 C CG   . GLN A 1 8  ? -4.081 1.449  -0.430  1.00 0.00 ? 8  GLN A CG   5 
ATOM   1201 C CD   . GLN A 1 8  ? -5.121 0.745  -1.293  1.00 0.00 ? 8  GLN A CD   5 
ATOM   1202 O OE1  . GLN A 1 8  ? -6.322 0.881  -1.058  1.00 0.00 ? 8  GLN A OE1  5 
ATOM   1203 N NE2  . GLN A 1 8  ? -4.730 -0.008 -2.285  1.00 0.00 ? 8  GLN A NE2  5 
ATOM   1204 H H    . GLN A 1 8  ? -1.130 1.211  -0.581  1.00 0.00 ? 8  GLN A H    5 
ATOM   1205 H HA   . GLN A 1 8  ? -2.612 2.079  1.566   1.00 0.00 ? 8  GLN A HA   5 
ATOM   1206 H HB2  . GLN A 1 8  ? -2.854 -0.303 -0.247  1.00 0.00 ? 8  GLN A HB2  5 
ATOM   1207 H HB3  . GLN A 1 8  ? -3.998 -0.076 1.075   1.00 0.00 ? 8  GLN A HB3  5 
ATOM   1208 H HG2  . GLN A 1 8  ? -4.576 2.150  0.228   1.00 0.00 ? 8  GLN A HG2  5 
ATOM   1209 H HG3  . GLN A 1 8  ? -3.390 1.982  -1.066  1.00 0.00 ? 8  GLN A HG3  5 
ATOM   1210 H HE21 . GLN A 1 8  ? -3.774 -0.116 -2.470  1.00 0.00 ? 8  GLN A HE21 5 
ATOM   1211 H HE22 . GLN A 1 8  ? -5.393 -0.465 -2.845  1.00 0.00 ? 8  GLN A HE22 5 
ATOM   1212 N N    . VAL A 1 9  ? -1.120 -0.797 2.198   1.00 0.00 ? 9  VAL A N    5 
ATOM   1213 C CA   . VAL A 1 9  ? -0.718 -1.681 3.283   1.00 0.00 ? 9  VAL A CA   5 
ATOM   1214 C C    . VAL A 1 9  ? -0.108 -0.879 4.427   1.00 0.00 ? 9  VAL A C    5 
ATOM   1215 O O    . VAL A 1 9  ? -0.473 -1.062 5.589   1.00 0.00 ? 9  VAL A O    5 
ATOM   1216 C CB   . VAL A 1 9  ? 0.302  -2.699 2.772   1.00 0.00 ? 9  VAL A CB   5 
ATOM   1217 C CG1  . VAL A 1 9  ? 1.546  -1.963 2.275   1.00 0.00 ? 9  VAL A CG1  5 
ATOM   1218 C CG2  . VAL A 1 9  ? 0.685  -3.650 3.908   1.00 0.00 ? 9  VAL A CG2  5 
ATOM   1219 H H    . VAL A 1 9  ? -0.844 -1.001 1.279   1.00 0.00 ? 9  VAL A H    5 
ATOM   1220 H HA   . VAL A 1 9  ? -1.585 -2.210 3.647   1.00 0.00 ? 9  VAL A HA   5 
ATOM   1221 H HB   . VAL A 1 9  ? -0.129 -3.262 1.958   1.00 0.00 ? 9  VAL A HB   5 
ATOM   1222 H HG11 . VAL A 1 9  ? 2.200  -1.757 3.107   1.00 0.00 ? 9  VAL A HG11 5 
ATOM   1223 H HG12 . VAL A 1 9  ? 1.248  -1.036 1.813   1.00 0.00 ? 9  VAL A HG12 5 
ATOM   1224 H HG13 . VAL A 1 9  ? 2.063  -2.577 1.552   1.00 0.00 ? 9  VAL A HG13 5 
ATOM   1225 H HG21 . VAL A 1 9  ? 1.394  -4.378 3.544   1.00 0.00 ? 9  VAL A HG21 5 
ATOM   1226 H HG22 . VAL A 1 9  ? -0.199 -4.154 4.266   1.00 0.00 ? 9  VAL A HG22 5 
ATOM   1227 H HG23 . VAL A 1 9  ? 1.131  -3.088 4.719   1.00 0.00 ? 9  VAL A HG23 5 
ATOM   1228 N N    . ILE A 1 10 ? 0.826  0.006  4.094   1.00 0.00 ? 10 ILE A N    5 
ATOM   1229 C CA   . ILE A 1 10 ? 1.482  0.824  5.108   1.00 0.00 ? 10 ILE A CA   5 
ATOM   1230 C C    . ILE A 1 10 ? 0.452  1.423  6.054   1.00 0.00 ? 10 ILE A C    5 
ATOM   1231 O O    . ILE A 1 10 ? 0.672  1.489  7.264   1.00 0.00 ? 10 ILE A O    5 
ATOM   1232 C CB   . ILE A 1 10 ? 2.276  1.954  4.446   1.00 0.00 ? 10 ILE A CB   5 
ATOM   1233 C CG1  . ILE A 1 10 ? 3.212  1.379  3.375   1.00 0.00 ? 10 ILE A CG1  5 
ATOM   1234 C CG2  . ILE A 1 10 ? 3.091  2.704  5.502   1.00 0.00 ? 10 ILE A CG2  5 
ATOM   1235 C CD1  . ILE A 1 10 ? 4.227  0.419  4.008   1.00 0.00 ? 10 ILE A CD1  5 
ATOM   1236 H H    . ILE A 1 10 ? 1.080  0.109  3.154   1.00 0.00 ? 10 ILE A H    5 
ATOM   1237 H HA   . ILE A 1 10 ? 2.152  0.202  5.679   1.00 0.00 ? 10 ILE A HA   5 
ATOM   1238 H HB   . ILE A 1 10 ? 1.585  2.644  3.981   1.00 0.00 ? 10 ILE A HB   5 
ATOM   1239 H HG12 . ILE A 1 10 ? 2.629  0.847  2.641   1.00 0.00 ? 10 ILE A HG12 5 
ATOM   1240 H HG13 . ILE A 1 10 ? 3.742  2.186  2.892   1.00 0.00 ? 10 ILE A HG13 5 
ATOM   1241 H HG21 . ILE A 1 10 ? 2.425  3.115  6.247   1.00 0.00 ? 10 ILE A HG21 5 
ATOM   1242 H HG22 . ILE A 1 10 ? 3.640  3.504  5.031   1.00 0.00 ? 10 ILE A HG22 5 
ATOM   1243 H HG23 . ILE A 1 10 ? 3.783  2.023  5.976   1.00 0.00 ? 10 ILE A HG23 5 
ATOM   1244 H HD11 . ILE A 1 10 ? 5.033  0.242  3.312   1.00 0.00 ? 10 ILE A HD11 5 
ATOM   1245 H HD12 . ILE A 1 10 ? 3.743  -0.518 4.238   1.00 0.00 ? 10 ILE A HD12 5 
ATOM   1246 H HD13 . ILE A 1 10 ? 4.624  0.851  4.914   1.00 0.00 ? 10 ILE A HD13 5 
ATOM   1247 N N    . ARG A 1 11 ? -0.676 1.846  5.502   1.00 0.00 ? 11 ARG A N    5 
ATOM   1248 C CA   . ARG A 1 11 ? -1.730 2.419  6.326   1.00 0.00 ? 11 ARG A CA   5 
ATOM   1249 C C    . ARG A 1 11 ? -2.050 1.439  7.436   1.00 0.00 ? 11 ARG A C    5 
ATOM   1250 O O    . ARG A 1 11 ? -2.359 1.824  8.564   1.00 0.00 ? 11 ARG A O    5 
ATOM   1251 C CB   . ARG A 1 11 ? -2.983 2.699  5.490   1.00 0.00 ? 11 ARG A CB   5 
ATOM   1252 C CG   . ARG A 1 11 ? -4.014 3.450  6.342   1.00 0.00 ? 11 ARG A CG   5 
ATOM   1253 C CD   . ARG A 1 11 ? -4.996 4.194  5.430   1.00 0.00 ? 11 ARG A CD   5 
ATOM   1254 N NE   . ARG A 1 11 ? -4.438 5.479  5.031   1.00 0.00 ? 11 ARG A NE   5 
ATOM   1255 C CZ   . ARG A 1 11 ? -4.946 6.161  4.009   1.00 0.00 ? 11 ARG A CZ   5 
ATOM   1256 N NH1  . ARG A 1 11 ? -5.958 5.679  3.342   1.00 0.00 ? 11 ARG A NH1  5 
ATOM   1257 N NH2  . ARG A 1 11 ? -4.431 7.312  3.673   1.00 0.00 ? 11 ARG A NH2  5 
ATOM   1258 H H    . ARG A 1 11 ? -0.803 1.755  4.538   1.00 0.00 ? 11 ARG A H    5 
ATOM   1259 H HA   . ARG A 1 11 ? -1.375 3.342  6.760   1.00 0.00 ? 11 ARG A HA   5 
ATOM   1260 H HB2  . ARG A 1 11 ? -2.716 3.297  4.631   1.00 0.00 ? 11 ARG A HB2  5 
ATOM   1261 H HB3  . ARG A 1 11 ? -3.409 1.764  5.159   1.00 0.00 ? 11 ARG A HB3  5 
ATOM   1262 H HG2  . ARG A 1 11 ? -4.557 2.745  6.955   1.00 0.00 ? 11 ARG A HG2  5 
ATOM   1263 H HG3  . ARG A 1 11 ? -3.509 4.163  6.976   1.00 0.00 ? 11 ARG A HG3  5 
ATOM   1264 H HD2  . ARG A 1 11 ? -5.191 3.597  4.551   1.00 0.00 ? 11 ARG A HD2  5 
ATOM   1265 H HD3  . ARG A 1 11 ? -5.922 4.357  5.962   1.00 0.00 ? 11 ARG A HD3  5 
ATOM   1266 H HE   . ARG A 1 11 ? -3.676 5.848  5.525   1.00 0.00 ? 11 ARG A HE   5 
ATOM   1267 H HH11 . ARG A 1 11 ? -6.353 4.798  3.599   1.00 0.00 ? 11 ARG A HH11 5 
ATOM   1268 H HH12 . ARG A 1 11 ? -6.341 6.194  2.573   1.00 0.00 ? 11 ARG A HH12 5 
ATOM   1269 H HH21 . ARG A 1 11 ? -3.655 7.681  4.185   1.00 0.00 ? 11 ARG A HH21 5 
ATOM   1270 H HH22 . ARG A 1 11 ? -4.812 7.827  2.905   1.00 0.00 ? 11 ARG A HH22 5 
ATOM   1271 N N    . LYS A 1 12 ? -1.928 0.161  7.103   1.00 0.00 ? 12 LYS A N    5 
ATOM   1272 C CA   . LYS A 1 12 ? -2.156 -0.897 8.067   1.00 0.00 ? 12 LYS A CA   5 
ATOM   1273 C C    . LYS A 1 12 ? -0.851 -1.164 8.803   1.00 0.00 ? 12 LYS A C    5 
ATOM   1274 O O    . LYS A 1 12 ? -0.851 -1.556 9.969   1.00 0.00 ? 12 LYS A O    5 
ATOM   1275 C CB   . LYS A 1 12 ? -2.636 -2.164 7.354   1.00 0.00 ? 12 LYS A CB   5 
ATOM   1276 C CG   . LYS A 1 12 ? -3.109 -3.187 8.390   1.00 0.00 ? 12 LYS A CG   5 
ATOM   1277 C CD   . LYS A 1 12 ? -3.306 -4.545 7.712   1.00 0.00 ? 12 LYS A CD   5 
ATOM   1278 C CE   . LYS A 1 12 ? -4.118 -5.461 8.630   1.00 0.00 ? 12 LYS A CE   5 
ATOM   1279 N NZ   . LYS A 1 12 ? -3.714 -5.230 10.046  1.00 0.00 ? 12 LYS A NZ   5 
ATOM   1280 H H    . LYS A 1 12 ? -1.648 -0.072 6.193   1.00 0.00 ? 12 LYS A H    5 
ATOM   1281 H HA   . LYS A 1 12 ? -2.907 -0.579 8.776   1.00 0.00 ? 12 LYS A HA   5 
ATOM   1282 H HB2  . LYS A 1 12 ? -3.456 -1.915 6.695   1.00 0.00 ? 12 LYS A HB2  5 
ATOM   1283 H HB3  . LYS A 1 12 ? -1.826 -2.582 6.778   1.00 0.00 ? 12 LYS A HB3  5 
ATOM   1284 H HG2  . LYS A 1 12 ? -2.368 -3.278 9.170   1.00 0.00 ? 12 LYS A HG2  5 
ATOM   1285 H HG3  . LYS A 1 12 ? -4.044 -2.861 8.817   1.00 0.00 ? 12 LYS A HG3  5 
ATOM   1286 H HD2  . LYS A 1 12 ? -3.836 -4.407 6.779   1.00 0.00 ? 12 LYS A HD2  5 
ATOM   1287 H HD3  . LYS A 1 12 ? -2.346 -4.994 7.517   1.00 0.00 ? 12 LYS A HD3  5 
ATOM   1288 H HE2  . LYS A 1 12 ? -5.169 -5.246 8.516   1.00 0.00 ? 12 LYS A HE2  5 
ATOM   1289 H HE3  . LYS A 1 12 ? -3.931 -6.493 8.367   1.00 0.00 ? 12 LYS A HE3  5 
ATOM   1290 H HZ1  . LYS A 1 12 ? -4.282 -5.834 10.672  1.00 0.00 ? 12 LYS A HZ1  5 
ATOM   1291 H HZ2  . LYS A 1 12 ? -3.870 -4.230 10.290  1.00 0.00 ? 12 LYS A HZ2  5 
ATOM   1292 H HZ3  . LYS A 1 12 ? -2.708 -5.462 10.161  1.00 0.00 ? 12 LYS A HZ3  5 
ATOM   1293 N N    . PHE A 1 13 ? 0.267  -0.913 8.110   1.00 0.00 ? 13 PHE A N    5 
ATOM   1294 C CA   . PHE A 1 13 ? 1.585  -1.095 8.701   1.00 0.00 ? 13 PHE A CA   5 
ATOM   1295 C C    . PHE A 1 13 ? 2.690  -0.688 7.735   1.00 0.00 ? 13 PHE A C    5 
ATOM   1296 O O    . PHE A 1 13 ? 3.122  -1.483 6.904   1.00 0.00 ? 13 PHE A O    5 
ATOM   1297 C CB   . PHE A 1 13 ? 1.783  -2.538 9.148   1.00 0.00 ? 13 PHE A CB   5 
ATOM   1298 C CG   . PHE A 1 13 ? 1.748  -3.512 7.989   1.00 0.00 ? 13 PHE A CG   5 
ATOM   1299 C CD1  . PHE A 1 13 ? 0.527  -4.058 7.573   1.00 0.00 ? 13 PHE A CD1  5 
ATOM   1300 C CD2  . PHE A 1 13 ? 2.937  -3.904 7.356   1.00 0.00 ? 13 PHE A CD2  5 
ATOM   1301 C CE1  . PHE A 1 13 ? 0.494  -4.986 6.527   1.00 0.00 ? 13 PHE A CE1  5 
ATOM   1302 C CE2  . PHE A 1 13 ? 2.902  -4.836 6.314   1.00 0.00 ? 13 PHE A CE2  5 
ATOM   1303 C CZ   . PHE A 1 13 ? 1.682  -5.376 5.898   1.00 0.00 ? 13 PHE A CZ   5 
ATOM   1304 H H    . PHE A 1 13 ? 0.199  -0.580 7.190   1.00 0.00 ? 13 PHE A H    5 
ATOM   1305 H HA   . PHE A 1 13 ? 1.651  -0.461 9.574   1.00 0.00 ? 13 PHE A HA   5 
ATOM   1306 H HB2  . PHE A 1 13 ? 2.729  -2.619 9.644   1.00 0.00 ? 13 PHE A HB2  5 
ATOM   1307 H HB3  . PHE A 1 13 ? 1.003  -2.787 9.836   1.00 0.00 ? 13 PHE A HB3  5 
ATOM   1308 H HD1  . PHE A 1 13 ? -0.390 -3.760 8.055   1.00 0.00 ? 13 PHE A HD1  5 
ATOM   1309 H HD2  . PHE A 1 13 ? 3.880  -3.486 7.671   1.00 0.00 ? 13 PHE A HD2  5 
ATOM   1310 H HE1  . PHE A 1 13 ? -0.448 -5.404 6.207   1.00 0.00 ? 13 PHE A HE1  5 
ATOM   1311 H HE2  . PHE A 1 13 ? 3.819  -5.137 5.829   1.00 0.00 ? 13 PHE A HE2  5 
ATOM   1312 H HZ   . PHE A 1 13 ? 1.656  -6.096 5.094   1.00 0.00 ? 13 PHE A HZ   5 
HETATM 1313 N N    . NH2 A 1 14 ? 3.179  0.520  7.799   1.00 0.00 ? 14 NH2 A N    5 
HETATM 1314 H HN1  . NH2 A 1 14 ? 2.832  1.156  8.462   1.00 0.00 ? 14 NH2 A HN1  5 
HETATM 1315 H HN2  . NH2 A 1 14 ? 3.892  0.792  7.187   1.00 0.00 ? 14 NH2 A HN2  5 
# 
